data_7SZO
#
_entry.id   7SZO
#
_cell.length_a   214.777
_cell.length_b   214.777
_cell.length_c   532.051
_cell.angle_alpha   90.000
_cell.angle_beta   90.000
_cell.angle_gamma   120.000
#
_symmetry.space_group_name_H-M   'H 3 2'
#
loop_
_entity.id
_entity.type
_entity.pdbx_description
1 polymer 'Chaperone protein FimC'
2 polymer 'FimF protein'
3 polymer FimG
4 polymer 'FimH,F1C putative fimbrial adhesin fusion'
5 non-polymer GLYCEROL
6 water water
#
loop_
_entity_poly.entity_id
_entity_poly.type
_entity_poly.pdbx_seq_one_letter_code
_entity_poly.pdbx_strand_id
1 'polypeptide(L)'
;GVALGATRVIYPAGQKQEQLAVTNNDENSTYLIQSWVENADGVKDGRFIVTPPLFAMKGKKENTLRILDATNNQLPQDRE
SLFWMNVKAIPSMDKSKLTENTLQLAIISRIKLYYRPAKLALPPDQAAEKLRFRRSANSLTLINPTPYYLTVTELNAGTR
VLENALVPPMGESTVKLPSDAGSNITYRTINDYGALTPKMTGVME
;
C,I
2 'polypeptide(L)'
;ADSTITIRGYVRDNGCSVAAESTNFTVDLMENAAKQFNNIGATTPVVPFRILLSPCGNAVSAVKVGFTGVADSHNANLLA
LENTVSAAAGLGIQLLNEQQNQIPLNAPSSALSWTTLTPGKPNTLNFYARLMATQVPVTAGHINATATFTLEYQ
;
E,F,K,L
3 'polypeptide(L)'
;ADVTITVNGKVVAKPCTVSTTNATVDLGDLYSFSLMSAGAASAWHDVALELTNCPVGTSRVTASFSGAADSTGYYKNQGT
AQNIQLELQDDSGNTLNTGATKTVQVDDSSQSAHFPLQVRALTVNGGATQGTIQAVISITYTYS
;
G,M
4 'polypeptide(L)'
;FACKTANGTAIPIGGGSANVYVNLAPAVNVGQNLVVDLSTQIFCHNDYPETITDYVTLQRGSAYGGVLSSFSGTVKYNGS
SYPFPTTSETPRVVYNSRTDKPWPVALYLTPVSSAGGVAIKAGSLIAVLILRQTNNYNSDDFQFVWNIYANNDVVVPTGG
CDVSARDVTVTLPDYPGSVPIPLTVRCDQTQSVSYTLSGSVADAGNSIFTNTASFSPAQGVGVQLTRNGTIIPANNTVSL
GAVGTSAVSLGLTANYARTGGQVTAGNVQSIIGVTFVYQ
;
H,N
#
loop_
_chem_comp.id
_chem_comp.type
_chem_comp.name
_chem_comp.formula
GOL non-polymer GLYCEROL 'C3 H8 O3'
#
# COMPACT_ATOMS: atom_id res chain seq x y z
N GLY A 1 -20.87 63.51 14.06
CA GLY A 1 -19.93 63.20 15.20
C GLY A 1 -18.79 62.28 14.77
N VAL A 2 -17.57 62.59 15.21
CA VAL A 2 -16.40 61.77 14.91
C VAL A 2 -15.66 61.35 16.18
N ALA A 3 -15.54 60.03 16.38
CA ALA A 3 -14.92 59.48 17.59
C ALA A 3 -13.77 58.53 17.26
N LEU A 4 -12.85 58.38 18.20
CA LEU A 4 -11.74 57.45 18.06
C LEU A 4 -11.97 56.21 18.92
N GLY A 5 -11.45 55.08 18.44
CA GLY A 5 -11.56 53.82 19.13
C GLY A 5 -10.71 53.72 20.38
N ALA A 6 -9.83 54.68 20.61
CA ALA A 6 -8.99 54.65 21.80
C ALA A 6 -8.53 56.05 22.21
N THR A 7 -8.29 56.21 23.51
CA THR A 7 -7.76 57.47 24.03
C THR A 7 -6.23 57.49 24.05
N ARG A 8 -5.62 56.33 23.80
CA ARG A 8 -4.18 56.26 23.54
C ARG A 8 -3.82 55.03 22.69
N VAL A 9 -2.64 55.06 22.08
CA VAL A 9 -2.12 53.91 21.34
C VAL A 9 -0.74 53.49 21.86
N ILE A 10 -0.58 52.20 22.09
CA ILE A 10 0.72 51.63 22.44
C ILE A 10 1.31 50.99 21.18
N TYR A 11 2.51 51.41 20.82
CA TYR A 11 3.21 50.80 19.70
C TYR A 11 4.44 50.04 20.22
N PRO A 12 4.31 48.72 20.41
CA PRO A 12 5.45 47.96 20.90
C PRO A 12 6.51 47.79 19.81
N ALA A 13 7.78 47.92 20.18
CA ALA A 13 8.88 47.77 19.24
C ALA A 13 8.76 46.46 18.47
N GLY A 14 9.02 46.50 17.17
CA GLY A 14 8.97 45.31 16.35
C GLY A 14 7.63 45.05 15.69
N GLN A 15 6.56 45.62 16.22
CA GLN A 15 5.25 45.48 15.61
C GLN A 15 5.23 46.18 14.26
N LYS A 16 4.50 45.60 13.30
CA LYS A 16 4.47 46.12 11.94
C LYS A 16 3.40 47.19 11.74
N GLN A 17 2.31 47.09 12.49
CA GLN A 17 1.29 48.13 12.48
C GLN A 17 0.45 48.07 13.74
N GLU A 18 -0.21 49.19 14.05
CA GLU A 18 -1.24 49.24 15.06
C GLU A 18 -2.47 49.88 14.45
N GLN A 19 -3.64 49.41 14.85
CA GLN A 19 -4.90 49.89 14.31
C GLN A 19 -5.51 50.97 15.20
N LEU A 20 -6.07 52.00 14.57
CA LEU A 20 -6.93 52.96 15.29
C LEU A 20 -8.24 53.14 14.52
N ALA A 21 -9.36 52.92 15.22
CA ALA A 21 -10.68 53.01 14.60
C ALA A 21 -11.17 54.45 14.57
N VAL A 22 -11.89 54.81 13.52
CA VAL A 22 -12.49 56.13 13.40
C VAL A 22 -13.94 55.93 12.94
N THR A 23 -14.88 56.46 13.73
CA THR A 23 -16.29 56.23 13.49
C THR A 23 -17.08 57.55 13.37
N ASN A 24 -17.98 57.60 12.40
CA ASN A 24 -18.93 58.70 12.27
C ASN A 24 -20.34 58.19 12.57
N ASN A 25 -21.00 58.79 13.55
CA ASN A 25 -22.35 58.36 13.97
C ASN A 25 -23.48 59.26 13.48
N ASP A 26 -23.24 60.00 12.40
CA ASP A 26 -24.20 60.99 11.90
C ASP A 26 -24.49 60.72 10.42
N GLU A 27 -25.72 60.34 10.12
CA GLU A 27 -26.12 59.97 8.76
C GLU A 27 -26.02 61.14 7.77
N ASN A 28 -26.16 62.37 8.27
CA ASN A 28 -26.23 63.57 7.42
C ASN A 28 -24.95 64.42 7.39
N SER A 29 -23.88 63.95 8.04
CA SER A 29 -22.58 64.65 8.00
C SER A 29 -21.59 63.90 7.12
N THR A 30 -20.72 64.65 6.46
CA THR A 30 -19.71 64.09 5.55
C THR A 30 -18.37 64.81 5.73
N TYR A 31 -17.40 64.10 6.30
CA TYR A 31 -16.11 64.69 6.66
C TYR A 31 -14.95 64.25 5.75
N LEU A 32 -13.92 65.11 5.68
CA LEU A 32 -12.58 64.71 5.24
C LEU A 32 -11.82 64.35 6.49
N ILE A 33 -11.33 63.12 6.57
CA ILE A 33 -10.47 62.72 7.69
C ILE A 33 -9.01 62.75 7.27
N GLN A 34 -8.22 63.55 7.97
CA GLN A 34 -6.80 63.71 7.71
C GLN A 34 -6.03 63.35 8.98
N SER A 35 -5.21 62.31 8.92
CA SER A 35 -4.56 61.76 10.11
C SER A 35 -3.03 61.72 9.99
N TRP A 36 -2.34 62.07 11.07
CA TRP A 36 -0.88 62.07 11.10
C TRP A 36 -0.32 61.94 12.52
N VAL A 37 0.99 61.72 12.61
CA VAL A 37 1.68 61.60 13.90
C VAL A 37 2.71 62.71 14.06
N GLU A 38 2.87 63.17 15.29
CA GLU A 38 3.86 64.20 15.64
C GLU A 38 4.71 63.66 16.76
N ASN A 39 5.88 64.27 16.94
CA ASN A 39 6.72 63.96 18.09
C ASN A 39 6.30 64.81 19.28
N ALA A 40 6.94 64.56 20.43
CA ALA A 40 6.67 65.31 21.66
C ALA A 40 6.77 66.84 21.50
N ASP A 41 7.64 67.31 20.60
CA ASP A 41 7.75 68.74 20.28
C ASP A 41 6.67 69.22 19.30
N GLY A 42 5.83 68.31 18.82
CA GLY A 42 4.75 68.68 17.92
C GLY A 42 5.16 68.90 16.47
N VAL A 43 6.29 68.33 16.06
CA VAL A 43 6.75 68.42 14.67
C VAL A 43 6.50 67.10 13.94
N LYS A 44 6.00 67.20 12.70
CA LYS A 44 5.91 66.05 11.80
C LYS A 44 7.32 65.61 11.39
N ASP A 45 7.87 64.64 12.11
CA ASP A 45 9.25 64.21 11.86
C ASP A 45 9.35 63.02 10.90
N GLY A 46 8.33 62.18 10.87
CA GLY A 46 8.26 61.07 9.91
C GLY A 46 8.61 59.71 10.50
N ARG A 47 8.59 59.59 11.82
CA ARG A 47 8.87 58.33 12.49
C ARG A 47 7.77 57.33 12.31
N PHE A 48 6.58 57.82 11.94
CA PHE A 48 5.42 56.96 11.73
C PHE A 48 4.66 57.37 10.49
N ILE A 49 3.96 56.39 9.91
CA ILE A 49 3.10 56.61 8.77
C ILE A 49 1.69 56.26 9.18
N VAL A 50 0.72 57.06 8.76
CA VAL A 50 -0.68 56.68 8.92
C VAL A 50 -1.25 56.40 7.54
N THR A 51 -2.01 55.32 7.44
CA THR A 51 -2.63 54.97 6.18
C THR A 51 -4.07 54.49 6.41
N PRO A 52 -5.04 55.08 5.68
CA PRO A 52 -4.87 56.19 4.74
C PRO A 52 -4.65 57.51 5.47
N PRO A 53 -3.83 58.41 4.88
CA PRO A 53 -3.56 59.71 5.48
C PRO A 53 -4.65 60.74 5.18
N LEU A 54 -5.51 60.44 4.20
CA LEU A 54 -6.60 61.31 3.80
C LEU A 54 -7.71 60.46 3.20
N PHE A 55 -8.92 60.63 3.70
CA PHE A 55 -10.10 59.98 3.12
C PHE A 55 -11.40 60.69 3.51
N ALA A 56 -12.50 60.28 2.87
CA ALA A 56 -13.81 60.90 3.06
C ALA A 56 -14.82 59.96 3.73
N MET A 57 -15.31 60.35 4.91
CA MET A 57 -16.40 59.60 5.56
C MET A 57 -17.76 60.18 5.20
N LYS A 58 -18.51 59.45 4.39
CA LYS A 58 -19.82 59.90 3.94
C LYS A 58 -20.89 59.18 4.75
N GLY A 59 -21.33 59.81 5.83
CA GLY A 59 -22.42 59.28 6.65
C GLY A 59 -21.97 58.36 7.77
N LYS A 60 -22.83 57.40 8.11
CA LYS A 60 -22.63 56.53 9.26
C LYS A 60 -21.71 55.36 8.88
N LYS A 61 -20.40 55.56 9.05
CA LYS A 61 -19.40 54.57 8.65
C LYS A 61 -18.32 54.41 9.71
N GLU A 62 -17.46 53.40 9.51
CA GLU A 62 -16.30 53.18 10.34
C GLU A 62 -15.10 52.81 9.45
N ASN A 63 -13.98 53.48 9.65
CA ASN A 63 -12.78 53.18 8.90
C ASN A 63 -11.61 53.01 9.87
N THR A 64 -10.83 51.95 9.67
CA THR A 64 -9.72 51.64 10.56
C THR A 64 -8.42 52.23 10.03
N LEU A 65 -7.87 53.19 10.74
CA LEU A 65 -6.57 53.74 10.43
C LEU A 65 -5.50 52.76 10.85
N ARG A 66 -4.35 52.81 10.20
CA ARG A 66 -3.22 51.95 10.53
C ARG A 66 -1.94 52.77 10.62
N ILE A 67 -1.31 52.69 11.79
CA ILE A 67 -0.10 53.44 12.11
C ILE A 67 1.08 52.50 11.88
N LEU A 68 2.04 52.91 11.07
CA LEU A 68 3.21 52.08 10.75
C LEU A 68 4.49 52.72 11.27
N ASP A 69 5.36 51.88 11.85
CA ASP A 69 6.68 52.32 12.30
C ASP A 69 7.59 52.65 11.12
N ALA A 70 8.38 53.70 11.27
CA ALA A 70 9.44 54.02 10.31
C ALA A 70 10.71 54.55 11.01
N THR A 71 10.94 54.11 12.25
CA THR A 71 12.05 54.60 13.08
C THR A 71 13.38 53.92 12.73
N ASN A 72 13.33 52.61 12.51
CA ASN A 72 14.52 51.78 12.33
C ASN A 72 15.37 51.73 13.61
N ASN A 73 14.68 51.54 14.74
CA ASN A 73 15.31 51.30 16.06
C ASN A 73 16.16 52.47 16.58
N GLN A 74 15.91 53.68 16.08
CA GLN A 74 16.70 54.85 16.45
C GLN A 74 16.21 55.52 17.73
N LEU A 75 15.07 55.10 18.23
CA LEU A 75 14.54 55.64 19.49
C LEU A 75 15.19 54.91 20.66
N PRO A 76 15.09 55.51 21.87
CA PRO A 76 15.57 54.85 23.07
C PRO A 76 15.01 53.45 23.27
N GLN A 77 15.84 52.55 23.79
CA GLN A 77 15.42 51.16 24.07
C GLN A 77 15.19 50.91 25.56
N ASP A 78 15.50 51.89 26.41
CA ASP A 78 15.37 51.73 27.86
C ASP A 78 14.02 52.22 28.41
N ARG A 79 13.37 53.15 27.70
CA ARG A 79 12.08 53.67 28.15
C ARG A 79 11.14 54.06 27.01
N GLU A 80 9.89 54.41 27.35
CA GLU A 80 8.87 54.80 26.38
C GLU A 80 9.17 56.17 25.77
N SER A 81 8.76 56.35 24.52
CA SER A 81 8.89 57.63 23.84
C SER A 81 7.50 58.16 23.49
N LEU A 82 7.28 59.44 23.75
CA LEU A 82 5.98 60.09 23.54
C LEU A 82 5.81 60.62 22.12
N PHE A 83 4.70 60.21 21.49
CA PHE A 83 4.26 60.80 20.24
C PHE A 83 2.77 61.20 20.33
N TRP A 84 2.30 61.94 19.34
CA TRP A 84 0.91 62.41 19.30
C TRP A 84 0.23 62.03 17.99
N MET A 85 -0.76 61.15 18.08
CA MET A 85 -1.59 60.77 16.94
C MET A 85 -2.68 61.84 16.78
N ASN A 86 -2.86 62.33 15.55
CA ASN A 86 -3.85 63.35 15.27
C ASN A 86 -4.83 62.89 14.18
N VAL A 87 -6.13 63.04 14.44
CA VAL A 87 -7.15 62.76 13.44
C VAL A 87 -8.02 64.00 13.26
N LYS A 88 -7.99 64.58 12.07
CA LYS A 88 -8.68 65.84 11.78
C LYS A 88 -9.92 65.59 10.93
N ALA A 89 -11.09 65.88 11.49
CA ALA A 89 -12.36 65.76 10.76
C ALA A 89 -12.78 67.13 10.21
N ILE A 90 -12.86 67.23 8.89
CA ILE A 90 -13.23 68.49 8.23
C ILE A 90 -14.56 68.32 7.51
N PRO A 91 -15.61 69.04 7.93
CA PRO A 91 -16.90 68.89 7.25
C PRO A 91 -16.87 69.58 5.90
N SER A 92 -17.41 68.91 4.86
CA SER A 92 -17.36 69.43 3.48
C SER A 92 -18.28 70.64 3.29
N GLU A 100 -24.29 82.74 3.39
CA GLU A 100 -24.50 82.07 4.67
C GLU A 100 -23.65 82.65 5.80
N ASN A 101 -22.51 83.28 5.44
CA ASN A 101 -21.60 83.90 6.42
C ASN A 101 -21.43 83.08 7.70
N THR A 102 -20.84 81.89 7.55
CA THR A 102 -20.73 80.93 8.65
C THR A 102 -19.27 80.69 9.03
N LEU A 103 -19.04 80.46 10.33
CA LEU A 103 -17.77 79.95 10.83
C LEU A 103 -17.93 78.45 10.98
N GLN A 104 -17.45 77.70 10.00
CA GLN A 104 -17.51 76.25 10.05
C GLN A 104 -16.24 75.71 10.69
N LEU A 105 -16.37 74.66 11.50
CA LEU A 105 -15.27 74.17 12.33
C LEU A 105 -14.78 72.78 11.93
N ALA A 106 -13.47 72.55 12.12
CA ALA A 106 -12.89 71.23 11.97
C ALA A 106 -12.57 70.69 13.37
N ILE A 107 -12.63 69.36 13.53
CA ILE A 107 -12.29 68.73 14.79
C ILE A 107 -11.02 67.92 14.64
N ILE A 108 -10.04 68.20 15.50
CA ILE A 108 -8.88 67.35 15.66
C ILE A 108 -9.02 66.62 16.97
N SER A 109 -9.20 65.31 16.91
CA SER A 109 -9.11 64.47 18.10
C SER A 109 -7.66 64.02 18.18
N ARG A 110 -7.06 64.17 19.36
CA ARG A 110 -5.61 64.02 19.52
C ARG A 110 -5.30 63.13 20.73
N ILE A 111 -4.69 61.97 20.47
CA ILE A 111 -4.37 61.02 21.52
C ILE A 111 -2.87 60.75 21.61
N LYS A 112 -2.44 60.24 22.77
CA LYS A 112 -1.04 59.90 22.99
C LYS A 112 -0.68 58.63 22.25
N LEU A 113 0.52 58.62 21.66
CA LEU A 113 1.08 57.44 21.02
C LEU A 113 2.40 57.12 21.70
N TYR A 114 2.45 55.98 22.39
CA TYR A 114 3.64 55.57 23.14
C TYR A 114 4.42 54.49 22.40
N TYR A 115 5.68 54.79 22.05
CA TYR A 115 6.56 53.78 21.50
C TYR A 115 7.16 53.03 22.68
N ARG A 116 6.94 51.72 22.73
CA ARG A 116 7.38 50.89 23.86
C ARG A 116 8.44 49.90 23.42
N PRO A 117 9.68 50.06 23.92
CA PRO A 117 10.73 49.09 23.59
C PRO A 117 10.44 47.70 24.14
N ALA A 118 10.99 46.68 23.48
CA ALA A 118 10.85 45.30 23.91
C ALA A 118 11.80 45.03 25.08
N LYS A 119 11.52 43.93 25.78
CA LYS A 119 12.38 43.46 26.89
C LYS A 119 12.63 44.53 27.96
N LEU A 120 11.55 45.15 28.42
CA LEU A 120 11.60 45.98 29.63
C LEU A 120 11.42 45.04 30.82
N ALA A 121 12.07 45.37 31.93
CA ALA A 121 12.02 44.54 33.14
C ALA A 121 10.64 44.60 33.79
N LEU A 122 10.24 45.80 34.17
CA LEU A 122 8.97 46.00 34.88
C LEU A 122 7.78 45.86 33.93
N PRO A 123 6.76 45.07 34.32
CA PRO A 123 5.56 45.01 33.50
C PRO A 123 4.73 46.29 33.58
N PRO A 124 3.86 46.54 32.58
CA PRO A 124 3.10 47.79 32.51
C PRO A 124 2.27 48.06 33.76
N ASP A 125 1.52 47.06 34.20
CA ASP A 125 0.58 47.20 35.33
C ASP A 125 1.25 47.59 36.65
N GLN A 126 2.46 47.11 36.89
CA GLN A 126 3.15 47.37 38.14
C GLN A 126 3.72 48.79 38.25
N ALA A 127 3.75 49.54 37.16
CA ALA A 127 4.30 50.89 37.16
C ALA A 127 3.56 51.85 38.09
N ALA A 128 2.24 51.70 38.18
CA ALA A 128 1.40 52.62 38.96
C ALA A 128 1.87 52.77 40.40
N GLU A 129 2.06 51.66 41.09
CA GLU A 129 2.40 51.67 42.52
C GLU A 129 3.82 52.15 42.83
N LYS A 130 4.68 52.27 41.82
CA LYS A 130 6.06 52.71 42.03
C LYS A 130 6.19 54.23 42.11
N LEU A 131 5.09 54.95 41.87
CA LEU A 131 5.09 56.40 41.89
C LEU A 131 5.34 56.92 43.30
N ARG A 132 6.16 57.97 43.41
CA ARG A 132 6.50 58.55 44.71
C ARG A 132 6.23 60.05 44.74
N PHE A 133 6.48 60.70 45.88
CA PHE A 133 6.14 62.12 46.06
C PHE A 133 7.17 62.92 46.82
N ARG A 134 6.96 64.24 46.85
CA ARG A 134 7.85 65.18 47.52
C ARG A 134 7.08 66.46 47.84
N ARG A 135 6.95 66.78 49.12
CA ARG A 135 6.04 67.83 49.61
C ARG A 135 6.78 69.01 50.25
N SER A 136 7.09 70.02 49.44
CA SER A 136 7.80 71.21 49.91
C SER A 136 7.46 72.45 49.07
N ALA A 137 7.64 73.64 49.67
CA ALA A 137 7.25 74.91 49.04
C ALA A 137 5.73 74.98 48.85
N ASN A 138 5.28 75.67 47.80
CA ASN A 138 3.89 75.57 47.34
C ASN A 138 3.80 74.64 46.12
N SER A 139 4.41 73.47 46.25
CA SER A 139 4.51 72.53 45.12
C SER A 139 4.62 71.07 45.56
N LEU A 140 4.22 70.18 44.66
CA LEU A 140 4.35 68.73 44.85
C LEU A 140 5.03 68.13 43.62
N THR A 141 6.13 67.42 43.84
CA THR A 141 6.84 66.74 42.76
C THR A 141 6.49 65.26 42.73
N LEU A 142 6.19 64.74 41.54
CA LEU A 142 5.90 63.32 41.34
C LEU A 142 7.12 62.65 40.73
N ILE A 143 7.45 61.44 41.21
CA ILE A 143 8.66 60.73 40.78
C ILE A 143 8.30 59.39 40.13
N ASN A 144 8.82 59.15 38.94
CA ASN A 144 8.51 57.95 38.16
C ASN A 144 9.80 57.25 37.73
N PRO A 145 10.19 56.18 38.46
CA PRO A 145 11.39 55.42 38.12
C PRO A 145 11.18 54.39 37.00
N THR A 146 9.92 54.17 36.63
CA THR A 146 9.59 53.14 35.63
C THR A 146 9.84 53.66 34.22
N PRO A 147 9.95 52.76 33.24
CA PRO A 147 10.10 53.16 31.83
C PRO A 147 8.80 53.54 31.12
N TYR A 148 7.70 53.68 31.85
CA TYR A 148 6.40 54.02 31.26
C TYR A 148 5.96 55.42 31.63
N TYR A 149 5.44 56.15 30.65
CA TYR A 149 4.76 57.42 30.92
C TYR A 149 3.53 57.12 31.77
N LEU A 150 3.45 57.76 32.94
CA LEU A 150 2.31 57.58 33.83
C LEU A 150 1.38 58.78 33.76
N THR A 151 0.14 58.56 33.33
CA THR A 151 -0.86 59.63 33.31
C THR A 151 -1.58 59.62 34.65
N VAL A 152 -1.24 60.58 35.50
CA VAL A 152 -1.75 60.62 36.87
C VAL A 152 -2.98 61.52 36.97
N THR A 153 -4.11 60.94 37.37
CA THR A 153 -5.37 61.67 37.47
C THR A 153 -6.01 61.49 38.85
N GLU A 154 -6.95 62.38 39.18
CA GLU A 154 -7.61 62.42 40.49
C GLU A 154 -6.57 62.42 41.61
N LEU A 155 -5.72 63.44 41.61
CA LEU A 155 -4.69 63.61 42.62
C LEU A 155 -5.21 64.51 43.75
N ASN A 156 -5.26 63.96 44.96
CA ASN A 156 -5.85 64.66 46.11
C ASN A 156 -4.85 64.92 47.23
N ALA A 157 -4.93 66.13 47.80
CA ALA A 157 -4.29 66.43 49.07
C ALA A 157 -5.41 66.47 50.12
N GLY A 158 -5.75 65.29 50.65
CA GLY A 158 -6.94 65.13 51.48
C GLY A 158 -8.16 65.00 50.57
N THR A 159 -9.08 65.96 50.68
CA THR A 159 -10.18 66.10 49.70
C THR A 159 -9.97 67.32 48.80
N ARG A 160 -8.85 68.02 49.01
CA ARG A 160 -8.47 69.14 48.15
C ARG A 160 -7.80 68.56 46.89
N VAL A 161 -8.52 68.58 45.77
CA VAL A 161 -8.07 67.98 44.52
C VAL A 161 -7.05 68.88 43.82
N LEU A 162 -6.04 68.26 43.21
CA LEU A 162 -4.96 68.98 42.52
C LEU A 162 -5.05 68.80 41.00
N GLU A 163 -4.14 69.46 40.28
CA GLU A 163 -4.02 69.30 38.82
C GLU A 163 -3.71 67.86 38.41
N ASN A 164 -4.07 67.51 37.18
CA ASN A 164 -3.61 66.28 36.56
C ASN A 164 -2.15 66.46 36.15
N ALA A 165 -1.41 65.36 36.09
CA ALA A 165 0.00 65.39 35.69
C ALA A 165 0.33 64.26 34.74
N LEU A 166 1.41 64.45 33.98
CA LEU A 166 1.93 63.43 33.07
C LEU A 166 3.41 63.24 33.40
N VAL A 167 3.69 62.27 34.26
CA VAL A 167 5.05 62.06 34.76
C VAL A 167 5.85 61.20 33.78
N PRO A 168 6.89 61.78 33.16
CA PRO A 168 7.69 61.03 32.19
C PRO A 168 8.37 59.80 32.80
N PRO A 169 8.81 58.87 31.95
CA PRO A 169 9.54 57.71 32.45
C PRO A 169 10.92 58.14 32.92
N MET A 170 11.39 57.53 34.00
CA MET A 170 12.71 57.85 34.55
CA MET A 170 12.70 57.84 34.58
C MET A 170 12.83 59.34 34.86
N GLY A 171 11.72 59.98 35.23
CA GLY A 171 11.73 61.43 35.41
C GLY A 171 10.78 61.93 36.48
N GLU A 172 10.58 63.25 36.47
CA GLU A 172 9.75 63.92 37.46
C GLU A 172 8.81 64.92 36.81
N SER A 173 7.84 65.38 37.61
CA SER A 173 6.88 66.39 37.17
C SER A 173 6.33 67.10 38.41
N THR A 174 6.32 68.43 38.37
CA THR A 174 5.91 69.26 39.50
C THR A 174 4.54 69.89 39.27
N VAL A 175 3.73 69.99 40.32
CA VAL A 175 2.40 70.61 40.23
C VAL A 175 2.20 71.65 41.33
N LYS A 176 1.09 72.40 41.22
CA LYS A 176 0.71 73.39 42.22
C LYS A 176 0.24 72.69 43.51
N LEU A 177 0.51 73.32 44.66
CA LEU A 177 0.14 72.75 45.96
C LEU A 177 -0.09 73.84 47.03
N PRO A 178 -1.31 73.88 47.61
CA PRO A 178 -1.57 74.67 48.82
C PRO A 178 -1.50 73.84 50.11
N SER A 179 -0.81 74.38 51.13
CA SER A 179 -0.65 73.70 52.43
C SER A 179 -1.95 73.66 53.26
N ASP A 180 -2.89 74.55 52.93
CA ASP A 180 -4.24 74.53 53.53
C ASP A 180 -5.06 73.27 53.19
N ALA A 181 -4.55 72.46 52.26
CA ALA A 181 -5.16 71.18 51.91
C ALA A 181 -4.86 70.12 52.98
N GLY A 182 -5.47 68.94 52.82
CA GLY A 182 -5.34 67.84 53.79
C GLY A 182 -3.99 67.13 53.80
N SER A 183 -3.88 66.13 54.67
CA SER A 183 -2.60 65.45 54.94
C SER A 183 -2.32 64.30 53.97
N ASN A 184 -3.25 63.36 53.88
CA ASN A 184 -3.07 62.14 53.08
C ASN A 184 -3.16 62.41 51.57
N ILE A 185 -2.41 61.63 50.79
CA ILE A 185 -2.39 61.75 49.32
C ILE A 185 -2.91 60.48 48.64
N THR A 186 -3.77 60.66 47.63
CA THR A 186 -4.30 59.54 46.85
C THR A 186 -4.36 59.89 45.36
N TYR A 187 -4.12 58.87 44.51
CA TYR A 187 -4.06 59.07 43.07
C TYR A 187 -4.58 57.86 42.29
N ARG A 188 -4.82 58.06 40.99
CA ARG A 188 -5.13 56.99 40.06
C ARG A 188 -4.40 57.23 38.74
N THR A 189 -4.37 56.23 37.86
CA THR A 189 -3.71 56.36 36.56
C THR A 189 -4.56 55.80 35.43
N ILE A 190 -4.27 56.24 34.20
CA ILE A 190 -4.93 55.72 33.01
C ILE A 190 -4.02 54.68 32.35
N ASN A 191 -4.47 53.43 32.33
CA ASN A 191 -3.68 52.31 31.80
C ASN A 191 -3.68 52.31 30.27
N ASP A 192 -3.19 51.23 29.68
CA ASP A 192 -3.04 51.12 28.23
C ASP A 192 -4.38 51.14 27.47
N TYR A 193 -5.45 50.76 28.14
CA TYR A 193 -6.75 50.62 27.48
C TYR A 193 -7.72 51.74 27.86
N GLY A 194 -7.18 52.80 28.47
CA GLY A 194 -7.97 53.97 28.82
C GLY A 194 -8.73 53.85 30.13
N ALA A 195 -8.54 52.76 30.85
CA ALA A 195 -9.29 52.48 32.09
C ALA A 195 -8.58 53.04 33.31
N LEU A 196 -9.35 53.41 34.33
CA LEU A 196 -8.80 53.90 35.58
C LEU A 196 -8.27 52.74 36.40
N THR A 197 -7.08 52.93 36.99
CA THR A 197 -6.54 51.94 37.91
C THR A 197 -7.12 52.19 39.29
N PRO A 198 -7.10 51.17 40.17
CA PRO A 198 -7.55 51.36 41.55
C PRO A 198 -6.86 52.54 42.25
N LYS A 199 -7.56 53.16 43.19
CA LYS A 199 -7.00 54.25 43.97
C LYS A 199 -5.85 53.73 44.82
N MET A 200 -4.77 54.51 44.90
CA MET A 200 -3.56 54.07 45.60
C MET A 200 -3.11 55.14 46.58
N THR A 201 -2.47 54.69 47.66
CA THR A 201 -2.03 55.59 48.73
C THR A 201 -0.71 56.25 48.36
N GLY A 202 -0.71 57.58 48.37
CA GLY A 202 0.45 58.37 47.97
C GLY A 202 1.57 58.31 48.99
N VAL A 203 2.61 57.55 48.68
CA VAL A 203 3.75 57.38 49.57
C VAL A 203 4.72 58.57 49.44
N MET A 204 4.94 59.28 50.55
CA MET A 204 5.86 60.42 50.60
C MET A 204 7.32 59.99 50.42
N GLU A 205 8.18 60.98 50.17
CA GLU A 205 9.64 60.79 50.08
C GLU A 205 10.04 60.05 48.79
N ALA B 1 -2.23 22.13 10.82
CA ALA B 1 -3.27 21.82 9.78
C ALA B 1 -4.53 21.20 10.40
N ASP B 2 -4.76 21.48 11.69
CA ASP B 2 -5.79 20.78 12.48
C ASP B 2 -7.01 21.65 12.78
N SER B 3 -7.40 22.50 11.82
CA SER B 3 -8.66 23.27 11.87
C SER B 3 -8.80 24.17 13.10
N THR B 4 -7.89 25.13 13.26
CA THR B 4 -7.91 26.03 14.41
C THR B 4 -8.35 27.44 14.01
N ILE B 5 -9.18 28.05 14.84
CA ILE B 5 -9.59 29.44 14.65
C ILE B 5 -9.05 30.29 15.78
N THR B 6 -8.12 31.20 15.45
CA THR B 6 -7.60 32.13 16.44
C THR B 6 -8.42 33.41 16.41
N ILE B 7 -8.87 33.82 17.58
CA ILE B 7 -9.70 35.00 17.74
C ILE B 7 -8.92 36.05 18.52
N ARG B 8 -8.84 37.26 17.98
CA ARG B 8 -8.17 38.36 18.65
C ARG B 8 -8.97 39.65 18.51
N GLY B 9 -8.66 40.59 19.40
CA GLY B 9 -9.30 41.90 19.40
C GLY B 9 -8.97 42.63 20.69
N TYR B 10 -9.63 43.76 20.91
CA TYR B 10 -9.42 44.53 22.13
C TYR B 10 -10.73 44.99 22.74
N VAL B 11 -10.68 45.25 24.04
CA VAL B 11 -11.75 45.94 24.75
C VAL B 11 -11.11 47.10 25.48
N ARG B 12 -11.42 48.32 25.03
CA ARG B 12 -10.85 49.53 25.59
C ARG B 12 -11.95 50.44 26.11
N ASP B 13 -11.54 51.48 26.84
CA ASP B 13 -12.42 52.60 27.14
C ASP B 13 -12.20 53.66 26.08
N ASN B 14 -13.26 53.98 25.34
CA ASN B 14 -13.18 54.95 24.26
C ASN B 14 -13.17 56.38 24.79
N GLY B 15 -12.92 57.31 23.86
CA GLY B 15 -13.09 58.72 24.14
C GLY B 15 -14.53 59.11 23.87
N CYS B 16 -14.71 60.21 23.14
CA CYS B 16 -16.03 60.76 22.87
C CYS B 16 -16.23 60.95 21.38
N SER B 17 -17.48 60.99 20.96
CA SER B 17 -17.82 61.43 19.62
C SER B 17 -17.98 62.93 19.70
N VAL B 18 -17.22 63.65 18.89
CA VAL B 18 -17.19 65.10 18.94
C VAL B 18 -17.95 65.70 17.76
N ALA B 19 -18.92 66.56 18.05
CA ALA B 19 -19.71 67.25 17.04
C ALA B 19 -19.59 68.76 17.23
N ALA B 20 -19.23 69.46 16.16
CA ALA B 20 -19.05 70.91 16.21
C ALA B 20 -20.21 71.62 15.54
N GLU B 21 -20.71 72.67 16.21
CA GLU B 21 -21.79 73.49 15.68
C GLU B 21 -21.19 74.65 14.90
N SER B 22 -21.66 74.84 13.66
CA SER B 22 -21.19 75.94 12.83
C SER B 22 -21.91 77.23 13.21
N THR B 23 -21.15 78.22 13.67
CA THR B 23 -21.71 79.52 14.04
C THR B 23 -22.12 80.30 12.81
N ASN B 24 -23.32 80.89 12.87
CA ASN B 24 -23.86 81.68 11.76
C ASN B 24 -23.91 83.18 12.10
N PHE B 25 -23.68 84.01 11.10
CA PHE B 25 -23.73 85.46 11.25
C PHE B 25 -24.80 86.05 10.33
N THR B 26 -25.62 86.96 10.87
CA THR B 26 -26.73 87.57 10.12
C THR B 26 -26.41 89.02 9.73
N VAL B 27 -25.88 89.78 10.68
CA VAL B 27 -25.39 91.15 10.48
C VAL B 27 -26.19 91.99 9.45
N ASP B 28 -25.76 91.95 8.17
CA ASP B 28 -26.20 92.92 7.15
C ASP B 28 -25.90 94.37 7.59
N LEU B 29 -24.62 94.75 7.49
CA LEU B 29 -24.08 96.01 8.05
C LEU B 29 -24.73 96.43 9.38
N MET B 30 -24.48 95.62 10.41
CA MET B 30 -25.13 95.78 11.73
C MET B 30 -24.52 96.94 12.54
N GLU B 31 -23.47 96.66 13.31
CA GLU B 31 -22.78 97.69 14.10
C GLU B 31 -21.78 98.44 13.22
N ASN B 32 -21.50 97.89 12.04
CA ASN B 32 -20.49 98.43 11.12
C ASN B 32 -20.95 99.72 10.46
N ALA B 33 -22.23 99.77 10.11
CA ALA B 33 -22.85 100.99 9.57
C ALA B 33 -22.99 102.09 10.63
N ALA B 34 -22.50 101.83 11.85
CA ALA B 34 -22.41 102.84 12.90
C ALA B 34 -21.37 102.42 13.96
N LYS B 35 -20.15 102.16 13.51
CA LYS B 35 -19.06 101.68 14.39
C LYS B 35 -18.10 102.83 14.75
N GLN B 36 -16.81 102.68 14.44
CA GLN B 36 -15.79 103.68 14.80
C GLN B 36 -15.78 104.03 16.29
N PHE B 37 -15.97 103.02 17.14
CA PHE B 37 -15.80 103.20 18.59
C PHE B 37 -14.35 102.94 18.92
N ASN B 38 -13.46 103.74 18.32
CA ASN B 38 -12.04 103.44 18.32
C ASN B 38 -11.78 102.16 17.53
N ASN B 39 -10.50 101.79 17.40
CA ASN B 39 -10.15 100.52 16.74
C ASN B 39 -10.56 99.32 17.59
N ILE B 40 -10.53 99.47 18.92
CA ILE B 40 -11.05 98.46 19.84
C ILE B 40 -12.59 98.40 19.74
N GLY B 41 -13.08 97.67 18.74
CA GLY B 41 -14.51 97.59 18.43
C GLY B 41 -15.25 96.73 19.43
N ALA B 42 -14.71 95.54 19.68
CA ALA B 42 -15.22 94.60 20.69
C ALA B 42 -16.74 94.37 20.64
N THR B 43 -17.47 95.12 21.46
CA THR B 43 -18.89 94.86 21.74
C THR B 43 -19.76 94.77 20.47
N THR B 44 -19.76 93.59 19.87
CA THR B 44 -20.66 93.21 18.78
C THR B 44 -21.46 92.00 19.26
N PRO B 45 -22.76 91.91 18.92
CA PRO B 45 -23.60 90.85 19.51
C PRO B 45 -23.03 89.44 19.34
N VAL B 46 -22.71 88.80 20.46
CA VAL B 46 -22.15 87.45 20.45
C VAL B 46 -23.16 86.43 19.91
N VAL B 47 -22.70 85.56 19.02
CA VAL B 47 -23.47 84.37 18.64
C VAL B 47 -22.82 83.19 19.36
N PRO B 48 -23.65 82.34 20.00
CA PRO B 48 -23.09 81.21 20.74
C PRO B 48 -22.96 79.96 19.87
N PHE B 49 -22.10 79.04 20.29
CA PHE B 49 -21.99 77.74 19.65
C PHE B 49 -21.43 76.71 20.62
N ARG B 50 -21.83 75.46 20.43
CA ARG B 50 -21.43 74.38 21.31
C ARG B 50 -20.55 73.37 20.59
N ILE B 51 -19.76 72.65 21.38
CA ILE B 51 -19.12 71.44 20.95
C ILE B 51 -19.67 70.33 21.83
N LEU B 52 -20.31 69.34 21.20
CA LEU B 52 -20.97 68.26 21.92
C LEU B 52 -20.11 67.02 22.00
N LEU B 53 -19.73 66.65 23.21
CA LEU B 53 -19.01 65.41 23.49
C LEU B 53 -20.04 64.37 23.93
N SER B 54 -20.60 63.64 22.98
CA SER B 54 -21.66 62.67 23.25
C SER B 54 -21.78 61.64 22.13
N PRO B 55 -21.78 60.34 22.47
CA PRO B 55 -21.57 59.76 23.79
C PRO B 55 -20.12 59.84 24.23
N CYS B 56 -19.83 59.41 25.45
CA CYS B 56 -18.45 59.37 25.95
C CYS B 56 -18.18 58.08 26.70
N GLY B 57 -16.98 57.54 26.50
CA GLY B 57 -16.55 56.34 27.23
C GLY B 57 -16.35 56.66 28.69
N ASN B 58 -16.16 55.62 29.50
CA ASN B 58 -15.99 55.79 30.94
C ASN B 58 -14.59 56.32 31.30
N ALA B 59 -13.70 56.32 30.32
CA ALA B 59 -12.37 56.91 30.46
C ALA B 59 -12.42 58.41 30.74
N VAL B 60 -12.92 59.18 29.76
CA VAL B 60 -12.76 60.63 29.75
C VAL B 60 -13.21 61.34 31.02
N SER B 61 -12.27 61.97 31.71
CA SER B 61 -12.59 62.87 32.83
C SER B 61 -12.01 64.28 32.65
N ALA B 62 -10.99 64.42 31.79
CA ALA B 62 -10.42 65.74 31.49
C ALA B 62 -9.90 65.76 30.05
N VAL B 63 -10.10 66.89 29.37
CA VAL B 63 -9.62 67.07 28.00
C VAL B 63 -9.03 68.46 27.79
N LYS B 64 -7.96 68.54 27.01
CA LYS B 64 -7.29 69.80 26.72
C LYS B 64 -7.84 70.32 25.40
N VAL B 65 -8.41 71.52 25.42
CA VAL B 65 -9.13 72.05 24.27
C VAL B 65 -8.54 73.37 23.82
N GLY B 66 -8.58 73.62 22.51
CA GLY B 66 -8.01 74.84 21.95
C GLY B 66 -8.50 75.10 20.53
N PHE B 67 -8.27 76.31 20.06
CA PHE B 67 -8.64 76.69 18.70
C PHE B 67 -7.40 77.09 17.92
N THR B 68 -7.37 76.73 16.64
CA THR B 68 -6.28 77.11 15.77
C THR B 68 -6.84 77.57 14.42
N GLY B 69 -6.08 78.42 13.74
CA GLY B 69 -6.46 78.95 12.45
C GLY B 69 -5.59 80.12 12.07
N VAL B 70 -5.94 80.78 10.96
CA VAL B 70 -5.19 81.92 10.45
C VAL B 70 -5.44 83.18 11.28
N ALA B 71 -4.53 83.50 12.20
CA ALA B 71 -4.64 84.68 13.06
C ALA B 71 -4.68 85.99 12.27
N ASP B 72 -5.18 87.05 12.92
CA ASP B 72 -5.35 88.35 12.27
C ASP B 72 -3.99 89.04 12.13
N SER B 73 -3.79 89.73 11.00
CA SER B 73 -2.56 90.47 10.77
C SER B 73 -2.29 91.52 11.85
N HIS B 74 -3.35 92.12 12.38
CA HIS B 74 -3.24 93.19 13.37
C HIS B 74 -3.31 92.67 14.81
N ASN B 75 -4.07 91.60 15.04
CA ASN B 75 -4.17 90.97 16.36
C ASN B 75 -3.86 89.47 16.33
N ALA B 76 -2.92 89.04 17.17
CA ALA B 76 -2.49 87.63 17.25
C ALA B 76 -3.56 86.70 17.81
N ASN B 77 -4.56 87.26 18.51
CA ASN B 77 -5.62 86.47 19.15
C ASN B 77 -6.95 86.43 18.41
N LEU B 78 -7.21 87.41 17.54
CA LEU B 78 -8.40 87.40 16.69
C LEU B 78 -8.18 86.49 15.51
N LEU B 79 -9.24 85.81 15.06
CA LEU B 79 -9.17 84.98 13.89
C LEU B 79 -9.38 85.86 12.67
N ALA B 80 -8.59 85.63 11.63
CA ALA B 80 -8.76 86.38 10.39
C ALA B 80 -10.01 85.88 9.66
N LEU B 81 -10.75 86.82 9.07
CA LEU B 81 -11.93 86.49 8.26
C LEU B 81 -11.41 85.87 6.97
N GLU B 82 -12.31 85.62 6.03
CA GLU B 82 -11.87 85.35 4.65
C GLU B 82 -11.39 86.64 4.01
N ASN B 83 -10.32 86.54 3.23
CA ASN B 83 -9.76 87.69 2.54
C ASN B 83 -9.95 87.59 1.03
N THR B 84 -11.19 87.38 0.61
CA THR B 84 -11.55 87.46 -0.82
C THR B 84 -12.10 88.86 -1.11
N VAL B 85 -12.30 89.14 -2.40
CA VAL B 85 -12.79 90.45 -2.84
C VAL B 85 -14.21 90.75 -2.32
N SER B 86 -15.02 89.71 -2.13
CA SER B 86 -16.41 89.85 -1.67
C SER B 86 -16.53 89.82 -0.14
N ALA B 87 -15.51 90.33 0.56
CA ALA B 87 -15.41 90.21 2.01
C ALA B 87 -15.32 91.58 2.68
N ALA B 88 -15.60 91.60 3.99
CA ALA B 88 -15.45 92.81 4.80
C ALA B 88 -13.98 93.02 5.14
N ALA B 89 -13.64 94.24 5.53
CA ALA B 89 -12.29 94.57 5.97
C ALA B 89 -12.31 95.06 7.42
N GLY B 90 -11.13 95.29 7.99
CA GLY B 90 -11.00 95.85 9.34
C GLY B 90 -11.78 95.10 10.40
N LEU B 91 -11.84 93.78 10.28
CA LEU B 91 -12.55 92.94 11.25
C LEU B 91 -11.84 91.59 11.47
N GLY B 92 -11.84 91.13 12.72
CA GLY B 92 -11.33 89.81 13.07
C GLY B 92 -12.29 89.11 14.03
N ILE B 93 -12.70 87.90 13.70
CA ILE B 93 -13.61 87.14 14.55
C ILE B 93 -12.90 86.79 15.85
N GLN B 94 -13.53 87.12 16.97
CA GLN B 94 -12.98 86.77 18.28
C GLN B 94 -13.69 85.53 18.80
N LEU B 95 -12.95 84.71 19.53
CA LEU B 95 -13.52 83.54 20.18
C LEU B 95 -13.44 83.76 21.68
N LEU B 96 -14.59 83.65 22.34
CA LEU B 96 -14.71 83.87 23.77
C LEU B 96 -15.27 82.63 24.45
N ASN B 97 -14.67 82.25 25.57
CA ASN B 97 -15.11 81.07 26.30
C ASN B 97 -16.41 81.33 27.06
N GLU B 98 -16.86 80.35 27.84
CA GLU B 98 -18.12 80.45 28.58
C GLU B 98 -18.19 81.69 29.47
N GLN B 99 -17.07 82.07 30.08
CA GLN B 99 -17.01 83.22 30.99
C GLN B 99 -16.67 84.52 30.24
N GLN B 100 -17.05 84.58 28.97
CA GLN B 100 -16.75 85.71 28.06
C GLN B 100 -15.35 86.32 28.20
N ASN B 101 -14.33 85.47 28.35
CA ASN B 101 -12.92 85.87 28.24
C ASN B 101 -12.40 85.39 26.90
N GLN B 102 -11.39 86.08 26.36
CA GLN B 102 -10.85 85.75 25.05
C GLN B 102 -10.07 84.44 25.05
N ILE B 103 -10.29 83.65 24.01
CA ILE B 103 -9.57 82.39 23.82
C ILE B 103 -8.26 82.69 23.08
N PRO B 104 -7.11 82.30 23.66
CA PRO B 104 -5.85 82.48 22.95
C PRO B 104 -5.77 81.63 21.68
N LEU B 105 -5.96 82.26 20.53
CA LEU B 105 -5.87 81.57 19.24
C LEU B 105 -4.46 81.00 19.02
N ASN B 106 -4.40 79.81 18.42
CA ASN B 106 -3.13 79.13 18.13
C ASN B 106 -2.21 78.99 19.35
N ALA B 107 -2.78 78.69 20.52
CA ALA B 107 -2.00 78.56 21.74
C ALA B 107 -1.34 77.18 21.84
N PRO B 108 -0.16 77.10 22.51
CA PRO B 108 0.49 75.81 22.73
C PRO B 108 -0.15 74.97 23.83
N SER B 109 -0.01 73.65 23.74
CA SER B 109 -0.57 72.70 24.72
C SER B 109 -0.16 73.00 26.17
N SER B 110 1.07 73.48 26.37
CA SER B 110 1.55 73.87 27.69
C SER B 110 0.72 75.03 28.26
N ALA B 111 0.25 75.91 27.38
CA ALA B 111 -0.55 77.08 27.77
C ALA B 111 -1.99 76.72 28.16
N LEU B 112 -2.53 75.68 27.52
CA LEU B 112 -3.92 75.29 27.74
C LEU B 112 -4.13 74.59 29.08
N SER B 113 -5.37 74.60 29.54
CA SER B 113 -5.75 73.95 30.78
C SER B 113 -6.66 72.76 30.51
N TRP B 114 -6.90 71.98 31.57
CA TRP B 114 -7.82 70.87 31.52
C TRP B 114 -9.28 71.30 31.76
N THR B 115 -10.13 71.07 30.77
CA THR B 115 -11.58 71.14 30.96
C THR B 115 -12.03 69.78 31.50
N THR B 116 -12.50 69.76 32.75
CA THR B 116 -12.96 68.50 33.37
C THR B 116 -14.34 68.11 32.83
N LEU B 117 -14.55 66.81 32.65
CA LEU B 117 -15.76 66.29 32.05
C LEU B 117 -16.42 65.28 32.97
N THR B 118 -17.69 65.00 32.74
CA THR B 118 -18.41 64.00 33.49
C THR B 118 -18.26 62.65 32.80
N PRO B 119 -17.57 61.69 33.43
CA PRO B 119 -17.35 60.39 32.78
C PRO B 119 -18.66 59.66 32.49
N GLY B 120 -18.74 59.02 31.33
CA GLY B 120 -19.92 58.25 30.93
C GLY B 120 -21.01 59.11 30.33
N LYS B 121 -21.38 60.18 31.03
CA LYS B 121 -22.43 61.10 30.60
C LYS B 121 -21.96 61.94 29.41
N PRO B 122 -22.90 62.54 28.66
CA PRO B 122 -22.56 63.50 27.60
C PRO B 122 -22.19 64.87 28.16
N ASN B 123 -21.23 65.54 27.51
CA ASN B 123 -20.71 66.82 27.96
C ASN B 123 -20.82 67.88 26.88
N THR B 124 -21.28 69.08 27.26
CA THR B 124 -21.44 70.20 26.33
C THR B 124 -20.42 71.28 26.67
N LEU B 125 -19.71 71.75 25.65
CA LEU B 125 -18.76 72.85 25.80
C LEU B 125 -19.28 74.06 25.05
N ASN B 126 -19.41 75.19 25.75
CA ASN B 126 -20.04 76.39 25.20
C ASN B 126 -19.03 77.50 24.92
N PHE B 127 -19.18 78.13 23.76
CA PHE B 127 -18.31 79.23 23.34
C PHE B 127 -19.14 80.30 22.66
N TYR B 128 -18.57 81.50 22.55
CA TYR B 128 -19.22 82.60 21.83
C TYR B 128 -18.29 83.14 20.76
N ALA B 129 -18.87 83.66 19.69
CA ALA B 129 -18.10 84.18 18.55
C ALA B 129 -18.64 85.53 18.09
N ARG B 130 -18.01 86.61 18.56
CA ARG B 130 -18.34 87.97 18.08
C ARG B 130 -17.28 88.49 17.12
N LEU B 131 -17.63 89.56 16.41
CA LEU B 131 -16.71 90.28 15.54
C LEU B 131 -16.11 91.48 16.30
N MET B 132 -14.83 91.74 16.06
CA MET B 132 -14.13 92.85 16.69
C MET B 132 -13.35 93.60 15.62
N ALA B 133 -13.35 94.93 15.72
CA ALA B 133 -12.66 95.76 14.74
C ALA B 133 -11.16 95.75 15.00
N THR B 134 -10.39 95.66 13.92
CA THR B 134 -8.93 95.85 13.98
C THR B 134 -8.51 97.12 13.22
N GLN B 135 -9.48 97.75 12.55
CA GLN B 135 -9.27 99.01 11.82
C GLN B 135 -10.51 99.91 11.87
N VAL B 136 -10.35 101.11 11.32
CA VAL B 136 -11.45 102.04 11.10
C VAL B 136 -11.18 102.84 9.82
N PRO B 137 -12.12 102.81 8.86
CA PRO B 137 -13.44 102.15 8.92
C PRO B 137 -13.41 100.65 8.61
N VAL B 138 -14.53 99.99 8.86
CA VAL B 138 -14.82 98.66 8.34
C VAL B 138 -15.54 98.90 7.01
N THR B 139 -15.81 97.84 6.24
CA THR B 139 -16.54 97.99 4.98
C THR B 139 -17.54 96.86 4.72
N ALA B 140 -18.38 97.06 3.71
CA ALA B 140 -19.41 96.09 3.32
C ALA B 140 -18.78 94.90 2.60
N GLY B 141 -19.20 93.69 2.98
CA GLY B 141 -18.68 92.45 2.42
C GLY B 141 -18.97 91.25 3.31
N HIS B 142 -18.78 90.04 2.77
CA HIS B 142 -19.13 88.81 3.50
C HIS B 142 -18.23 88.51 4.70
N ILE B 143 -18.76 87.72 5.62
CA ILE B 143 -18.02 87.25 6.79
C ILE B 143 -18.12 85.72 6.88
N ASN B 144 -17.33 85.04 6.03
CA ASN B 144 -17.14 83.60 6.12
C ASN B 144 -15.77 83.34 6.74
N ALA B 145 -15.65 82.19 7.40
CA ALA B 145 -14.41 81.81 8.06
C ALA B 145 -14.33 80.31 8.26
N THR B 146 -13.20 79.86 8.77
CA THR B 146 -12.98 78.46 9.03
C THR B 146 -11.86 78.33 10.06
N ALA B 147 -12.07 77.47 11.06
CA ALA B 147 -11.08 77.24 12.10
C ALA B 147 -11.14 75.80 12.60
N THR B 148 -10.18 75.44 13.44
CA THR B 148 -10.03 74.06 13.89
C THR B 148 -10.07 73.98 15.41
N PHE B 149 -11.00 73.17 15.91
CA PHE B 149 -11.09 72.90 17.34
C PHE B 149 -10.28 71.65 17.65
N THR B 150 -9.40 71.74 18.64
CA THR B 150 -8.51 70.65 18.99
C THR B 150 -8.87 70.08 20.35
N LEU B 151 -9.10 68.77 20.37
CA LEU B 151 -9.45 68.06 21.58
C LEU B 151 -8.36 67.03 21.88
N GLU B 152 -7.53 67.32 22.88
CA GLU B 152 -6.46 66.40 23.31
C GLU B 152 -6.92 65.59 24.51
N TYR B 153 -7.03 64.28 24.34
CA TYR B 153 -7.45 63.40 25.44
C TYR B 153 -6.33 63.22 26.45
N GLN B 154 -6.72 63.03 27.70
CA GLN B 154 -5.78 62.74 28.76
C GLN B 154 -5.39 61.25 28.68
N ALA C 1 -18.82 -22.77 -10.72
CA ALA C 1 -19.24 -22.88 -12.15
C ALA C 1 -20.74 -23.12 -12.28
N ASP C 2 -21.31 -23.93 -11.37
CA ASP C 2 -22.74 -24.24 -11.41
C ASP C 2 -23.62 -23.20 -10.71
N SER C 3 -23.01 -22.36 -9.88
CA SER C 3 -23.76 -21.31 -9.17
C SER C 3 -22.82 -20.14 -8.85
N THR C 4 -23.36 -18.91 -8.90
CA THR C 4 -22.53 -17.71 -8.79
C THR C 4 -23.21 -16.55 -8.05
N ILE C 5 -22.45 -15.89 -7.18
CA ILE C 5 -22.91 -14.67 -6.49
C ILE C 5 -22.20 -13.46 -7.10
N THR C 6 -22.97 -12.54 -7.69
CA THR C 6 -22.43 -11.32 -8.29
C THR C 6 -22.81 -10.08 -7.45
N ILE C 7 -21.79 -9.42 -6.89
CA ILE C 7 -21.99 -8.29 -6.00
C ILE C 7 -21.79 -6.97 -6.75
N ARG C 8 -22.74 -6.05 -6.58
CA ARG C 8 -22.66 -4.71 -7.17
C ARG C 8 -22.71 -3.64 -6.09
N GLY C 9 -22.23 -2.45 -6.45
CA GLY C 9 -22.27 -1.30 -5.56
C GLY C 9 -21.38 -0.15 -6.01
N TYR C 10 -21.51 0.98 -5.31
CA TYR C 10 -20.66 2.14 -5.52
C TYR C 10 -20.23 2.71 -4.17
N VAL C 11 -19.00 3.20 -4.11
CA VAL C 11 -18.54 4.03 -3.01
C VAL C 11 -18.61 5.48 -3.49
N ARG C 12 -19.43 6.28 -2.81
CA ARG C 12 -19.66 7.68 -3.18
C ARG C 12 -18.93 8.62 -2.23
N ASP C 13 -18.42 9.73 -2.79
CA ASP C 13 -17.81 10.80 -2.00
C ASP C 13 -18.93 11.70 -1.48
N ASN C 14 -19.17 11.63 -0.16
CA ASN C 14 -20.24 12.41 0.47
C ASN C 14 -19.71 13.56 1.33
N GLY C 15 -18.44 13.94 1.12
CA GLY C 15 -17.83 15.02 1.89
C GLY C 15 -16.94 15.97 1.09
N CYS C 16 -16.21 16.81 1.83
CA CYS C 16 -15.37 17.85 1.25
C CYS C 16 -14.06 17.98 1.99
N SER C 17 -13.10 18.62 1.34
CA SER C 17 -11.87 19.04 1.99
C SER C 17 -11.99 20.50 2.41
N VAL C 18 -11.50 20.81 3.61
CA VAL C 18 -11.31 22.19 4.04
C VAL C 18 -10.32 22.84 3.08
N ALA C 19 -10.69 23.97 2.48
CA ALA C 19 -9.81 24.67 1.55
C ALA C 19 -8.56 25.19 2.27
N ALA C 20 -7.49 25.41 1.50
CA ALA C 20 -6.20 25.85 2.06
C ALA C 20 -6.36 27.11 2.91
N GLU C 21 -7.11 28.08 2.38
CA GLU C 21 -7.50 29.27 3.14
C GLU C 21 -7.87 28.98 4.58
N SER C 22 -8.74 27.97 4.75
CA SER C 22 -9.49 27.76 5.98
C SER C 22 -8.92 26.70 6.93
N THR C 23 -7.88 26.00 6.52
CA THR C 23 -7.27 24.99 7.39
C THR C 23 -6.96 25.58 8.76
N ASN C 24 -6.46 26.80 8.75
CA ASN C 24 -6.26 27.59 9.97
C ASN C 24 -6.39 29.06 9.62
N PHE C 25 -7.25 29.79 10.34
CA PHE C 25 -7.43 31.21 10.07
C PHE C 25 -7.66 32.00 11.35
N THR C 26 -7.68 33.33 11.21
CA THR C 26 -7.88 34.23 12.32
C THR C 26 -9.13 35.09 12.12
N VAL C 27 -9.80 35.42 13.23
CA VAL C 27 -10.93 36.33 13.23
C VAL C 27 -10.59 37.53 14.11
N ASP C 28 -10.65 38.72 13.53
CA ASP C 28 -10.33 39.96 14.25
C ASP C 28 -11.63 40.66 14.68
N LEU C 29 -11.89 40.64 15.99
CA LEU C 29 -13.06 41.31 16.56
C LEU C 29 -12.80 42.81 16.73
N MET C 30 -11.53 43.21 16.62
CA MET C 30 -11.13 44.62 16.59
C MET C 30 -11.40 45.29 17.93
N GLU C 31 -11.52 46.62 17.92
CA GLU C 31 -11.73 47.40 19.13
C GLU C 31 -13.21 47.36 19.55
N ASN C 32 -13.45 47.28 20.85
CA ASN C 32 -14.80 47.24 21.39
C ASN C 32 -14.88 48.09 22.65
N ALA C 33 -15.77 49.09 22.65
CA ALA C 33 -15.92 49.99 23.80
C ALA C 33 -16.47 49.25 25.02
N ALA C 34 -15.97 49.61 26.19
CA ALA C 34 -16.34 48.94 27.44
C ALA C 34 -17.72 49.35 27.95
N LYS C 35 -18.13 50.58 27.64
CA LYS C 35 -19.39 51.12 28.16
C LYS C 35 -20.64 50.40 27.62
N GLN C 36 -20.53 49.80 26.44
CA GLN C 36 -21.69 49.13 25.79
C GLN C 36 -22.17 47.84 26.49
N PHE C 37 -21.42 47.37 27.49
CA PHE C 37 -21.79 46.16 28.23
C PHE C 37 -22.73 46.45 29.38
N ASN C 38 -23.99 46.71 29.02
CA ASN C 38 -25.08 46.98 29.96
C ASN C 38 -25.68 45.67 30.44
N ASN C 39 -25.19 45.18 31.58
CA ASN C 39 -25.66 43.93 32.20
C ASN C 39 -25.30 42.66 31.43
N ILE C 40 -25.23 41.55 32.16
CA ILE C 40 -24.91 40.23 31.62
C ILE C 40 -25.81 39.92 30.42
N GLY C 41 -25.21 39.35 29.38
CA GLY C 41 -25.93 39.02 28.15
C GLY C 41 -25.85 40.09 27.08
N ALA C 42 -25.24 41.24 27.42
CA ALA C 42 -25.04 42.31 26.44
C ALA C 42 -24.00 41.88 25.42
N THR C 43 -24.29 42.13 24.14
CA THR C 43 -23.43 41.65 23.06
C THR C 43 -22.98 42.75 22.11
N THR C 44 -21.72 42.68 21.68
CA THR C 44 -21.16 43.57 20.67
C THR C 44 -21.72 43.20 19.29
N PRO C 45 -21.47 44.04 18.27
CA PRO C 45 -21.97 43.70 16.93
C PRO C 45 -21.31 42.45 16.34
N VAL C 46 -21.99 41.88 15.35
CA VAL C 46 -21.53 40.63 14.73
C VAL C 46 -20.37 40.88 13.76
N VAL C 47 -19.30 40.10 13.93
CA VAL C 47 -18.17 40.10 13.02
C VAL C 47 -18.25 38.81 12.22
N PRO C 48 -18.40 38.91 10.88
CA PRO C 48 -18.56 37.70 10.09
C PRO C 48 -17.22 37.03 9.77
N PHE C 49 -17.20 35.71 9.89
CA PHE C 49 -16.10 34.90 9.35
C PHE C 49 -16.71 33.75 8.56
N ARG C 50 -15.87 32.95 7.91
CA ARG C 50 -16.36 31.83 7.12
C ARG C 50 -15.35 30.71 7.01
N ILE C 51 -15.82 29.57 6.49
CA ILE C 51 -15.01 28.41 6.22
C ILE C 51 -15.30 27.96 4.81
N LEU C 52 -14.26 27.76 4.02
CA LEU C 52 -14.42 27.35 2.63
C LEU C 52 -14.12 25.86 2.49
N LEU C 53 -14.95 25.19 1.71
CA LEU C 53 -14.82 23.76 1.49
C LEU C 53 -14.59 23.51 0.01
N SER C 54 -13.43 22.94 -0.32
CA SER C 54 -13.13 22.54 -1.69
C SER C 54 -11.92 21.61 -1.71
N PRO C 55 -11.97 20.55 -2.53
CA PRO C 55 -13.07 20.19 -3.41
C PRO C 55 -14.17 19.47 -2.63
N CYS C 56 -15.26 19.16 -3.32
CA CYS C 56 -16.44 18.58 -2.67
C CYS C 56 -17.01 17.41 -3.47
N GLY C 57 -17.30 16.32 -2.75
CA GLY C 57 -17.80 15.09 -3.36
C GLY C 57 -19.11 15.29 -4.11
N ASN C 58 -19.28 14.55 -5.19
CA ASN C 58 -20.47 14.68 -6.04
C ASN C 58 -21.72 14.06 -5.42
N ALA C 59 -21.61 13.62 -4.17
CA ALA C 59 -22.74 13.05 -3.43
C ALA C 59 -22.81 13.54 -1.98
N VAL C 60 -22.32 14.76 -1.73
CA VAL C 60 -22.45 15.39 -0.40
C VAL C 60 -23.84 16.00 -0.28
N SER C 61 -24.37 16.01 0.94
CA SER C 61 -25.67 16.63 1.19
C SER C 61 -25.60 17.75 2.24
N ALA C 62 -24.94 17.48 3.38
CA ALA C 62 -24.91 18.44 4.48
C ALA C 62 -23.75 18.24 5.45
N VAL C 63 -23.50 19.24 6.29
CA VAL C 63 -22.47 19.18 7.32
C VAL C 63 -23.00 19.63 8.67
N LYS C 64 -22.44 19.06 9.74
CA LYS C 64 -22.69 19.53 11.09
C LYS C 64 -21.43 20.21 11.61
N VAL C 65 -21.42 21.53 11.58
CA VAL C 65 -20.26 22.31 12.00
C VAL C 65 -20.32 22.59 13.50
N GLY C 66 -19.32 22.11 14.23
CA GLY C 66 -19.23 22.34 15.67
C GLY C 66 -17.94 23.06 16.01
N PHE C 67 -17.91 23.67 17.19
CA PHE C 67 -16.75 24.39 17.68
C PHE C 67 -16.41 23.93 19.09
N THR C 68 -15.17 23.50 19.29
CA THR C 68 -14.73 23.01 20.60
C THR C 68 -13.63 23.91 21.16
N GLY C 69 -13.37 23.81 22.45
CA GLY C 69 -12.34 24.61 23.11
C GLY C 69 -12.69 24.91 24.55
N VAL C 70 -11.72 25.46 25.29
CA VAL C 70 -11.92 25.78 26.70
C VAL C 70 -13.04 26.81 26.86
N ALA C 71 -14.07 26.44 27.61
CA ALA C 71 -15.25 27.29 27.77
C ALA C 71 -15.07 28.29 28.91
N ASP C 72 -15.82 29.37 28.84
CA ASP C 72 -15.82 30.39 29.89
C ASP C 72 -16.45 29.81 31.15
N SER C 73 -15.83 30.07 32.29
CA SER C 73 -16.26 29.48 33.56
C SER C 73 -17.62 29.98 34.05
N HIS C 74 -18.09 31.12 33.52
CA HIS C 74 -19.39 31.67 33.91
C HIS C 74 -20.50 31.33 32.90
N ASN C 75 -20.14 31.08 31.65
CA ASN C 75 -21.08 30.60 30.64
C ASN C 75 -20.40 29.57 29.72
N ALA C 76 -20.90 28.34 29.74
CA ALA C 76 -20.30 27.22 29.00
C ALA C 76 -20.58 27.27 27.50
N ASN C 77 -21.54 28.12 27.07
CA ASN C 77 -21.82 28.31 25.64
C ASN C 77 -20.82 29.25 24.96
N LEU C 78 -19.91 29.84 25.74
CA LEU C 78 -18.96 30.83 25.24
C LEU C 78 -17.52 30.30 25.27
N LEU C 79 -16.69 30.87 24.42
CA LEU C 79 -15.27 30.53 24.37
C LEU C 79 -14.50 31.42 25.35
N ALA C 80 -13.65 30.80 26.17
CA ALA C 80 -12.93 31.50 27.24
C ALA C 80 -11.83 32.38 26.67
N LEU C 81 -11.83 33.65 27.09
CA LEU C 81 -10.69 34.53 26.83
C LEU C 81 -9.56 34.08 27.73
N GLU C 82 -8.34 34.10 27.20
CA GLU C 82 -7.19 33.65 27.97
C GLU C 82 -6.98 34.54 29.19
N ASN C 83 -6.65 33.88 30.30
CA ASN C 83 -6.59 34.53 31.60
C ASN C 83 -5.14 34.92 31.93
N THR C 84 -4.70 36.04 31.35
CA THR C 84 -3.42 36.65 31.73
C THR C 84 -3.71 38.01 32.36
N VAL C 85 -2.67 38.68 32.85
CA VAL C 85 -2.85 39.95 33.55
C VAL C 85 -3.41 41.07 32.65
N SER C 86 -3.03 41.05 31.37
CA SER C 86 -3.48 42.05 30.39
C SER C 86 -4.92 41.81 29.94
N ALA C 87 -5.36 40.56 29.98
CA ALA C 87 -6.59 40.15 29.31
C ALA C 87 -7.84 40.79 29.89
N ALA C 88 -8.84 40.99 29.03
CA ALA C 88 -10.12 41.54 29.44
C ALA C 88 -10.95 40.46 30.11
N ALA C 89 -11.37 40.72 31.35
CA ALA C 89 -12.19 39.78 32.12
C ALA C 89 -13.67 40.16 32.02
N GLY C 90 -14.55 39.22 32.38
CA GLY C 90 -15.98 39.45 32.34
C GLY C 90 -16.58 39.47 30.93
N LEU C 91 -15.95 38.73 30.03
CA LEU C 91 -16.42 38.63 28.64
C LEU C 91 -16.23 37.21 28.12
N GLY C 92 -17.05 36.84 27.16
CA GLY C 92 -16.92 35.55 26.49
C GLY C 92 -17.22 35.68 25.02
N ILE C 93 -16.54 34.89 24.20
CA ILE C 93 -16.74 34.93 22.76
C ILE C 93 -17.87 33.99 22.39
N GLN C 94 -18.93 34.54 21.80
CA GLN C 94 -20.05 33.75 21.33
C GLN C 94 -19.89 33.52 19.83
N LEU C 95 -20.34 32.37 19.36
CA LEU C 95 -20.29 32.02 17.94
C LEU C 95 -21.70 31.77 17.42
N LEU C 96 -21.96 32.16 16.18
CA LEU C 96 -23.31 32.12 15.61
C LEU C 96 -23.31 31.58 14.19
N ASN C 97 -24.40 30.94 13.79
CA ASN C 97 -24.56 30.42 12.42
C ASN C 97 -24.92 31.52 11.43
N GLU C 98 -25.28 31.15 10.20
CA GLU C 98 -25.61 32.12 9.16
C GLU C 98 -26.85 32.95 9.51
N GLN C 99 -27.83 32.33 10.17
CA GLN C 99 -29.04 33.03 10.63
C GLN C 99 -28.85 33.67 12.03
N GLN C 100 -27.60 33.78 12.47
CA GLN C 100 -27.23 34.52 13.67
C GLN C 100 -27.79 33.93 14.96
N ASN C 101 -27.95 32.61 15.01
CA ASN C 101 -28.41 31.93 16.22
C ASN C 101 -27.29 31.12 16.85
N GLN C 102 -27.28 31.06 18.18
CA GLN C 102 -26.14 30.55 18.93
C GLN C 102 -25.78 29.10 18.59
N ILE C 103 -24.50 28.88 18.29
CA ILE C 103 -23.94 27.55 18.14
C ILE C 103 -23.13 27.29 19.40
N PRO C 104 -23.64 26.44 20.31
CA PRO C 104 -22.95 26.23 21.59
C PRO C 104 -21.54 25.69 21.46
N LEU C 105 -20.64 26.16 22.30
CA LEU C 105 -19.30 25.61 22.37
C LEU C 105 -19.39 24.20 22.94
N ASN C 106 -18.61 23.27 22.37
CA ASN C 106 -18.55 21.89 22.82
C ASN C 106 -19.86 21.10 22.69
N ALA C 107 -20.79 21.60 21.86
CA ALA C 107 -22.09 20.96 21.70
C ALA C 107 -21.94 19.58 21.04
N PRO C 108 -22.74 18.59 21.48
CA PRO C 108 -22.73 17.27 20.83
C PRO C 108 -23.49 17.27 19.49
N SER C 109 -23.29 16.24 18.69
CA SER C 109 -23.90 16.14 17.35
C SER C 109 -25.41 16.42 17.38
N SER C 110 -26.08 15.87 18.39
CA SER C 110 -27.53 16.01 18.55
C SER C 110 -27.99 17.47 18.64
N ALA C 111 -27.21 18.30 19.35
CA ALA C 111 -27.55 19.71 19.55
C ALA C 111 -27.41 20.53 18.26
N LEU C 112 -26.42 20.22 17.45
CA LEU C 112 -26.14 20.95 16.21
C LEU C 112 -27.09 20.49 15.12
N SER C 113 -27.66 21.44 14.37
CA SER C 113 -28.49 21.11 13.22
C SER C 113 -27.60 20.93 11.99
N TRP C 114 -28.16 20.37 10.93
CA TRP C 114 -27.42 20.17 9.68
C TRP C 114 -27.31 21.50 8.92
N THR C 115 -26.37 21.53 7.97
CA THR C 115 -26.18 22.67 7.09
C THR C 115 -26.10 22.17 5.65
N THR C 116 -27.17 22.44 4.89
CA THR C 116 -27.28 21.96 3.50
C THR C 116 -26.10 22.42 2.64
N LEU C 117 -25.72 21.58 1.66
CA LEU C 117 -24.58 21.83 0.77
C LEU C 117 -24.87 21.50 -0.69
N THR C 118 -24.19 22.23 -1.58
CA THR C 118 -24.26 21.95 -3.02
C THR C 118 -23.33 20.78 -3.36
N PRO C 119 -23.84 19.76 -4.06
CA PRO C 119 -22.97 18.63 -4.40
C PRO C 119 -22.05 18.91 -5.58
N GLY C 120 -20.86 18.32 -5.54
CA GLY C 120 -19.90 18.40 -6.65
C GLY C 120 -19.35 19.79 -6.92
N LYS C 121 -19.54 20.70 -5.98
CA LYS C 121 -19.21 22.11 -6.16
C LYS C 121 -18.62 22.68 -4.87
N PRO C 122 -17.71 23.67 -4.99
CA PRO C 122 -17.17 24.33 -3.81
C PRO C 122 -18.27 24.96 -2.95
N ASN C 123 -18.07 24.96 -1.64
CA ASN C 123 -19.08 25.45 -0.71
C ASN C 123 -18.50 26.40 0.33
N THR C 124 -19.35 27.31 0.81
CA THR C 124 -18.98 28.32 1.79
C THR C 124 -19.88 28.26 3.01
N LEU C 125 -19.28 28.07 4.18
CA LEU C 125 -20.00 28.01 5.43
C LEU C 125 -19.84 29.34 6.16
N ASN C 126 -20.93 30.11 6.22
CA ASN C 126 -20.89 31.46 6.77
C ASN C 126 -21.25 31.48 8.24
N PHE C 127 -20.60 32.35 9.00
CA PHE C 127 -20.78 32.43 10.45
C PHE C 127 -20.66 33.86 10.93
N TYR C 128 -20.86 34.04 12.23
CA TYR C 128 -20.58 35.31 12.90
C TYR C 128 -19.96 35.02 14.26
N ALA C 129 -19.26 36.01 14.81
CA ALA C 129 -18.73 35.93 16.15
C ALA C 129 -18.87 37.29 16.84
N ARG C 130 -18.96 37.27 18.16
CA ARG C 130 -19.11 38.50 18.95
C ARG C 130 -18.89 38.23 20.43
N LEU C 131 -18.69 39.29 21.21
CA LEU C 131 -18.46 39.18 22.64
C LEU C 131 -19.79 39.18 23.39
N MET C 132 -19.77 38.70 24.63
CA MET C 132 -20.95 38.73 25.50
C MET C 132 -20.55 38.85 26.97
N ALA C 133 -21.27 39.69 27.71
CA ALA C 133 -20.93 39.99 29.09
C ALA C 133 -21.28 38.83 30.02
N THR C 134 -20.33 38.46 30.88
CA THR C 134 -20.55 37.45 31.91
C THR C 134 -20.45 38.05 33.33
N GLN C 135 -19.75 39.17 33.45
CA GLN C 135 -19.74 39.97 34.67
C GLN C 135 -19.94 41.43 34.30
N VAL C 136 -20.23 42.26 35.29
CA VAL C 136 -20.29 43.72 35.13
C VAL C 136 -19.76 44.38 36.40
N PRO C 137 -18.88 45.40 36.25
CA PRO C 137 -18.46 45.97 34.98
C PRO C 137 -17.39 45.12 34.29
N VAL C 138 -17.31 45.24 32.97
CA VAL C 138 -16.28 44.54 32.19
C VAL C 138 -14.93 45.21 32.43
N THR C 139 -13.90 44.43 32.75
CA THR C 139 -12.54 44.96 32.85
C THR C 139 -11.89 44.90 31.46
N ALA C 140 -11.31 46.01 31.02
CA ALA C 140 -10.82 46.16 29.65
C ALA C 140 -9.45 45.53 29.49
N GLY C 141 -9.12 45.15 28.26
CA GLY C 141 -7.83 44.53 27.96
C GLY C 141 -7.76 43.80 26.63
N HIS C 142 -6.82 42.86 26.54
CA HIS C 142 -6.61 42.05 25.33
C HIS C 142 -7.64 40.93 25.21
N ILE C 143 -8.08 40.65 23.98
CA ILE C 143 -8.95 39.50 23.71
C ILE C 143 -8.16 38.43 22.96
N ASN C 144 -7.99 37.27 23.58
CA ASN C 144 -7.27 36.15 22.96
C ASN C 144 -7.97 34.83 23.23
N ALA C 145 -8.32 34.12 22.16
CA ALA C 145 -8.92 32.80 22.27
C ALA C 145 -8.69 32.00 21.00
N THR C 146 -8.54 30.69 21.14
CA THR C 146 -8.48 29.78 19.99
C THR C 146 -9.59 28.75 20.12
N ALA C 147 -10.02 28.20 19.00
CA ALA C 147 -11.09 27.21 18.99
C ALA C 147 -10.98 26.34 17.76
N THR C 148 -11.02 25.02 17.97
CA THR C 148 -11.01 24.06 16.87
C THR C 148 -12.42 23.89 16.33
N PHE C 149 -12.55 23.79 15.01
CA PHE C 149 -13.83 23.49 14.40
C PHE C 149 -13.88 22.05 13.86
N THR C 150 -15.08 21.49 13.83
CA THR C 150 -15.30 20.09 13.46
C THR C 150 -16.35 20.00 12.38
N LEU C 151 -16.19 19.05 11.46
CA LEU C 151 -17.17 18.82 10.41
C LEU C 151 -17.57 17.35 10.36
N GLU C 152 -18.85 17.10 10.55
CA GLU C 152 -19.45 15.79 10.38
C GLU C 152 -20.33 15.89 9.14
N TYR C 153 -20.10 15.02 8.16
CA TYR C 153 -20.86 15.06 6.90
C TYR C 153 -22.03 14.08 6.91
N GLN C 154 -22.97 14.29 5.99
CA GLN C 154 -24.20 13.51 5.92
C GLN C 154 -24.12 12.50 4.78
N ALA D 1 -34.30 -72.44 6.05
CA ALA D 1 -35.10 -72.36 4.82
C ALA D 1 -34.67 -73.42 3.80
N ASP D 2 -35.35 -73.46 2.66
CA ASP D 2 -34.99 -74.35 1.56
C ASP D 2 -34.05 -73.66 0.58
N VAL D 3 -34.33 -72.39 0.30
CA VAL D 3 -33.47 -71.55 -0.55
C VAL D 3 -33.18 -70.23 0.14
N THR D 4 -31.93 -69.78 0.10
CA THR D 4 -31.55 -68.49 0.67
C THR D 4 -31.18 -67.50 -0.43
N ILE D 5 -31.98 -66.43 -0.53
CA ILE D 5 -31.74 -65.36 -1.50
C ILE D 5 -30.95 -64.25 -0.82
N THR D 6 -29.84 -63.86 -1.44
CA THR D 6 -29.03 -62.75 -0.94
C THR D 6 -29.15 -61.60 -1.92
N VAL D 7 -29.78 -60.51 -1.49
CA VAL D 7 -29.98 -59.33 -2.33
C VAL D 7 -29.02 -58.23 -1.93
N ASN D 8 -28.13 -57.85 -2.85
CA ASN D 8 -27.16 -56.77 -2.64
C ASN D 8 -27.53 -55.53 -3.44
N GLY D 9 -27.37 -54.36 -2.83
CA GLY D 9 -27.70 -53.10 -3.49
C GLY D 9 -26.88 -51.93 -2.95
N LYS D 10 -27.10 -50.76 -3.53
CA LYS D 10 -26.35 -49.56 -3.13
C LYS D 10 -27.17 -48.29 -3.37
N VAL D 11 -27.07 -47.36 -2.42
CA VAL D 11 -27.71 -46.05 -2.53
C VAL D 11 -26.63 -45.00 -2.75
N VAL D 12 -26.57 -44.44 -3.96
CA VAL D 12 -25.59 -43.39 -4.28
C VAL D 12 -26.27 -42.03 -4.34
N ALA D 13 -25.67 -41.05 -3.67
CA ALA D 13 -26.18 -39.68 -3.68
C ALA D 13 -26.03 -39.08 -5.08
N LYS D 14 -27.12 -38.52 -5.59
CA LYS D 14 -27.14 -37.92 -6.93
C LYS D 14 -27.32 -36.41 -6.84
N PRO D 15 -26.96 -35.68 -7.92
CA PRO D 15 -27.05 -34.22 -7.88
C PRO D 15 -28.48 -33.69 -7.87
N CYS D 16 -28.69 -32.57 -7.16
CA CYS D 16 -29.96 -31.87 -7.17
C CYS D 16 -30.06 -30.93 -8.38
N THR D 17 -31.21 -30.28 -8.53
CA THR D 17 -31.36 -29.19 -9.49
C THR D 17 -31.06 -27.89 -8.76
N VAL D 18 -30.05 -27.17 -9.25
CA VAL D 18 -29.64 -25.90 -8.64
C VAL D 18 -30.53 -24.77 -9.14
N SER D 19 -31.37 -24.24 -8.25
CA SER D 19 -32.34 -23.21 -8.61
C SER D 19 -31.64 -21.89 -8.93
N THR D 20 -30.87 -21.41 -7.95
CA THR D 20 -30.19 -20.12 -8.07
C THR D 20 -28.85 -20.28 -8.77
N THR D 21 -28.83 -20.02 -10.08
CA THR D 21 -27.61 -20.04 -10.88
C THR D 21 -26.82 -18.75 -10.65
N ASN D 22 -27.52 -17.61 -10.74
CA ASN D 22 -26.91 -16.29 -10.57
C ASN D 22 -27.62 -15.50 -9.47
N ALA D 23 -27.07 -15.53 -8.27
CA ALA D 23 -27.58 -14.73 -7.16
C ALA D 23 -26.96 -13.34 -7.27
N THR D 24 -27.80 -12.32 -7.32
CA THR D 24 -27.32 -10.93 -7.44
C THR D 24 -27.53 -10.20 -6.12
N VAL D 25 -26.46 -9.63 -5.60
CA VAL D 25 -26.52 -8.76 -4.43
C VAL D 25 -26.17 -7.32 -4.85
N ASP D 26 -27.00 -6.37 -4.42
CA ASP D 26 -26.77 -4.95 -4.67
C ASP D 26 -26.59 -4.23 -3.34
N LEU D 27 -25.35 -3.84 -3.05
CA LEU D 27 -25.02 -3.12 -1.82
C LEU D 27 -25.50 -1.67 -1.86
N GLY D 28 -25.70 -1.14 -3.07
CA GLY D 28 -26.16 0.23 -3.26
C GLY D 28 -25.04 1.24 -3.12
N ASP D 29 -25.39 2.45 -2.71
CA ASP D 29 -24.41 3.51 -2.49
C ASP D 29 -23.85 3.44 -1.07
N LEU D 30 -22.53 3.26 -0.96
CA LEU D 30 -21.83 3.37 0.31
C LEU D 30 -21.11 4.72 0.35
N TYR D 31 -20.79 5.19 1.56
CA TYR D 31 -20.31 6.58 1.75
C TYR D 31 -18.93 6.65 2.41
N SER D 32 -18.05 7.43 1.78
CA SER D 32 -16.62 7.52 2.14
C SER D 32 -16.40 7.88 3.58
N PHE D 33 -17.09 8.91 4.04
CA PHE D 33 -16.86 9.47 5.38
C PHE D 33 -17.53 8.65 6.49
N SER D 34 -18.22 7.58 6.10
CA SER D 34 -18.66 6.53 7.03
C SER D 34 -17.76 5.27 6.90
N LEU D 35 -16.67 5.38 6.16
CA LEU D 35 -15.75 4.26 5.91
C LEU D 35 -14.29 4.70 5.98
N MET D 36 -13.99 5.66 6.85
CA MET D 36 -12.62 6.16 6.99
C MET D 36 -11.78 5.27 7.90
N SER D 37 -12.35 4.90 9.04
CA SER D 37 -11.62 4.11 10.04
C SER D 37 -11.47 2.64 9.63
N ALA D 38 -10.49 1.97 10.26
CA ALA D 38 -10.17 0.58 9.96
C ALA D 38 -11.19 -0.37 10.57
N GLY D 39 -11.83 -1.18 9.73
CA GLY D 39 -12.87 -2.11 10.17
C GLY D 39 -14.27 -1.61 9.88
N ALA D 40 -14.39 -0.49 9.18
CA ALA D 40 -15.68 0.01 8.75
C ALA D 40 -16.31 -0.98 7.79
N ALA D 41 -17.62 -1.14 7.86
CA ALA D 41 -18.34 -2.12 7.05
C ALA D 41 -19.71 -1.61 6.65
N SER D 42 -20.25 -2.17 5.57
CA SER D 42 -21.60 -1.87 5.14
C SER D 42 -22.59 -2.81 5.85
N ALA D 43 -23.88 -2.59 5.62
CA ALA D 43 -24.90 -3.45 6.18
C ALA D 43 -24.87 -4.80 5.47
N TRP D 44 -25.05 -5.87 6.24
CA TRP D 44 -25.14 -7.23 5.69
C TRP D 44 -26.30 -7.34 4.71
N HIS D 45 -26.14 -8.22 3.71
CA HIS D 45 -27.22 -8.49 2.75
C HIS D 45 -27.44 -9.99 2.63
N ASP D 46 -28.62 -10.43 3.05
CA ASP D 46 -28.99 -11.84 2.98
C ASP D 46 -29.07 -12.28 1.52
N VAL D 47 -28.36 -13.37 1.21
CA VAL D 47 -28.43 -13.99 -0.12
C VAL D 47 -28.51 -15.50 0.08
N ALA D 48 -29.39 -16.15 -0.69
CA ALA D 48 -29.66 -17.57 -0.52
C ALA D 48 -29.34 -18.36 -1.78
N LEU D 49 -28.73 -19.53 -1.59
CA LEU D 49 -28.55 -20.50 -2.67
C LEU D 49 -29.55 -21.63 -2.46
N GLU D 50 -30.43 -21.83 -3.43
CA GLU D 50 -31.49 -22.83 -3.34
C GLU D 50 -31.22 -24.00 -4.30
N LEU D 51 -31.33 -25.23 -3.79
CA LEU D 51 -31.30 -26.43 -4.61
C LEU D 51 -32.57 -27.25 -4.37
N THR D 52 -33.20 -27.68 -5.47
CA THR D 52 -34.45 -28.43 -5.39
C THR D 52 -34.37 -29.72 -6.21
N ASN D 53 -35.39 -30.56 -6.09
CA ASN D 53 -35.43 -31.86 -6.74
C ASN D 53 -34.21 -32.70 -6.40
N CYS D 54 -33.91 -32.78 -5.11
CA CYS D 54 -32.78 -33.57 -4.62
C CYS D 54 -33.14 -35.06 -4.58
N PRO D 55 -32.50 -35.87 -5.45
CA PRO D 55 -32.86 -37.29 -5.50
C PRO D 55 -32.71 -37.98 -4.15
N VAL D 56 -33.66 -38.84 -3.82
CA VAL D 56 -33.62 -39.57 -2.55
C VAL D 56 -32.31 -40.35 -2.47
N GLY D 57 -31.64 -40.27 -1.32
CA GLY D 57 -30.30 -40.83 -1.15
C GLY D 57 -29.26 -39.74 -0.91
N THR D 58 -29.51 -38.56 -1.45
CA THR D 58 -28.66 -37.40 -1.24
C THR D 58 -29.16 -36.63 -0.01
N SER D 59 -28.55 -36.87 1.13
CA SER D 59 -28.97 -36.28 2.40
C SER D 59 -28.28 -34.94 2.70
N ARG D 60 -27.08 -34.75 2.16
CA ARG D 60 -26.29 -33.55 2.40
C ARG D 60 -25.74 -32.97 1.10
N VAL D 61 -25.69 -31.65 1.00
CA VAL D 61 -25.02 -30.98 -0.11
C VAL D 61 -23.93 -30.09 0.44
N THR D 62 -22.78 -30.08 -0.23
CA THR D 62 -21.61 -29.32 0.21
C THR D 62 -21.24 -28.27 -0.81
N ALA D 63 -21.35 -27.00 -0.40
CA ALA D 63 -20.98 -25.87 -1.25
C ALA D 63 -19.50 -25.59 -1.09
N SER D 64 -18.85 -25.26 -2.21
CA SER D 64 -17.43 -24.99 -2.22
C SER D 64 -17.17 -23.64 -2.89
N PHE D 65 -16.69 -22.68 -2.10
CA PHE D 65 -16.63 -21.28 -2.54
C PHE D 65 -15.27 -20.87 -3.12
N SER D 66 -15.32 -20.17 -4.25
CA SER D 66 -14.12 -19.75 -4.97
C SER D 66 -14.24 -18.33 -5.51
N GLY D 67 -13.16 -17.56 -5.41
CA GLY D 67 -13.10 -16.22 -5.97
C GLY D 67 -11.75 -15.57 -5.74
N ALA D 68 -11.44 -14.53 -6.52
CA ALA D 68 -10.18 -13.80 -6.38
C ALA D 68 -10.15 -13.04 -5.06
N ALA D 69 -9.15 -13.31 -4.23
CA ALA D 69 -8.99 -12.64 -2.93
C ALA D 69 -7.80 -11.70 -2.95
N ASP D 70 -7.77 -10.76 -2.01
CA ASP D 70 -6.65 -9.82 -1.88
C ASP D 70 -5.87 -10.11 -0.59
N SER D 71 -4.95 -9.22 -0.22
CA SER D 71 -4.03 -9.48 0.88
C SER D 71 -4.65 -9.49 2.28
N THR D 72 -5.91 -9.07 2.39
CA THR D 72 -6.64 -9.16 3.65
C THR D 72 -7.25 -10.54 3.84
N GLY D 73 -7.35 -11.31 2.75
CA GLY D 73 -7.97 -12.64 2.77
C GLY D 73 -9.34 -12.62 2.14
N TYR D 74 -10.06 -11.51 2.32
CA TYR D 74 -11.40 -11.34 1.77
C TYR D 74 -11.35 -11.23 0.25
N TYR D 75 -12.51 -11.17 -0.37
CA TYR D 75 -12.58 -11.14 -1.83
C TYR D 75 -12.17 -9.78 -2.37
N LYS D 76 -11.37 -9.80 -3.44
CA LYS D 76 -10.82 -8.60 -4.06
C LYS D 76 -11.93 -7.80 -4.74
N ASN D 77 -11.86 -6.48 -4.65
CA ASN D 77 -12.75 -5.62 -5.40
C ASN D 77 -12.20 -5.45 -6.82
N GLN D 78 -12.95 -5.98 -7.79
CA GLN D 78 -12.58 -5.83 -9.20
C GLN D 78 -12.90 -4.42 -9.71
N GLY D 79 -13.79 -3.72 -8.99
CA GLY D 79 -14.16 -2.35 -9.33
C GLY D 79 -13.09 -1.33 -9.03
N THR D 80 -13.43 -0.05 -9.24
CA THR D 80 -12.46 1.04 -9.15
C THR D 80 -12.22 1.55 -7.71
N ALA D 81 -13.18 1.33 -6.82
CA ALA D 81 -13.06 1.72 -5.42
C ALA D 81 -11.86 1.04 -4.77
N GLN D 82 -11.16 1.75 -3.89
CA GLN D 82 -9.92 1.25 -3.29
C GLN D 82 -10.04 1.08 -1.78
N ASN D 83 -9.15 0.26 -1.23
CA ASN D 83 -9.13 -0.08 0.19
C ASN D 83 -10.45 -0.70 0.67
N ILE D 84 -11.12 -1.43 -0.23
CA ILE D 84 -12.43 -2.01 0.05
C ILE D 84 -12.48 -3.46 -0.43
N GLN D 85 -13.05 -4.32 0.41
CA GLN D 85 -13.15 -5.75 0.13
C GLN D 85 -14.59 -6.23 0.31
N LEU D 86 -14.85 -7.46 -0.11
CA LEU D 86 -16.16 -8.08 0.08
C LEU D 86 -16.03 -9.33 0.94
N GLU D 87 -16.84 -9.42 1.99
CA GLU D 87 -16.84 -10.57 2.90
C GLU D 87 -18.10 -11.39 2.69
N LEU D 88 -17.95 -12.71 2.76
CA LEU D 88 -19.09 -13.63 2.72
C LEU D 88 -19.14 -14.45 4.00
N GLN D 89 -20.33 -14.53 4.59
CA GLN D 89 -20.56 -15.33 5.79
C GLN D 89 -21.86 -16.13 5.68
N ASP D 90 -21.90 -17.26 6.38
CA ASP D 90 -23.16 -17.95 6.63
C ASP D 90 -23.89 -17.23 7.76
N ASP D 91 -25.18 -17.48 7.91
CA ASP D 91 -25.96 -16.85 8.98
C ASP D 91 -25.62 -17.42 10.37
N SER D 92 -24.75 -18.43 10.41
CA SER D 92 -24.25 -18.98 11.68
C SER D 92 -22.92 -18.35 12.12
N GLY D 93 -22.43 -17.36 11.38
CA GLY D 93 -21.29 -16.54 11.81
C GLY D 93 -19.91 -17.09 11.52
N ASN D 94 -19.73 -17.68 10.35
CA ASN D 94 -18.43 -18.21 9.91
C ASN D 94 -18.05 -17.61 8.56
N THR D 95 -16.79 -17.20 8.43
CA THR D 95 -16.33 -16.54 7.21
C THR D 95 -16.04 -17.53 6.09
N LEU D 96 -16.58 -17.26 4.91
CA LEU D 96 -16.43 -18.14 3.76
C LEU D 96 -15.55 -17.49 2.71
N ASN D 97 -14.28 -17.28 3.05
CA ASN D 97 -13.31 -16.77 2.08
C ASN D 97 -12.97 -17.84 1.04
N THR D 98 -12.29 -17.43 -0.03
CA THR D 98 -11.98 -18.33 -1.13
C THR D 98 -11.36 -19.64 -0.64
N GLY D 99 -11.93 -20.76 -1.06
CA GLY D 99 -11.45 -22.08 -0.67
C GLY D 99 -12.31 -22.78 0.36
N ALA D 100 -12.97 -22.00 1.22
CA ALA D 100 -13.79 -22.55 2.30
C ALA D 100 -15.00 -23.31 1.77
N THR D 101 -15.53 -24.20 2.61
CA THR D 101 -16.67 -25.05 2.25
C THR D 101 -17.66 -25.18 3.39
N LYS D 102 -18.95 -25.17 3.03
CA LYS D 102 -20.03 -25.38 4.00
C LYS D 102 -20.95 -26.49 3.49
N THR D 103 -21.40 -27.33 4.42
CA THR D 103 -22.32 -28.41 4.10
C THR D 103 -23.64 -28.21 4.84
N VAL D 104 -24.75 -28.58 4.19
CA VAL D 104 -26.07 -28.47 4.80
C VAL D 104 -26.90 -29.73 4.54
N GLN D 105 -27.76 -30.09 5.50
CA GLN D 105 -28.69 -31.21 5.33
C GLN D 105 -29.75 -30.89 4.28
N VAL D 106 -30.23 -31.91 3.59
CA VAL D 106 -31.34 -31.76 2.65
C VAL D 106 -32.64 -31.99 3.41
N ASP D 107 -33.56 -31.03 3.31
CA ASP D 107 -34.87 -31.15 3.95
C ASP D 107 -35.68 -32.21 3.22
N ASP D 108 -36.00 -33.29 3.95
CA ASP D 108 -36.60 -34.47 3.34
C ASP D 108 -38.05 -34.21 2.91
N SER D 109 -38.78 -33.47 3.73
CA SER D 109 -40.19 -33.16 3.45
C SER D 109 -40.38 -32.38 2.14
N SER D 110 -39.41 -31.56 1.77
CA SER D 110 -39.53 -30.70 0.58
C SER D 110 -38.62 -31.09 -0.59
N GLN D 111 -37.82 -32.15 -0.46
CA GLN D 111 -36.96 -32.64 -1.54
C GLN D 111 -35.99 -31.54 -2.03
N SER D 112 -35.41 -30.82 -1.08
CA SER D 112 -34.61 -29.63 -1.40
C SER D 112 -33.75 -29.18 -0.24
N ALA D 113 -32.76 -28.33 -0.53
CA ALA D 113 -31.86 -27.77 0.48
C ALA D 113 -31.47 -26.34 0.14
N HIS D 114 -31.26 -25.52 1.17
CA HIS D 114 -30.91 -24.10 0.97
C HIS D 114 -29.73 -23.64 1.83
N PHE D 115 -28.87 -22.82 1.23
CA PHE D 115 -27.73 -22.19 1.90
C PHE D 115 -28.04 -20.74 2.24
N PRO D 116 -28.22 -20.43 3.54
CA PRO D 116 -28.50 -19.06 3.96
C PRO D 116 -27.23 -18.25 4.20
N LEU D 117 -26.91 -17.34 3.29
CA LEU D 117 -25.67 -16.57 3.36
C LEU D 117 -25.94 -15.07 3.49
N GLN D 118 -24.93 -14.34 3.93
CA GLN D 118 -24.98 -12.87 4.03
C GLN D 118 -23.67 -12.27 3.52
N VAL D 119 -23.79 -11.18 2.75
CA VAL D 119 -22.64 -10.53 2.14
C VAL D 119 -22.61 -9.04 2.48
N ARG D 120 -21.42 -8.54 2.81
CA ARG D 120 -21.21 -7.09 3.01
C ARG D 120 -19.90 -6.66 2.35
N ALA D 121 -19.66 -5.36 2.37
CA ALA D 121 -18.38 -4.80 1.97
C ALA D 121 -17.72 -4.24 3.21
N LEU D 122 -16.40 -4.31 3.27
CA LEU D 122 -15.64 -3.73 4.39
C LEU D 122 -14.29 -3.18 3.98
N THR D 123 -13.72 -2.34 4.85
CA THR D 123 -12.42 -1.75 4.63
C THR D 123 -11.53 -2.07 5.84
N VAL D 124 -10.59 -3.00 5.64
CA VAL D 124 -9.78 -3.51 6.74
C VAL D 124 -8.83 -2.44 7.27
N ASN D 125 -8.08 -1.84 6.36
CA ASN D 125 -7.10 -0.81 6.72
C ASN D 125 -7.74 0.55 6.89
N GLY D 126 -8.91 0.75 6.28
CA GLY D 126 -9.63 2.01 6.36
C GLY D 126 -9.33 2.88 5.15
N GLY D 127 -10.13 3.93 4.99
CA GLY D 127 -9.94 4.88 3.91
C GLY D 127 -10.41 4.34 2.58
N ALA D 128 -11.65 3.88 2.54
CA ALA D 128 -12.27 3.46 1.29
C ALA D 128 -12.48 4.70 0.40
N THR D 129 -12.08 4.61 -0.86
CA THR D 129 -12.18 5.75 -1.77
C THR D 129 -13.31 5.56 -2.79
N GLN D 130 -13.63 6.65 -3.47
CA GLN D 130 -14.68 6.67 -4.47
C GLN D 130 -14.43 5.65 -5.57
N GLY D 131 -15.50 5.06 -6.09
CA GLY D 131 -15.41 4.13 -7.21
C GLY D 131 -16.51 3.09 -7.22
N THR D 132 -16.42 2.15 -8.15
CA THR D 132 -17.39 1.07 -8.30
C THR D 132 -16.97 -0.14 -7.47
N ILE D 133 -17.95 -0.99 -7.19
CA ILE D 133 -17.72 -2.26 -6.51
C ILE D 133 -18.26 -3.40 -7.39
N GLN D 134 -17.36 -4.26 -7.86
CA GLN D 134 -17.72 -5.46 -8.61
C GLN D 134 -16.94 -6.65 -8.08
N ALA D 135 -17.63 -7.77 -7.91
CA ALA D 135 -17.01 -9.00 -7.42
C ALA D 135 -17.91 -10.20 -7.71
N VAL D 136 -17.29 -11.35 -7.95
CA VAL D 136 -18.02 -12.57 -8.29
C VAL D 136 -17.47 -13.75 -7.49
N ILE D 137 -18.34 -14.40 -6.71
CA ILE D 137 -17.95 -15.60 -5.96
C ILE D 137 -18.53 -16.84 -6.64
N SER D 138 -17.67 -17.61 -7.31
CA SER D 138 -18.07 -18.84 -7.96
C SER D 138 -18.18 -19.97 -6.94
N ILE D 139 -19.16 -20.85 -7.14
CA ILE D 139 -19.43 -21.91 -6.17
C ILE D 139 -19.91 -23.20 -6.89
N THR D 140 -19.30 -24.33 -6.51
CA THR D 140 -19.68 -25.65 -7.04
C THR D 140 -20.04 -26.58 -5.87
N TYR D 141 -21.00 -27.49 -6.12
CA TYR D 141 -21.50 -28.39 -5.07
C TYR D 141 -21.07 -29.83 -5.29
N THR D 142 -20.69 -30.50 -4.20
CA THR D 142 -20.55 -31.95 -4.17
C THR D 142 -21.69 -32.53 -3.33
N TYR D 143 -21.98 -33.82 -3.51
CA TYR D 143 -23.13 -34.46 -2.88
C TYR D 143 -22.75 -35.75 -2.15
N SER D 144 -23.39 -35.99 -1.00
CA SER D 144 -23.09 -37.16 -0.17
C SER D 144 -24.35 -37.66 0.54
N PHE E 1 -13.23 -113.08 0.85
CA PHE E 1 -14.01 -111.81 0.72
C PHE E 1 -13.10 -110.64 1.07
N ALA E 2 -12.85 -109.78 0.08
CA ALA E 2 -12.00 -108.60 0.26
C ALA E 2 -12.52 -107.52 -0.65
N CYS E 3 -12.62 -106.30 -0.12
CA CYS E 3 -13.28 -105.21 -0.83
C CYS E 3 -12.41 -103.96 -0.89
N LYS E 4 -12.64 -103.14 -1.91
CA LYS E 4 -12.05 -101.81 -1.99
C LYS E 4 -13.04 -100.81 -2.55
N THR E 5 -12.73 -99.52 -2.39
CA THR E 5 -13.62 -98.46 -2.81
C THR E 5 -13.37 -98.09 -4.28
N ALA E 6 -14.17 -97.16 -4.81
CA ALA E 6 -13.96 -96.64 -6.16
C ALA E 6 -12.63 -95.92 -6.26
N ASN E 7 -12.23 -95.23 -5.19
CA ASN E 7 -10.88 -94.65 -5.08
C ASN E 7 -9.78 -95.70 -4.95
N GLY E 8 -10.15 -96.98 -4.96
CA GLY E 8 -9.18 -98.07 -4.88
C GLY E 8 -8.58 -98.30 -3.49
N THR E 9 -9.25 -97.79 -2.45
CA THR E 9 -8.77 -97.93 -1.08
C THR E 9 -9.30 -99.24 -0.49
N ALA E 10 -8.41 -100.05 0.06
CA ALA E 10 -8.79 -101.34 0.63
C ALA E 10 -9.58 -101.14 1.92
N ILE E 11 -10.70 -101.85 2.02
CA ILE E 11 -11.54 -101.84 3.21
C ILE E 11 -11.00 -102.90 4.15
N PRO E 12 -10.46 -102.48 5.32
CA PRO E 12 -9.80 -103.44 6.18
C PRO E 12 -10.70 -104.60 6.63
N ILE E 13 -10.11 -105.80 6.74
CA ILE E 13 -10.83 -107.00 7.12
C ILE E 13 -10.75 -107.24 8.63
N GLY E 14 -11.85 -107.76 9.19
CA GLY E 14 -11.93 -108.03 10.62
C GLY E 14 -13.36 -108.15 11.11
N GLY E 15 -13.50 -108.28 12.43
CA GLY E 15 -14.80 -108.38 13.08
C GLY E 15 -15.15 -107.10 13.83
N GLY E 16 -14.48 -106.00 13.49
CA GLY E 16 -14.69 -104.71 14.15
C GLY E 16 -15.54 -103.80 13.29
N SER E 17 -14.98 -102.65 12.92
CA SER E 17 -15.63 -101.78 11.97
C SER E 17 -14.61 -100.98 11.16
N ALA E 18 -15.05 -100.52 9.99
CA ALA E 18 -14.21 -99.81 9.04
C ALA E 18 -14.96 -98.60 8.55
N ASN E 19 -14.26 -97.49 8.40
CA ASN E 19 -14.85 -96.29 7.82
C ASN E 19 -14.61 -96.28 6.33
N VAL E 20 -15.68 -96.42 5.55
CA VAL E 20 -15.58 -96.50 4.10
C VAL E 20 -15.99 -95.19 3.47
N TYR E 21 -15.04 -94.52 2.81
CA TYR E 21 -15.29 -93.23 2.17
C TYR E 21 -15.76 -93.41 0.72
N VAL E 22 -16.87 -92.75 0.38
CA VAL E 22 -17.54 -92.95 -0.90
C VAL E 22 -18.09 -91.63 -1.43
N ASN E 23 -18.38 -91.61 -2.72
CA ASN E 23 -19.03 -90.49 -3.35
C ASN E 23 -20.53 -90.69 -3.41
N LEU E 24 -21.28 -89.64 -3.09
CA LEU E 24 -22.73 -89.65 -3.18
C LEU E 24 -23.17 -88.75 -4.32
N ALA E 25 -24.18 -89.20 -5.06
CA ALA E 25 -24.87 -88.34 -6.02
C ALA E 25 -26.38 -88.44 -5.74
N PRO E 26 -26.82 -87.90 -4.58
CA PRO E 26 -28.22 -88.03 -4.17
C PRO E 26 -29.18 -87.37 -5.15
N ALA E 27 -30.41 -87.89 -5.22
CA ALA E 27 -31.39 -87.42 -6.20
C ALA E 27 -32.83 -87.61 -5.72
N VAL E 28 -33.70 -86.68 -6.11
CA VAL E 28 -35.13 -86.85 -5.94
C VAL E 28 -35.63 -87.85 -6.97
N ASN E 29 -36.26 -88.92 -6.52
CA ASN E 29 -36.97 -89.84 -7.42
C ASN E 29 -38.41 -89.90 -6.99
N VAL E 30 -39.25 -90.50 -7.83
CA VAL E 30 -40.64 -90.72 -7.48
C VAL E 30 -40.67 -91.77 -6.36
N GLY E 31 -41.46 -91.50 -5.32
CA GLY E 31 -41.56 -92.41 -4.17
C GLY E 31 -40.47 -92.23 -3.12
N GLN E 32 -39.24 -92.58 -3.46
CA GLN E 32 -38.11 -92.57 -2.52
C GLN E 32 -36.99 -91.73 -3.12
N ASN E 33 -36.21 -91.07 -2.28
CA ASN E 33 -35.07 -90.29 -2.76
C ASN E 33 -33.76 -91.03 -2.55
N LEU E 34 -32.89 -90.98 -3.56
CA LEU E 34 -31.58 -91.64 -3.50
C LEU E 34 -30.66 -90.84 -2.59
N VAL E 35 -30.00 -91.54 -1.68
CA VAL E 35 -28.99 -90.94 -0.81
C VAL E 35 -27.62 -91.34 -1.33
N VAL E 36 -27.38 -92.65 -1.44
CA VAL E 36 -26.13 -93.19 -1.97
C VAL E 36 -26.41 -94.42 -2.80
N ASP E 37 -25.73 -94.54 -3.93
CA ASP E 37 -25.65 -95.82 -4.62
C ASP E 37 -24.27 -96.38 -4.35
N LEU E 38 -24.17 -97.34 -3.45
CA LEU E 38 -22.87 -97.92 -3.09
C LEU E 38 -22.34 -98.89 -4.13
N SER E 39 -23.18 -99.32 -5.07
CA SER E 39 -22.76 -100.34 -6.04
C SER E 39 -21.86 -99.80 -7.16
N THR E 40 -21.62 -98.49 -7.19
CA THR E 40 -20.57 -97.92 -8.02
C THR E 40 -19.39 -97.51 -7.15
N GLN E 41 -19.44 -97.84 -5.86
CA GLN E 41 -18.48 -97.32 -4.88
C GLN E 41 -17.72 -98.38 -4.11
N ILE E 42 -18.30 -99.56 -3.95
CA ILE E 42 -17.66 -100.64 -3.20
C ILE E 42 -17.67 -101.90 -4.06
N PHE E 43 -16.48 -102.47 -4.27
CA PHE E 43 -16.32 -103.66 -5.09
C PHE E 43 -15.59 -104.72 -4.29
N CYS E 44 -16.03 -105.97 -4.45
CA CYS E 44 -15.59 -107.07 -3.60
C CYS E 44 -15.32 -108.33 -4.41
N HIS E 45 -14.41 -109.15 -3.90
CA HIS E 45 -14.00 -110.36 -4.60
C HIS E 45 -13.54 -111.45 -3.65
N ASN E 46 -13.48 -112.68 -4.15
CA ASN E 46 -12.98 -113.83 -3.42
C ASN E 46 -11.59 -114.17 -3.93
N ASP E 47 -10.60 -114.09 -3.04
CA ASP E 47 -9.21 -114.38 -3.42
C ASP E 47 -8.97 -115.85 -3.77
N TYR E 48 -9.73 -116.76 -3.15
CA TYR E 48 -9.48 -118.20 -3.26
C TYR E 48 -10.74 -118.97 -3.66
N PRO E 49 -11.35 -118.60 -4.80
CA PRO E 49 -12.62 -119.19 -5.20
C PRO E 49 -12.55 -120.68 -5.48
N GLU E 50 -11.40 -121.14 -5.96
CA GLU E 50 -11.16 -122.56 -6.20
C GLU E 50 -11.41 -123.43 -4.96
N THR E 51 -11.06 -122.92 -3.78
CA THR E 51 -11.18 -123.71 -2.54
C THR E 51 -12.36 -123.36 -1.63
N ILE E 52 -12.78 -122.09 -1.65
CA ILE E 52 -13.83 -121.64 -0.72
C ILE E 52 -14.70 -120.53 -1.31
N THR E 53 -15.98 -120.55 -0.94
CA THR E 53 -16.92 -119.52 -1.37
C THR E 53 -17.35 -118.68 -0.17
N ASP E 54 -17.44 -117.37 -0.36
CA ASP E 54 -17.84 -116.44 0.69
C ASP E 54 -19.28 -115.99 0.47
N TYR E 55 -20.00 -115.80 1.57
CA TYR E 55 -21.35 -115.26 1.52
C TYR E 55 -21.43 -114.05 2.44
N VAL E 56 -22.15 -113.01 2.01
CA VAL E 56 -22.32 -111.82 2.82
C VAL E 56 -23.78 -111.40 2.87
N THR E 57 -24.23 -111.07 4.08
CA THR E 57 -25.62 -110.75 4.33
C THR E 57 -25.67 -109.38 5.01
N LEU E 58 -26.78 -108.67 4.86
CA LEU E 58 -26.95 -107.38 5.55
C LEU E 58 -27.87 -107.58 6.76
N GLN E 59 -27.29 -107.47 7.96
CA GLN E 59 -28.02 -107.76 9.19
C GLN E 59 -28.94 -106.61 9.56
N ARG E 60 -29.88 -106.88 10.44
CA ARG E 60 -30.78 -105.84 10.93
C ARG E 60 -30.07 -104.87 11.86
N GLY E 61 -30.62 -103.67 11.98
CA GLY E 61 -30.01 -102.60 12.76
C GLY E 61 -29.21 -101.64 11.90
N SER E 62 -29.02 -102.01 10.63
CA SER E 62 -28.36 -101.15 9.68
C SER E 62 -29.29 -99.96 9.45
N ALA E 63 -28.72 -98.75 9.54
CA ALA E 63 -29.51 -97.53 9.62
C ALA E 63 -28.67 -96.33 9.26
N TYR E 64 -29.34 -95.20 9.02
CA TYR E 64 -28.65 -93.94 8.82
C TYR E 64 -28.05 -93.45 10.14
N GLY E 65 -27.00 -92.66 10.05
CA GLY E 65 -26.29 -92.12 11.21
C GLY E 65 -26.12 -90.62 11.04
N GLY E 66 -25.41 -90.00 11.97
CA GLY E 66 -25.13 -88.57 11.90
C GLY E 66 -26.36 -87.75 11.61
N VAL E 67 -26.25 -86.75 10.75
CA VAL E 67 -27.35 -85.82 10.50
C VAL E 67 -28.54 -86.44 9.77
N LEU E 68 -28.37 -87.65 9.24
CA LEU E 68 -29.47 -88.37 8.61
C LEU E 68 -30.12 -89.41 9.52
N SER E 69 -29.65 -89.51 10.76
CA SER E 69 -30.09 -90.59 11.66
C SER E 69 -31.56 -90.54 12.02
N SER E 70 -32.16 -89.36 11.97
CA SER E 70 -33.59 -89.22 12.22
C SER E 70 -34.47 -89.68 11.05
N PHE E 71 -33.86 -89.98 9.90
CA PHE E 71 -34.62 -90.34 8.70
C PHE E 71 -34.72 -91.84 8.49
N SER E 72 -35.72 -92.24 7.72
CA SER E 72 -35.89 -93.64 7.35
C SER E 72 -36.20 -93.75 5.86
N GLY E 73 -36.17 -94.96 5.35
CA GLY E 73 -36.45 -95.19 3.94
C GLY E 73 -36.38 -96.65 3.60
N THR E 74 -35.73 -96.95 2.48
CA THR E 74 -35.56 -98.31 2.01
C THR E 74 -34.11 -98.51 1.63
N VAL E 75 -33.71 -99.78 1.56
CA VAL E 75 -32.41 -100.15 1.02
C VAL E 75 -32.64 -101.11 -0.14
N LYS E 76 -32.01 -100.83 -1.26
CA LYS E 76 -32.07 -101.72 -2.41
C LYS E 76 -30.91 -102.68 -2.25
N TYR E 77 -31.21 -103.96 -2.04
CA TYR E 77 -30.19 -104.97 -1.86
C TYR E 77 -30.32 -106.03 -2.93
N ASN E 78 -29.31 -106.14 -3.77
CA ASN E 78 -29.28 -107.13 -4.84
C ASN E 78 -30.57 -107.11 -5.65
N GLY E 79 -30.99 -105.91 -6.05
CA GLY E 79 -32.14 -105.76 -6.92
C GLY E 79 -33.45 -105.47 -6.20
N SER E 80 -33.66 -106.09 -5.04
CA SER E 80 -34.92 -105.93 -4.30
C SER E 80 -34.77 -104.92 -3.15
N SER E 81 -35.88 -104.27 -2.82
CA SER E 81 -35.92 -103.24 -1.79
C SER E 81 -36.44 -103.76 -0.44
N TYR E 82 -35.80 -103.31 0.64
CA TYR E 82 -36.17 -103.68 2.00
C TYR E 82 -36.29 -102.42 2.85
N PRO E 83 -37.11 -102.46 3.91
CA PRO E 83 -37.24 -101.31 4.78
C PRO E 83 -35.92 -100.92 5.45
N PHE E 84 -35.72 -99.61 5.63
CA PHE E 84 -34.49 -99.06 6.19
C PHE E 84 -34.89 -98.00 7.24
N PRO E 85 -34.40 -98.14 8.48
CA PRO E 85 -33.44 -99.11 8.97
C PRO E 85 -33.97 -100.53 8.90
N THR E 86 -33.05 -101.48 8.72
CA THR E 86 -33.40 -102.87 8.46
C THR E 86 -33.91 -103.55 9.73
N THR E 87 -34.98 -104.32 9.56
CA THR E 87 -35.64 -104.98 10.67
C THR E 87 -35.45 -106.50 10.61
N SER E 88 -34.84 -106.98 9.53
CA SER E 88 -34.50 -108.39 9.42
C SER E 88 -33.29 -108.60 8.51
N GLU E 89 -32.77 -109.82 8.52
CA GLU E 89 -31.59 -110.17 7.76
C GLU E 89 -31.96 -110.26 6.29
N THR E 90 -31.06 -109.76 5.46
CA THR E 90 -31.25 -109.78 4.03
C THR E 90 -30.87 -111.18 3.54
N PRO E 91 -31.23 -111.55 2.30
CA PRO E 91 -30.71 -112.80 1.72
C PRO E 91 -29.23 -112.64 1.41
N ARG E 92 -28.50 -113.73 1.19
CA ARG E 92 -27.05 -113.63 1.01
C ARG E 92 -26.65 -113.38 -0.44
N VAL E 93 -25.56 -112.64 -0.62
CA VAL E 93 -24.90 -112.46 -1.90
C VAL E 93 -23.67 -113.33 -1.89
N VAL E 94 -23.44 -114.07 -2.98
CA VAL E 94 -22.30 -114.97 -3.10
C VAL E 94 -21.08 -114.24 -3.68
N TYR E 95 -19.90 -114.60 -3.19
CA TYR E 95 -18.64 -114.14 -3.78
C TYR E 95 -17.75 -115.35 -4.04
N ASN E 96 -17.72 -115.74 -5.32
CA ASN E 96 -17.11 -116.98 -5.78
C ASN E 96 -16.15 -116.74 -6.93
N SER E 97 -15.44 -115.62 -6.92
CA SER E 97 -14.59 -115.25 -8.03
C SER E 97 -13.56 -114.20 -7.64
N ARG E 98 -12.45 -114.17 -8.37
CA ARG E 98 -11.44 -113.12 -8.21
C ARG E 98 -11.91 -111.82 -8.84
N THR E 99 -12.85 -111.92 -9.77
CA THR E 99 -13.42 -110.75 -10.44
C THR E 99 -14.14 -109.84 -9.46
N ASP E 100 -13.62 -108.63 -9.25
CA ASP E 100 -14.31 -107.62 -8.46
C ASP E 100 -15.73 -107.46 -8.97
N LYS E 101 -16.72 -107.73 -8.13
CA LYS E 101 -18.08 -107.36 -8.43
C LYS E 101 -18.59 -106.41 -7.36
N PRO E 102 -19.55 -105.54 -7.72
CA PRO E 102 -19.97 -104.53 -6.79
C PRO E 102 -20.76 -105.10 -5.62
N TRP E 103 -20.73 -104.41 -4.49
CA TRP E 103 -21.62 -104.70 -3.38
C TRP E 103 -22.95 -104.03 -3.71
N PRO E 104 -23.99 -104.83 -4.02
CA PRO E 104 -25.20 -104.32 -4.63
C PRO E 104 -26.17 -103.72 -3.62
N VAL E 105 -25.87 -102.51 -3.17
CA VAL E 105 -26.58 -101.86 -2.09
C VAL E 105 -26.76 -100.39 -2.43
N ALA E 106 -27.98 -99.88 -2.27
CA ALA E 106 -28.25 -98.45 -2.44
C ALA E 106 -29.23 -98.01 -1.35
N LEU E 107 -28.92 -96.90 -0.69
CA LEU E 107 -29.74 -96.39 0.40
C LEU E 107 -30.66 -95.30 -0.10
N TYR E 108 -31.94 -95.42 0.24
CA TYR E 108 -32.94 -94.42 -0.11
C TYR E 108 -33.56 -93.84 1.15
N LEU E 109 -34.20 -92.68 0.98
CA LEU E 109 -34.81 -91.95 2.10
C LEU E 109 -36.27 -91.62 1.76
N THR E 110 -37.17 -91.82 2.74
CA THR E 110 -38.58 -91.50 2.55
C THR E 110 -38.78 -90.00 2.61
N PRO E 111 -39.39 -89.42 1.56
CA PRO E 111 -39.64 -87.99 1.53
C PRO E 111 -40.53 -87.52 2.68
N VAL E 112 -40.11 -86.44 3.34
CA VAL E 112 -40.83 -85.87 4.49
C VAL E 112 -41.09 -84.37 4.34
N SER E 113 -40.90 -83.82 3.14
CA SER E 113 -41.06 -82.38 2.90
C SER E 113 -41.46 -82.11 1.45
N SER E 114 -41.35 -80.85 1.01
CA SER E 114 -41.65 -80.50 -0.37
C SER E 114 -40.38 -80.34 -1.19
N ALA E 115 -39.49 -79.48 -0.71
CA ALA E 115 -38.24 -79.20 -1.40
C ALA E 115 -37.10 -79.00 -0.40
N GLY E 116 -37.22 -79.59 0.77
CA GLY E 116 -36.18 -79.47 1.79
C GLY E 116 -34.95 -80.27 1.42
N GLY E 117 -33.86 -80.02 2.15
CA GLY E 117 -32.62 -80.75 1.97
C GLY E 117 -31.79 -80.80 3.23
N VAL E 118 -30.80 -81.69 3.25
CA VAL E 118 -29.92 -81.83 4.39
C VAL E 118 -28.48 -81.81 3.91
N ALA E 119 -27.74 -80.78 4.27
CA ALA E 119 -26.34 -80.68 3.90
C ALA E 119 -25.54 -81.77 4.60
N ILE E 120 -24.70 -82.47 3.83
CA ILE E 120 -23.73 -83.43 4.36
C ILE E 120 -22.37 -82.97 3.88
N LYS E 121 -21.52 -82.50 4.78
CA LYS E 121 -20.18 -82.06 4.36
C LYS E 121 -19.24 -83.25 4.35
N ALA E 122 -18.24 -83.20 3.48
CA ALA E 122 -17.28 -84.28 3.34
C ALA E 122 -16.65 -84.67 4.69
N GLY E 123 -16.30 -85.94 4.82
CA GLY E 123 -15.65 -86.44 6.02
C GLY E 123 -16.57 -86.79 7.17
N SER E 124 -17.88 -86.75 6.95
CA SER E 124 -18.86 -87.02 8.00
C SER E 124 -19.68 -88.28 7.72
N LEU E 125 -20.28 -88.83 8.78
CA LEU E 125 -20.99 -90.11 8.73
C LEU E 125 -22.35 -89.98 8.05
N ILE E 126 -22.74 -91.05 7.35
CA ILE E 126 -24.02 -91.13 6.65
C ILE E 126 -24.85 -92.31 7.15
N ALA E 127 -24.24 -93.50 7.17
CA ALA E 127 -24.95 -94.73 7.52
C ALA E 127 -24.03 -95.74 8.22
N VAL E 128 -24.62 -96.53 9.11
CA VAL E 128 -23.92 -97.66 9.74
C VAL E 128 -24.57 -98.92 9.18
N LEU E 129 -23.76 -99.77 8.56
CA LEU E 129 -24.26 -100.99 7.95
C LEU E 129 -23.61 -102.19 8.62
N ILE E 130 -24.43 -103.17 8.97
CA ILE E 130 -23.96 -104.35 9.68
C ILE E 130 -23.94 -105.49 8.69
N LEU E 131 -22.77 -106.07 8.46
CA LEU E 131 -22.62 -107.20 7.54
C LEU E 131 -22.33 -108.47 8.31
N ARG E 132 -22.80 -109.60 7.77
CA ARG E 132 -22.53 -110.91 8.37
C ARG E 132 -22.01 -111.85 7.29
N GLN E 133 -20.88 -112.49 7.59
CA GLN E 133 -20.13 -113.25 6.60
C GLN E 133 -20.01 -114.72 6.97
N THR E 134 -20.52 -115.57 6.08
CA THR E 134 -20.44 -117.02 6.23
C THR E 134 -19.69 -117.59 5.03
N ASN E 135 -19.41 -118.90 5.07
CA ASN E 135 -18.69 -119.57 3.99
C ASN E 135 -19.18 -121.00 3.77
N ASN E 136 -18.72 -121.62 2.69
CA ASN E 136 -19.13 -123.00 2.35
C ASN E 136 -18.18 -124.09 2.85
N TYR E 137 -17.27 -123.73 3.75
CA TYR E 137 -16.34 -124.71 4.29
C TYR E 137 -16.71 -125.11 5.72
N ASN E 138 -17.04 -124.12 6.55
CA ASN E 138 -17.52 -124.39 7.90
C ASN E 138 -18.80 -123.63 8.19
N SER E 139 -19.26 -123.67 9.45
CA SER E 139 -20.46 -122.99 9.88
C SER E 139 -20.13 -121.69 10.64
N ASP E 140 -18.87 -121.27 10.57
CA ASP E 140 -18.46 -120.02 11.18
C ASP E 140 -19.21 -118.86 10.54
N ASP E 141 -19.61 -117.91 11.37
CA ASP E 141 -20.17 -116.65 10.90
C ASP E 141 -19.62 -115.54 11.77
N PHE E 142 -19.43 -114.37 11.20
CA PHE E 142 -19.02 -113.23 11.99
C PHE E 142 -19.58 -111.95 11.42
N GLN E 143 -19.74 -110.95 12.27
CA GLN E 143 -20.29 -109.66 11.87
C GLN E 143 -19.26 -108.57 11.95
N PHE E 144 -19.38 -107.59 11.07
CA PHE E 144 -18.56 -106.39 11.12
C PHE E 144 -19.39 -105.23 10.60
N VAL E 145 -18.93 -104.01 10.88
CA VAL E 145 -19.69 -102.82 10.54
C VAL E 145 -18.93 -101.95 9.54
N TRP E 146 -19.62 -101.53 8.49
CA TRP E 146 -19.10 -100.52 7.59
C TRP E 146 -19.80 -99.22 7.87
N ASN E 147 -19.02 -98.23 8.33
CA ASN E 147 -19.51 -96.87 8.51
C ASN E 147 -19.27 -96.08 7.24
N ILE E 148 -20.34 -95.75 6.52
CA ILE E 148 -20.23 -95.05 5.25
C ILE E 148 -20.01 -93.56 5.48
N TYR E 149 -18.83 -93.06 5.09
CA TYR E 149 -18.52 -91.63 5.16
C TYR E 149 -18.54 -91.01 3.77
N ALA E 150 -18.94 -89.75 3.70
CA ALA E 150 -18.98 -89.02 2.44
C ALA E 150 -17.66 -88.32 2.20
N ASN E 151 -17.13 -88.39 0.96
CA ASN E 151 -15.96 -87.54 0.62
C ASN E 151 -16.29 -86.45 -0.40
N ASN E 152 -17.53 -85.97 -0.37
CA ASN E 152 -17.89 -84.78 -1.14
C ASN E 152 -19.06 -84.08 -0.47
N ASP E 153 -18.98 -82.75 -0.38
CA ASP E 153 -20.07 -81.94 0.15
C ASP E 153 -21.30 -82.15 -0.72
N VAL E 154 -22.41 -82.49 -0.09
CA VAL E 154 -23.64 -82.85 -0.79
C VAL E 154 -24.85 -82.33 -0.02
N VAL E 155 -25.98 -82.18 -0.72
CA VAL E 155 -27.26 -81.88 -0.10
C VAL E 155 -28.24 -82.98 -0.46
N VAL E 156 -28.76 -83.70 0.54
CA VAL E 156 -29.69 -84.79 0.31
C VAL E 156 -31.12 -84.25 0.24
N PRO E 157 -31.82 -84.48 -0.88
CA PRO E 157 -33.20 -84.00 -0.96
C PRO E 157 -34.09 -84.69 0.06
N THR E 158 -35.08 -83.96 0.55
CA THR E 158 -35.97 -84.45 1.59
C THR E 158 -37.43 -84.53 1.14
N GLY E 159 -37.74 -83.97 -0.02
CA GLY E 159 -39.11 -83.90 -0.49
C GLY E 159 -39.28 -84.44 -1.89
N GLY E 160 -40.40 -84.08 -2.51
CA GLY E 160 -40.74 -84.52 -3.86
C GLY E 160 -40.31 -83.57 -4.95
N CYS E 161 -39.81 -82.39 -4.56
CA CYS E 161 -39.45 -81.34 -5.51
C CYS E 161 -38.04 -80.85 -5.26
N ASP E 162 -37.44 -80.25 -6.29
CA ASP E 162 -36.09 -79.74 -6.22
C ASP E 162 -36.03 -78.31 -6.76
N VAL E 163 -35.11 -77.52 -6.22
CA VAL E 163 -34.96 -76.12 -6.60
C VAL E 163 -33.72 -75.94 -7.47
N SER E 164 -33.81 -75.01 -8.42
CA SER E 164 -32.70 -74.72 -9.34
C SER E 164 -31.39 -74.42 -8.62
N ALA E 165 -31.48 -73.79 -7.45
CA ALA E 165 -30.32 -73.60 -6.57
C ALA E 165 -30.77 -73.35 -5.13
N ARG E 166 -29.92 -73.73 -4.19
CA ARG E 166 -30.24 -73.56 -2.78
C ARG E 166 -29.72 -72.25 -2.21
N ASP E 167 -28.72 -71.67 -2.88
CA ASP E 167 -28.24 -70.34 -2.54
C ASP E 167 -28.20 -69.51 -3.81
N VAL E 168 -28.81 -68.32 -3.77
CA VAL E 168 -28.82 -67.41 -4.90
C VAL E 168 -28.48 -66.00 -4.44
N THR E 169 -27.48 -65.40 -5.08
CA THR E 169 -27.16 -64.00 -4.84
C THR E 169 -27.57 -63.20 -6.06
N VAL E 170 -28.26 -62.09 -5.82
CA VAL E 170 -28.75 -61.22 -6.88
C VAL E 170 -28.31 -59.79 -6.55
N THR E 171 -28.03 -59.01 -7.59
CA THR E 171 -27.54 -57.63 -7.40
C THR E 171 -28.50 -56.62 -8.01
N LEU E 172 -29.01 -55.72 -7.17
CA LEU E 172 -29.86 -54.64 -7.64
C LEU E 172 -29.02 -53.60 -8.37
N PRO E 173 -29.64 -52.85 -9.31
CA PRO E 173 -28.97 -51.65 -9.76
C PRO E 173 -29.00 -50.61 -8.64
N ASP E 174 -28.33 -49.47 -8.83
CA ASP E 174 -28.29 -48.44 -7.82
C ASP E 174 -29.68 -47.83 -7.60
N TYR E 175 -29.96 -47.42 -6.37
CA TYR E 175 -31.29 -46.94 -5.99
C TYR E 175 -31.80 -45.85 -6.91
N PRO E 176 -33.07 -45.93 -7.34
CA PRO E 176 -33.99 -47.04 -7.19
C PRO E 176 -33.86 -47.95 -8.40
N GLY E 177 -34.45 -49.14 -8.33
CA GLY E 177 -34.41 -50.08 -9.43
C GLY E 177 -34.76 -51.50 -9.01
N SER E 178 -34.52 -52.45 -9.91
CA SER E 178 -34.92 -53.82 -9.66
C SER E 178 -34.12 -54.83 -10.48
N VAL E 179 -34.05 -56.05 -9.98
CA VAL E 179 -33.54 -57.19 -10.73
C VAL E 179 -34.40 -58.41 -10.47
N PRO E 180 -34.65 -59.22 -11.51
CA PRO E 180 -35.40 -60.45 -11.32
C PRO E 180 -34.56 -61.51 -10.60
N ILE E 181 -35.21 -62.32 -9.78
CA ILE E 181 -34.55 -63.39 -9.06
C ILE E 181 -34.76 -64.70 -9.81
N PRO E 182 -33.68 -65.29 -10.35
CA PRO E 182 -33.80 -66.62 -10.95
C PRO E 182 -33.98 -67.72 -9.90
N LEU E 183 -35.18 -68.30 -9.86
CA LEU E 183 -35.48 -69.37 -8.91
C LEU E 183 -36.65 -70.19 -9.43
N THR E 184 -36.40 -71.46 -9.74
CA THR E 184 -37.44 -72.34 -10.25
C THR E 184 -37.59 -73.59 -9.38
N VAL E 185 -38.77 -74.19 -9.44
CA VAL E 185 -39.09 -75.41 -8.70
C VAL E 185 -39.63 -76.47 -9.66
N ARG E 186 -39.06 -77.66 -9.60
CA ARG E 186 -39.59 -78.82 -10.33
C ARG E 186 -39.87 -79.96 -9.37
N CYS E 187 -41.02 -80.62 -9.55
CA CYS E 187 -41.37 -81.82 -8.78
C CYS E 187 -41.37 -83.04 -9.68
N ASP E 188 -40.89 -84.17 -9.17
CA ASP E 188 -40.78 -85.38 -9.98
C ASP E 188 -42.16 -86.01 -10.24
N GLN E 189 -43.15 -85.60 -9.45
CA GLN E 189 -44.53 -86.00 -9.63
C GLN E 189 -45.39 -84.74 -9.52
N THR E 190 -46.44 -84.65 -10.32
CA THR E 190 -47.23 -83.40 -10.39
C THR E 190 -47.92 -83.12 -9.04
N GLN E 191 -47.50 -82.03 -8.40
CA GLN E 191 -47.89 -81.68 -7.02
C GLN E 191 -48.42 -80.26 -6.95
N SER E 192 -49.15 -79.96 -5.87
CA SER E 192 -49.61 -78.60 -5.57
C SER E 192 -48.61 -77.94 -4.63
N VAL E 193 -47.78 -77.06 -5.18
CA VAL E 193 -46.71 -76.42 -4.42
C VAL E 193 -47.06 -74.97 -4.06
N SER E 194 -46.50 -74.50 -2.95
CA SER E 194 -46.58 -73.10 -2.57
C SER E 194 -45.37 -72.79 -1.69
N TYR E 195 -44.98 -71.52 -1.60
CA TYR E 195 -43.81 -71.11 -0.83
C TYR E 195 -44.11 -69.95 0.11
N THR E 196 -43.26 -69.77 1.12
CA THR E 196 -43.39 -68.62 2.02
C THR E 196 -42.00 -68.07 2.35
N LEU E 197 -41.91 -66.73 2.42
CA LEU E 197 -40.66 -66.03 2.65
C LEU E 197 -40.40 -65.84 4.13
N SER E 198 -39.16 -65.50 4.47
CA SER E 198 -38.77 -65.30 5.86
C SER E 198 -37.49 -64.47 5.96
N GLY E 199 -37.26 -63.90 7.14
CA GLY E 199 -36.10 -63.05 7.39
C GLY E 199 -36.40 -61.96 8.41
N SER E 200 -35.53 -60.96 8.49
CA SER E 200 -35.73 -59.82 9.39
C SER E 200 -36.55 -58.74 8.69
N VAL E 201 -37.59 -58.26 9.37
CA VAL E 201 -38.54 -57.30 8.78
C VAL E 201 -38.59 -56.01 9.62
N ALA E 202 -39.06 -54.92 9.01
CA ALA E 202 -39.05 -53.61 9.65
C ALA E 202 -40.46 -53.13 10.05
N ASP E 203 -41.33 -52.99 9.04
CA ASP E 203 -42.66 -52.42 9.25
C ASP E 203 -43.62 -53.35 9.99
N ALA E 204 -44.79 -52.82 10.34
CA ALA E 204 -45.84 -53.58 11.02
C ALA E 204 -46.49 -54.61 10.08
N GLY E 205 -46.64 -54.23 8.81
CA GLY E 205 -47.23 -55.10 7.79
C GLY E 205 -46.29 -56.17 7.22
N ASN E 206 -45.06 -56.19 7.72
CA ASN E 206 -44.09 -57.24 7.37
C ASN E 206 -44.02 -57.54 5.87
N SER E 207 -43.61 -56.52 5.10
CA SER E 207 -43.47 -56.63 3.65
C SER E 207 -42.12 -56.11 3.12
N ILE E 208 -41.32 -55.49 3.99
CA ILE E 208 -40.01 -54.95 3.61
C ILE E 208 -38.92 -55.50 4.55
N PHE E 209 -37.96 -56.22 3.97
CA PHE E 209 -36.89 -56.85 4.75
C PHE E 209 -35.81 -55.84 5.09
N THR E 210 -35.30 -55.94 6.31
CA THR E 210 -34.37 -54.95 6.83
C THR E 210 -33.01 -55.03 6.14
N ASN E 211 -32.24 -53.96 6.29
CA ASN E 211 -30.90 -53.85 5.69
C ASN E 211 -29.85 -54.35 6.66
N THR E 212 -29.36 -55.57 6.41
CA THR E 212 -28.33 -56.20 7.25
C THR E 212 -26.92 -55.76 6.87
N ALA E 213 -26.79 -54.92 5.85
CA ALA E 213 -25.50 -54.50 5.31
C ALA E 213 -24.48 -54.24 6.42
N SER E 214 -23.35 -54.93 6.32
CA SER E 214 -22.34 -54.90 7.36
C SER E 214 -21.47 -53.65 7.28
N PHE E 215 -20.94 -53.37 6.09
CA PHE E 215 -20.02 -52.23 5.89
C PHE E 215 -20.72 -51.03 5.25
N SER E 216 -20.57 -49.86 5.89
CA SER E 216 -21.09 -48.59 5.38
C SER E 216 -22.52 -48.70 4.84
N PRO E 217 -23.48 -49.03 5.72
CA PRO E 217 -24.84 -49.27 5.28
C PRO E 217 -25.63 -47.99 5.03
N ALA E 218 -26.51 -48.03 4.04
CA ALA E 218 -27.47 -46.96 3.82
C ALA E 218 -28.51 -46.97 4.92
N GLN E 219 -29.35 -45.94 4.96
CA GLN E 219 -30.43 -45.85 5.93
C GLN E 219 -31.74 -45.47 5.27
N GLY E 220 -32.84 -45.91 5.86
CA GLY E 220 -34.18 -45.59 5.37
C GLY E 220 -34.68 -46.51 4.25
N VAL E 221 -33.85 -47.47 3.85
CA VAL E 221 -34.18 -48.36 2.73
C VAL E 221 -34.04 -49.83 3.14
N GLY E 222 -34.88 -50.67 2.54
CA GLY E 222 -34.83 -52.13 2.71
C GLY E 222 -35.14 -52.83 1.40
N VAL E 223 -35.27 -54.16 1.47
CA VAL E 223 -35.56 -54.96 0.28
C VAL E 223 -37.00 -55.49 0.31
N GLN E 224 -37.66 -55.47 -0.85
CA GLN E 224 -39.05 -55.89 -0.97
C GLN E 224 -39.22 -56.68 -2.27
N LEU E 225 -39.80 -57.87 -2.18
CA LEU E 225 -39.93 -58.76 -3.34
C LEU E 225 -41.30 -58.65 -3.99
N THR E 226 -41.35 -58.90 -5.29
CA THR E 226 -42.60 -58.81 -6.05
C THR E 226 -42.70 -59.85 -7.17
N ARG E 227 -43.92 -60.27 -7.46
CA ARG E 227 -44.21 -61.11 -8.63
C ARG E 227 -45.22 -60.40 -9.51
N ASN E 228 -44.91 -60.29 -10.81
CA ASN E 228 -45.69 -59.50 -11.78
C ASN E 228 -45.79 -58.01 -11.43
N GLY E 229 -46.32 -57.72 -10.24
CA GLY E 229 -46.36 -56.36 -9.71
C GLY E 229 -47.14 -56.26 -8.41
N THR E 230 -46.91 -57.23 -7.52
CA THR E 230 -47.63 -57.32 -6.25
C THR E 230 -46.64 -57.63 -5.12
N ILE E 231 -46.75 -56.89 -4.03
CA ILE E 231 -45.86 -57.08 -2.89
C ILE E 231 -46.10 -58.46 -2.29
N ILE E 232 -45.03 -59.19 -2.03
CA ILE E 232 -45.09 -60.51 -1.41
C ILE E 232 -44.58 -60.41 0.02
N PRO E 233 -45.48 -60.50 1.03
CA PRO E 233 -45.05 -60.29 2.40
C PRO E 233 -44.41 -61.52 3.03
N ALA E 234 -43.73 -61.31 4.16
CA ALA E 234 -43.10 -62.40 4.90
C ALA E 234 -44.15 -63.23 5.61
N ASN E 235 -43.81 -64.49 5.89
CA ASN E 235 -44.67 -65.37 6.65
C ASN E 235 -46.07 -65.45 6.06
N ASN E 236 -46.14 -65.61 4.74
CA ASN E 236 -47.40 -65.58 4.02
C ASN E 236 -47.33 -66.46 2.77
N THR E 237 -48.03 -67.59 2.80
CA THR E 237 -47.94 -68.58 1.72
C THR E 237 -48.35 -68.01 0.37
N VAL E 238 -47.48 -68.15 -0.62
CA VAL E 238 -47.76 -67.77 -1.99
C VAL E 238 -47.94 -69.05 -2.79
N SER E 239 -49.08 -69.19 -3.47
CA SER E 239 -49.39 -70.43 -4.18
C SER E 239 -48.90 -70.43 -5.62
N LEU E 240 -48.22 -71.50 -6.02
CA LEU E 240 -47.81 -71.72 -7.42
C LEU E 240 -48.77 -72.68 -8.14
N GLY E 241 -49.70 -73.27 -7.40
CA GLY E 241 -50.66 -74.22 -7.98
C GLY E 241 -50.00 -75.52 -8.41
N ALA E 242 -50.44 -76.04 -9.56
CA ALA E 242 -49.90 -77.29 -10.07
C ALA E 242 -48.47 -77.11 -10.57
N VAL E 243 -47.54 -77.85 -9.97
CA VAL E 243 -46.13 -77.86 -10.38
C VAL E 243 -45.71 -79.30 -10.67
N GLY E 244 -45.04 -79.51 -11.80
CA GLY E 244 -44.69 -80.85 -12.28
C GLY E 244 -43.23 -81.00 -12.63
N THR E 245 -42.93 -81.89 -13.56
CA THR E 245 -41.55 -82.20 -13.96
C THR E 245 -40.87 -81.05 -14.71
N SER E 246 -41.66 -80.19 -15.34
CA SER E 246 -41.12 -79.02 -16.01
C SER E 246 -40.89 -77.90 -14.99
N ALA E 247 -39.69 -77.32 -15.02
CA ALA E 247 -39.31 -76.27 -14.07
C ALA E 247 -40.28 -75.09 -14.14
N VAL E 248 -40.74 -74.65 -12.97
CA VAL E 248 -41.67 -73.52 -12.86
C VAL E 248 -41.00 -72.41 -12.04
N SER E 249 -40.98 -71.20 -12.58
CA SER E 249 -40.39 -70.05 -11.89
C SER E 249 -41.33 -69.52 -10.81
N LEU E 250 -40.77 -69.08 -9.70
CA LEU E 250 -41.56 -68.44 -8.63
C LEU E 250 -41.95 -67.02 -9.04
N GLY E 251 -41.24 -66.48 -10.04
CA GLY E 251 -41.56 -65.19 -10.63
C GLY E 251 -41.15 -64.01 -9.76
N LEU E 252 -40.11 -64.18 -8.96
CA LEU E 252 -39.72 -63.16 -7.99
C LEU E 252 -38.83 -62.08 -8.63
N THR E 253 -39.01 -60.85 -8.15
CA THR E 253 -38.12 -59.73 -8.48
C THR E 253 -37.85 -58.91 -7.22
N ALA E 254 -36.60 -58.51 -7.03
CA ALA E 254 -36.19 -57.77 -5.85
C ALA E 254 -36.27 -56.28 -6.11
N ASN E 255 -36.74 -55.53 -5.11
CA ASN E 255 -36.90 -54.08 -5.21
C ASN E 255 -36.42 -53.38 -3.94
N TYR E 256 -36.07 -52.11 -4.08
CA TYR E 256 -35.86 -51.25 -2.92
C TYR E 256 -37.22 -50.76 -2.42
N ALA E 257 -37.32 -50.60 -1.11
CA ALA E 257 -38.52 -50.04 -0.50
C ALA E 257 -38.11 -49.23 0.70
N ARG E 258 -38.80 -48.12 0.92
CA ARG E 258 -38.41 -47.14 1.92
C ARG E 258 -39.04 -47.46 3.28
N THR E 259 -38.22 -47.50 4.33
CA THR E 259 -38.70 -47.82 5.67
C THR E 259 -38.76 -46.58 6.56
N GLY E 260 -37.60 -46.07 6.96
CA GLY E 260 -37.51 -44.82 7.73
C GLY E 260 -37.60 -43.60 6.83
N GLY E 261 -37.44 -42.42 7.42
CA GLY E 261 -37.54 -41.16 6.68
C GLY E 261 -36.33 -40.82 5.83
N GLN E 262 -35.33 -40.20 6.46
CA GLN E 262 -34.15 -39.70 5.74
C GLN E 262 -33.33 -40.84 5.15
N VAL E 263 -33.12 -40.79 3.83
CA VAL E 263 -32.38 -41.83 3.12
C VAL E 263 -30.90 -41.48 3.01
N THR E 264 -30.08 -42.10 3.86
CA THR E 264 -28.62 -41.98 3.78
C THR E 264 -28.06 -42.85 2.67
N ALA E 265 -26.95 -42.42 2.08
CA ALA E 265 -26.25 -43.22 1.07
C ALA E 265 -25.46 -44.33 1.75
N GLY E 266 -25.23 -45.43 1.01
CA GLY E 266 -24.53 -46.59 1.53
C GLY E 266 -24.92 -47.90 0.86
N ASN E 267 -24.45 -49.01 1.43
CA ASN E 267 -24.72 -50.33 0.90
C ASN E 267 -26.01 -50.93 1.47
N VAL E 268 -26.61 -51.84 0.70
CA VAL E 268 -27.83 -52.51 1.12
C VAL E 268 -27.68 -54.03 0.95
N GLN E 269 -28.06 -54.79 1.98
CA GLN E 269 -28.06 -56.24 1.91
C GLN E 269 -29.19 -56.84 2.73
N SER E 270 -29.89 -57.80 2.15
CA SER E 270 -30.92 -58.56 2.85
C SER E 270 -30.82 -60.03 2.50
N ILE E 271 -30.93 -60.89 3.51
CA ILE E 271 -30.96 -62.33 3.31
C ILE E 271 -32.38 -62.84 3.55
N ILE E 272 -33.03 -63.29 2.48
CA ILE E 272 -34.41 -63.77 2.53
C ILE E 272 -34.46 -65.28 2.32
N GLY E 273 -35.16 -65.98 3.21
CA GLY E 273 -35.32 -67.43 3.10
C GLY E 273 -36.63 -67.80 2.43
N VAL E 274 -36.57 -68.74 1.50
CA VAL E 274 -37.77 -69.31 0.88
C VAL E 274 -37.97 -70.72 1.40
N THR E 275 -39.19 -71.04 1.80
CA THR E 275 -39.53 -72.39 2.25
C THR E 275 -40.77 -72.86 1.51
N PHE E 276 -40.80 -74.13 1.14
CA PHE E 276 -41.89 -74.70 0.36
C PHE E 276 -42.79 -75.60 1.18
N VAL E 277 -44.06 -75.68 0.77
CA VAL E 277 -45.06 -76.54 1.39
C VAL E 277 -45.97 -77.08 0.29
N TYR E 278 -46.79 -78.07 0.63
CA TYR E 278 -47.77 -78.61 -0.31
C TYR E 278 -49.16 -78.00 -0.07
N GLN E 279 -49.52 -77.03 -0.91
CA GLN E 279 -50.86 -76.42 -0.89
C GLN E 279 -51.25 -75.97 -2.29
N GLY F 1 48.99 45.20 -34.13
CA GLY F 1 48.00 46.28 -34.44
C GLY F 1 46.65 46.01 -33.82
N VAL F 2 45.94 47.09 -33.49
CA VAL F 2 44.64 46.99 -32.83
C VAL F 2 43.48 46.88 -33.81
N ALA F 3 42.58 45.93 -33.54
CA ALA F 3 41.37 45.73 -34.33
C ALA F 3 40.16 45.59 -33.43
N LEU F 4 38.99 45.94 -33.95
CA LEU F 4 37.74 45.78 -33.23
C LEU F 4 37.02 44.55 -33.76
N GLY F 5 36.28 43.87 -32.89
CA GLY F 5 35.56 42.67 -33.26
C GLY F 5 34.21 42.89 -33.93
N ALA F 6 33.92 44.12 -34.35
CA ALA F 6 32.70 44.40 -35.11
C ALA F 6 32.86 45.69 -35.90
N THR F 7 32.07 45.82 -36.97
CA THR F 7 32.05 47.04 -37.76
C THR F 7 30.89 47.93 -37.32
N ARG F 8 29.93 47.35 -36.61
CA ARG F 8 28.85 48.10 -35.99
C ARG F 8 28.35 47.40 -34.72
N VAL F 9 27.63 48.15 -33.89
CA VAL F 9 27.00 47.57 -32.70
C VAL F 9 25.52 47.94 -32.66
N ILE F 10 24.69 46.93 -32.39
CA ILE F 10 23.26 47.15 -32.21
C ILE F 10 22.97 47.12 -30.71
N TYR F 11 22.43 48.22 -30.19
CA TYR F 11 22.05 48.30 -28.79
C TYR F 11 20.53 48.26 -28.66
N PRO F 12 19.95 47.06 -28.45
CA PRO F 12 18.52 46.97 -28.24
C PRO F 12 18.11 47.61 -26.91
N ALA F 13 17.05 48.41 -26.94
CA ALA F 13 16.55 49.07 -25.73
C ALA F 13 16.22 48.03 -24.68
N GLY F 14 16.55 48.32 -23.43
CA GLY F 14 16.29 47.40 -22.32
C GLY F 14 17.47 46.50 -21.98
N GLN F 15 18.40 46.36 -22.91
CA GLN F 15 19.63 45.62 -22.66
C GLN F 15 20.50 46.40 -21.70
N LYS F 16 20.99 45.71 -20.67
CA LYS F 16 21.77 46.37 -19.63
C LYS F 16 23.19 46.69 -20.08
N GLN F 17 23.76 45.85 -20.94
CA GLN F 17 25.07 46.10 -21.54
C GLN F 17 25.24 45.39 -22.89
N GLU F 18 26.21 45.88 -23.68
CA GLU F 18 26.62 45.23 -24.93
C GLU F 18 28.14 45.18 -24.99
N GLN F 19 28.67 44.16 -25.67
CA GLN F 19 30.11 43.87 -25.66
C GLN F 19 30.81 44.24 -26.98
N LEU F 20 32.05 44.70 -26.89
CA LEU F 20 32.87 44.96 -28.07
C LEU F 20 34.29 44.44 -27.85
N ALA F 21 34.78 43.65 -28.81
CA ALA F 21 36.10 43.03 -28.72
C ALA F 21 37.18 43.95 -29.26
N VAL F 22 38.15 44.27 -28.41
CA VAL F 22 39.32 45.05 -28.82
C VAL F 22 40.55 44.16 -28.73
N THR F 23 41.18 43.89 -29.86
CA THR F 23 42.29 42.93 -29.93
C THR F 23 43.58 43.55 -30.47
N ASN F 24 44.70 43.21 -29.83
CA ASN F 24 46.04 43.55 -30.33
C ASN F 24 46.80 42.28 -30.73
N ASN F 25 47.26 42.23 -31.99
CA ASN F 25 47.98 41.05 -32.50
C ASN F 25 49.51 41.18 -32.48
N ASP F 26 50.03 42.41 -32.43
CA ASP F 26 51.48 42.62 -32.37
C ASP F 26 52.00 42.44 -30.95
N GLU F 27 52.79 41.38 -30.73
CA GLU F 27 53.31 41.08 -29.38
C GLU F 27 54.44 42.00 -28.93
N ASN F 28 54.90 42.90 -29.81
CA ASN F 28 55.96 43.85 -29.47
C ASN F 28 55.44 45.28 -29.28
N SER F 29 54.13 45.45 -29.26
CA SER F 29 53.50 46.75 -29.10
C SER F 29 52.78 46.86 -27.75
N THR F 30 52.69 48.08 -27.23
CA THR F 30 51.86 48.39 -26.08
C THR F 30 51.08 49.67 -26.35
N TYR F 31 49.76 49.59 -26.24
CA TYR F 31 48.88 50.74 -26.47
C TYR F 31 48.10 51.10 -25.21
N LEU F 32 47.78 52.37 -25.07
CA LEU F 32 46.75 52.83 -24.16
C LEU F 32 45.46 52.88 -24.93
N ILE F 33 44.46 52.13 -24.48
CA ILE F 33 43.16 52.12 -25.15
C ILE F 33 42.18 53.00 -24.41
N GLN F 34 41.58 53.92 -25.15
CA GLN F 34 40.68 54.94 -24.61
C GLN F 34 39.39 54.94 -25.43
N SER F 35 38.26 54.62 -24.80
CA SER F 35 37.01 54.45 -25.53
C SER F 35 35.90 55.38 -25.04
N TRP F 36 35.04 55.80 -25.96
CA TRP F 36 33.91 56.68 -25.65
C TRP F 36 32.87 56.69 -26.78
N VAL F 37 31.62 57.00 -26.44
CA VAL F 37 30.55 57.12 -27.42
C VAL F 37 30.27 58.58 -27.75
N GLU F 38 29.93 58.86 -29.00
CA GLU F 38 29.52 60.19 -29.44
C GLU F 38 28.13 60.13 -30.07
N ASN F 39 27.38 61.22 -29.95
CA ASN F 39 26.09 61.35 -30.63
C ASN F 39 26.27 61.58 -32.13
N ALA F 40 25.15 61.67 -32.85
CA ALA F 40 25.20 61.91 -34.30
C ALA F 40 26.05 63.14 -34.67
N ASP F 41 26.05 64.16 -33.81
CA ASP F 41 26.78 65.40 -34.06
C ASP F 41 28.19 65.43 -33.46
N GLY F 42 28.72 64.26 -33.07
CA GLY F 42 30.12 64.13 -32.65
C GLY F 42 30.48 64.64 -31.26
N VAL F 43 29.50 64.74 -30.36
CA VAL F 43 29.73 65.17 -28.99
C VAL F 43 29.60 64.01 -28.01
N LYS F 44 30.51 63.95 -27.04
CA LYS F 44 30.50 62.90 -26.03
C LYS F 44 29.37 63.22 -25.05
N ASP F 45 28.12 62.98 -25.47
CA ASP F 45 26.96 63.38 -24.66
C ASP F 45 26.74 62.53 -23.41
N GLY F 46 27.41 61.38 -23.34
CA GLY F 46 27.39 60.54 -22.14
C GLY F 46 26.09 59.79 -21.89
N ARG F 47 25.31 59.56 -22.94
CA ARG F 47 24.09 58.75 -22.83
C ARG F 47 24.49 57.30 -22.78
N PHE F 48 25.70 57.01 -23.25
CA PHE F 48 26.29 55.68 -23.15
C PHE F 48 27.63 55.74 -22.41
N ILE F 49 27.90 54.71 -21.62
CA ILE F 49 29.12 54.61 -20.86
C ILE F 49 29.93 53.47 -21.41
N VAL F 50 31.25 53.64 -21.49
CA VAL F 50 32.15 52.54 -21.86
C VAL F 50 33.03 52.19 -20.68
N THR F 51 33.08 50.91 -20.34
CA THR F 51 33.98 50.44 -19.30
C THR F 51 34.73 49.20 -19.76
N PRO F 52 36.06 49.17 -19.58
CA PRO F 52 36.89 50.22 -18.99
C PRO F 52 37.13 51.36 -19.97
N PRO F 53 37.02 52.61 -19.50
CA PRO F 53 37.23 53.77 -20.36
C PRO F 53 38.68 53.96 -20.77
N LEU F 54 39.60 53.49 -19.93
CA LEU F 54 41.02 53.60 -20.18
C LEU F 54 41.72 52.36 -19.62
N PHE F 55 42.48 51.67 -20.47
CA PHE F 55 43.33 50.57 -20.02
C PHE F 55 44.56 50.40 -20.92
N ALA F 56 45.47 49.52 -20.51
CA ALA F 56 46.72 49.29 -21.22
C ALA F 56 46.78 47.85 -21.73
N MET F 57 46.91 47.70 -23.05
CA MET F 57 47.22 46.40 -23.62
C MET F 57 48.74 46.28 -23.76
N LYS F 58 49.34 45.38 -22.97
CA LYS F 58 50.74 45.06 -23.09
C LYS F 58 50.86 43.80 -23.96
N GLY F 59 51.29 43.99 -25.20
CA GLY F 59 51.55 42.89 -26.11
C GLY F 59 50.30 42.27 -26.73
N LYS F 60 50.42 41.00 -27.11
CA LYS F 60 49.36 40.29 -27.82
C LYS F 60 48.24 39.93 -26.83
N LYS F 61 47.08 40.56 -27.00
CA LYS F 61 46.04 40.56 -25.96
C LYS F 61 44.66 40.82 -26.55
N GLU F 62 43.63 40.27 -25.88
CA GLU F 62 42.24 40.63 -26.16
C GLU F 62 41.55 41.10 -24.89
N ASN F 63 40.79 42.18 -24.99
CA ASN F 63 39.98 42.67 -23.90
C ASN F 63 38.64 43.15 -24.42
N THR F 64 37.57 42.71 -23.78
CA THR F 64 36.23 43.08 -24.19
C THR F 64 35.79 44.36 -23.50
N LEU F 65 35.41 45.36 -24.29
CA LEU F 65 34.81 46.57 -23.75
C LEU F 65 33.34 46.32 -23.51
N ARG F 66 32.75 47.12 -22.62
CA ARG F 66 31.32 47.04 -22.34
C ARG F 66 30.68 48.40 -22.43
N ILE F 67 29.62 48.48 -23.24
CA ILE F 67 28.89 49.71 -23.49
C ILE F 67 27.58 49.65 -22.70
N LEU F 68 27.36 50.64 -21.83
CA LEU F 68 26.18 50.67 -20.95
C LEU F 68 25.21 51.79 -21.32
N ASP F 69 23.92 51.44 -21.39
CA ASP F 69 22.85 52.41 -21.60
C ASP F 69 22.70 53.29 -20.37
N ALA F 70 22.78 54.59 -20.60
CA ALA F 70 22.58 55.58 -19.54
C ALA F 70 21.59 56.67 -19.99
N THR F 71 20.70 56.31 -20.91
CA THR F 71 19.76 57.27 -21.50
C THR F 71 18.50 57.44 -20.61
N ASN F 72 17.98 56.33 -20.10
CA ASN F 72 16.70 56.33 -19.37
C ASN F 72 15.54 56.72 -20.31
N ASN F 73 15.47 56.03 -21.46
CA ASN F 73 14.40 56.21 -22.46
C ASN F 73 14.24 57.61 -23.08
N GLN F 74 15.33 58.39 -23.13
CA GLN F 74 15.28 59.73 -23.72
C GLN F 74 15.06 59.72 -25.25
N LEU F 75 15.45 58.63 -25.90
CA LEU F 75 15.47 58.55 -27.38
C LEU F 75 14.14 58.09 -27.96
N PRO F 76 13.90 58.34 -29.27
CA PRO F 76 12.65 57.95 -29.93
C PRO F 76 12.42 56.44 -30.02
N GLN F 77 11.15 56.03 -29.98
CA GLN F 77 10.79 54.61 -29.94
C GLN F 77 10.28 54.07 -31.27
N ASP F 78 10.18 54.94 -32.28
CA ASP F 78 9.68 54.54 -33.59
C ASP F 78 10.81 54.22 -34.58
N ARG F 79 12.05 54.57 -34.22
CA ARG F 79 13.18 54.43 -35.13
C ARG F 79 14.52 54.25 -34.40
N GLU F 80 15.54 53.87 -35.17
CA GLU F 80 16.90 53.75 -34.67
C GLU F 80 17.55 55.11 -34.50
N SER F 81 18.43 55.23 -33.51
CA SER F 81 19.21 56.45 -33.29
C SER F 81 20.69 56.17 -33.50
N LEU F 82 21.35 57.07 -34.22
CA LEU F 82 22.74 56.89 -34.59
C LEU F 82 23.65 57.41 -33.50
N PHE F 83 24.65 56.58 -33.15
CA PHE F 83 25.72 56.98 -32.25
C PHE F 83 27.03 56.44 -32.82
N TRP F 84 28.14 56.89 -32.24
CA TRP F 84 29.46 56.52 -32.73
C TRP F 84 30.35 56.02 -31.61
N MET F 85 30.66 54.72 -31.65
CA MET F 85 31.59 54.09 -30.74
C MET F 85 33.01 54.39 -31.24
N ASN F 86 33.85 54.90 -30.35
CA ASN F 86 35.21 55.30 -30.69
C ASN F 86 36.20 54.60 -29.77
N VAL F 87 37.11 53.82 -30.34
CA VAL F 87 38.22 53.23 -29.59
C VAL F 87 39.52 53.82 -30.08
N LYS F 88 40.30 54.41 -29.17
CA LYS F 88 41.54 55.09 -29.52
C LYS F 88 42.73 54.30 -29.00
N ALA F 89 43.64 53.93 -29.91
CA ALA F 89 44.84 53.18 -29.56
C ALA F 89 46.04 54.10 -29.62
N ILE F 90 46.64 54.38 -28.47
CA ILE F 90 47.77 55.29 -28.37
C ILE F 90 49.02 54.49 -27.99
N PRO F 91 50.02 54.44 -28.90
CA PRO F 91 51.21 53.67 -28.57
C PRO F 91 51.99 54.34 -27.45
N SER F 92 52.58 53.54 -26.55
CA SER F 92 53.32 54.09 -25.40
C SER F 92 54.85 54.03 -25.61
N GLU F 100 65.56 60.73 -29.77
CA GLU F 100 64.95 60.41 -31.06
C GLU F 100 63.86 61.42 -31.43
N ASN F 101 63.84 61.82 -32.70
CA ASN F 101 62.90 62.84 -33.19
C ASN F 101 61.86 62.24 -34.11
N THR F 102 60.68 61.93 -33.56
CA THR F 102 59.67 61.14 -34.26
C THR F 102 58.25 61.65 -34.10
N LEU F 103 57.45 61.51 -35.16
CA LEU F 103 56.02 61.72 -35.11
C LEU F 103 55.38 60.41 -34.65
N GLN F 104 54.54 60.49 -33.63
CA GLN F 104 53.85 59.32 -33.09
C GLN F 104 52.38 59.38 -33.51
N LEU F 105 51.86 58.28 -34.02
CA LEU F 105 50.46 58.22 -34.48
C LEU F 105 49.59 57.38 -33.56
N ALA F 106 48.35 57.82 -33.36
CA ALA F 106 47.35 57.08 -32.59
C ALA F 106 46.14 56.82 -33.48
N ILE F 107 45.56 55.63 -33.34
CA ILE F 107 44.48 55.21 -34.22
C ILE F 107 43.14 55.24 -33.50
N ILE F 108 42.16 55.92 -34.08
CA ILE F 108 40.79 55.88 -33.58
C ILE F 108 39.95 55.02 -34.51
N SER F 109 39.65 53.81 -34.09
CA SER F 109 38.66 52.99 -34.78
C SER F 109 37.28 53.47 -34.36
N ARG F 110 36.44 53.77 -35.35
CA ARG F 110 35.18 54.45 -35.12
C ARG F 110 34.07 53.68 -35.85
N ILE F 111 33.12 53.14 -35.07
CA ILE F 111 32.05 52.32 -35.65
C ILE F 111 30.67 52.80 -35.22
N LYS F 112 29.69 52.47 -36.05
CA LYS F 112 28.30 52.85 -35.80
C LYS F 112 27.75 52.10 -34.59
N LEU F 113 27.03 52.83 -33.74
CA LEU F 113 26.29 52.26 -32.63
C LEU F 113 24.83 52.64 -32.81
N TYR F 114 23.98 51.66 -33.10
CA TYR F 114 22.55 51.90 -33.31
C TYR F 114 21.73 51.56 -32.06
N TYR F 115 21.03 52.56 -31.52
CA TYR F 115 20.02 52.31 -30.49
C TYR F 115 18.76 51.82 -31.19
N ARG F 116 18.29 50.65 -30.78
CA ARG F 116 17.14 50.02 -31.43
C ARG F 116 16.04 49.81 -30.39
N PRO F 117 14.92 50.55 -30.52
CA PRO F 117 13.85 50.38 -29.53
C PRO F 117 13.14 49.03 -29.62
N ALA F 118 12.51 48.63 -28.51
CA ALA F 118 11.84 47.34 -28.43
C ALA F 118 10.57 47.31 -29.27
N LYS F 119 10.14 46.10 -29.63
CA LYS F 119 8.98 45.86 -30.49
C LYS F 119 8.74 46.90 -31.61
N LEU F 120 9.61 46.90 -32.61
CA LEU F 120 9.37 47.65 -33.85
C LEU F 120 8.49 46.81 -34.76
N ALA F 121 7.80 47.47 -35.69
CA ALA F 121 6.86 46.79 -36.60
C ALA F 121 7.57 45.76 -37.49
N LEU F 122 8.48 46.24 -38.32
CA LEU F 122 9.17 45.39 -39.30
C LEU F 122 10.39 44.71 -38.67
N PRO F 123 10.58 43.40 -38.94
CA PRO F 123 11.83 42.74 -38.58
C PRO F 123 13.05 43.27 -39.34
N PRO F 124 14.23 43.31 -38.69
CA PRO F 124 15.45 43.85 -39.30
C PRO F 124 15.85 43.20 -40.62
N ASP F 125 15.62 41.90 -40.75
CA ASP F 125 16.03 41.15 -41.93
C ASP F 125 15.19 41.47 -43.18
N GLN F 126 14.03 42.08 -42.99
CA GLN F 126 13.15 42.46 -44.10
C GLN F 126 13.29 43.95 -44.47
N ALA F 127 14.34 44.59 -43.96
CA ALA F 127 14.55 46.02 -44.17
C ALA F 127 15.11 46.34 -45.55
N ALA F 128 15.98 45.46 -46.06
CA ALA F 128 16.63 45.68 -47.34
C ALA F 128 15.64 45.69 -48.51
N GLU F 129 14.66 44.80 -48.46
CA GLU F 129 13.64 44.72 -49.52
C GLU F 129 12.85 46.01 -49.73
N LYS F 130 12.60 46.75 -48.65
CA LYS F 130 11.70 47.92 -48.70
C LYS F 130 12.34 49.20 -49.27
N LEU F 131 13.63 49.14 -49.58
CA LEU F 131 14.34 50.30 -50.12
C LEU F 131 13.82 50.67 -51.50
N ARG F 132 13.52 51.95 -51.69
CA ARG F 132 13.04 52.47 -52.98
C ARG F 132 13.99 53.55 -53.51
N PHE F 133 13.87 53.84 -54.79
CA PHE F 133 14.76 54.80 -55.47
C PHE F 133 13.99 55.86 -56.26
N ARG F 134 14.71 56.90 -56.67
CA ARG F 134 14.16 57.99 -57.47
C ARG F 134 15.25 58.61 -58.33
N ARG F 135 15.16 58.41 -59.64
CA ARG F 135 16.15 58.92 -60.59
C ARG F 135 15.75 60.30 -61.11
N SER F 136 16.73 61.16 -61.31
CA SER F 136 16.48 62.52 -61.79
C SER F 136 17.74 63.21 -62.34
N ALA F 137 17.88 63.17 -63.67
CA ALA F 137 18.94 63.91 -64.40
C ALA F 137 20.35 63.37 -64.12
N ASN F 138 21.03 63.93 -63.12
CA ASN F 138 22.40 63.55 -62.77
C ASN F 138 22.55 63.19 -61.28
N SER F 139 21.50 62.61 -60.71
CA SER F 139 21.54 62.14 -59.32
C SER F 139 20.48 61.09 -59.05
N LEU F 140 20.69 60.30 -58.01
CA LEU F 140 19.78 59.25 -57.60
C LEU F 140 19.45 59.40 -56.12
N THR F 141 18.17 59.34 -55.78
CA THR F 141 17.72 59.49 -54.40
C THR F 141 17.15 58.18 -53.86
N LEU F 142 17.78 57.68 -52.80
CA LEU F 142 17.35 56.46 -52.13
C LEU F 142 16.35 56.82 -51.03
N ILE F 143 15.29 56.03 -50.91
CA ILE F 143 14.20 56.31 -49.98
C ILE F 143 14.02 55.13 -49.03
N ASN F 144 14.18 55.40 -47.73
CA ASN F 144 14.10 54.37 -46.69
C ASN F 144 12.84 54.56 -45.85
N PRO F 145 11.80 53.73 -46.07
CA PRO F 145 10.60 53.81 -45.26
C PRO F 145 10.74 53.15 -43.90
N THR F 146 11.74 52.28 -43.75
CA THR F 146 11.86 51.44 -42.55
C THR F 146 12.32 52.24 -41.33
N PRO F 147 12.15 51.66 -40.12
CA PRO F 147 12.71 52.25 -38.91
C PRO F 147 14.23 52.02 -38.73
N TYR F 148 14.85 51.25 -39.62
CA TYR F 148 16.26 50.90 -39.49
C TYR F 148 17.15 51.73 -40.41
N TYR F 149 18.30 52.14 -39.89
CA TYR F 149 19.35 52.72 -40.71
C TYR F 149 19.84 51.66 -41.68
N LEU F 150 19.83 51.96 -42.97
CA LEU F 150 20.33 51.05 -43.99
C LEU F 150 21.68 51.53 -44.50
N THR F 151 22.69 50.70 -44.31
CA THR F 151 24.01 50.97 -44.85
C THR F 151 24.09 50.32 -46.22
N VAL F 152 23.85 51.09 -47.27
CA VAL F 152 23.76 50.56 -48.62
C VAL F 152 25.10 50.64 -49.34
N THR F 153 25.49 49.54 -49.97
CA THR F 153 26.77 49.42 -50.65
C THR F 153 26.60 48.65 -51.97
N GLU F 154 27.65 48.63 -52.78
CA GLU F 154 27.61 48.04 -54.12
C GLU F 154 26.40 48.52 -54.93
N LEU F 155 26.16 49.82 -54.88
CA LEU F 155 25.08 50.45 -55.62
C LEU F 155 25.53 50.71 -57.06
N ASN F 156 24.92 49.99 -58.02
CA ASN F 156 25.25 50.13 -59.44
C ASN F 156 24.03 50.45 -60.30
N ALA F 157 24.15 51.47 -61.15
CA ALA F 157 23.13 51.79 -62.15
C ALA F 157 23.59 51.22 -63.49
N GLY F 158 23.06 50.07 -63.86
CA GLY F 158 23.54 49.34 -65.03
C GLY F 158 24.88 48.69 -64.74
N THR F 159 25.96 49.32 -65.22
CA THR F 159 27.33 48.86 -64.96
C THR F 159 28.18 49.95 -64.30
N ARG F 160 27.53 51.00 -63.82
CA ARG F 160 28.22 52.14 -63.20
C ARG F 160 28.24 52.01 -61.67
N VAL F 161 29.44 51.91 -61.11
CA VAL F 161 29.62 51.80 -59.66
C VAL F 161 29.43 53.17 -59.00
N LEU F 162 28.26 53.38 -58.40
CA LEU F 162 27.96 54.63 -57.69
C LEU F 162 28.53 54.62 -56.29
N GLU F 163 28.51 55.79 -55.64
CA GLU F 163 28.96 55.91 -54.26
C GLU F 163 28.06 55.14 -53.30
N ASN F 164 28.63 54.77 -52.15
CA ASN F 164 27.88 54.15 -51.07
C ASN F 164 27.03 55.21 -50.36
N ALA F 165 26.04 54.78 -49.59
CA ALA F 165 25.10 55.71 -48.95
C ALA F 165 24.50 55.16 -47.67
N LEU F 166 24.50 55.98 -46.63
CA LEU F 166 23.83 55.67 -45.37
C LEU F 166 22.45 56.34 -45.36
N VAL F 167 21.40 55.54 -45.49
CA VAL F 167 20.04 56.07 -45.64
C VAL F 167 19.29 55.95 -44.31
N PRO F 168 18.99 57.09 -43.66
CA PRO F 168 18.40 57.07 -42.33
C PRO F 168 16.96 56.58 -42.31
N PRO F 169 16.45 56.20 -41.12
CA PRO F 169 15.08 55.71 -41.00
C PRO F 169 14.07 56.74 -41.45
N MET F 170 13.08 56.33 -42.25
CA MET F 170 12.03 57.23 -42.72
C MET F 170 12.64 58.52 -43.29
N GLY F 171 13.65 58.34 -44.15
CA GLY F 171 14.44 59.46 -44.66
C GLY F 171 15.08 59.15 -46.00
N GLU F 172 16.00 60.02 -46.42
CA GLU F 172 16.57 59.94 -47.77
C GLU F 172 18.05 60.28 -47.80
N SER F 173 18.71 59.77 -48.85
CA SER F 173 20.08 60.16 -49.19
C SER F 173 20.19 60.24 -50.70
N THR F 174 21.15 61.05 -51.17
CA THR F 174 21.36 61.24 -52.60
C THR F 174 22.83 61.04 -52.97
N VAL F 175 23.08 60.43 -54.13
CA VAL F 175 24.43 60.26 -54.64
C VAL F 175 24.53 60.71 -56.11
N LYS F 176 25.76 60.97 -56.55
CA LYS F 176 26.05 61.29 -57.95
C LYS F 176 25.53 60.22 -58.91
N LEU F 177 25.25 60.61 -60.15
CA LEU F 177 24.75 59.70 -61.17
C LEU F 177 25.13 60.17 -62.58
N PRO F 178 25.91 59.36 -63.33
CA PRO F 178 26.12 59.65 -64.75
C PRO F 178 24.90 59.25 -65.60
N SER F 179 24.69 59.93 -66.72
CA SER F 179 23.61 59.58 -67.65
C SER F 179 23.89 58.26 -68.36
N ASP F 180 25.17 57.98 -68.62
CA ASP F 180 25.62 56.68 -69.11
C ASP F 180 25.47 55.60 -68.03
N ALA F 181 24.24 55.14 -67.83
CA ALA F 181 23.93 54.14 -66.82
C ALA F 181 22.55 53.53 -67.08
N GLY F 182 22.47 52.20 -67.10
CA GLY F 182 21.22 51.49 -67.32
C GLY F 182 20.18 51.81 -66.26
N SER F 183 18.91 51.74 -66.64
CA SER F 183 17.79 52.09 -65.74
C SER F 183 17.53 51.02 -64.65
N ASN F 184 18.13 49.84 -64.81
CA ASN F 184 18.07 48.80 -63.76
C ASN F 184 19.15 49.04 -62.70
N ILE F 185 18.73 49.01 -61.43
CA ILE F 185 19.60 49.38 -60.31
C ILE F 185 19.79 48.22 -59.35
N THR F 186 21.05 47.82 -59.15
CA THR F 186 21.40 46.79 -58.18
C THR F 186 22.03 47.44 -56.95
N TYR F 187 21.86 46.78 -55.80
CA TYR F 187 22.45 47.25 -54.54
C TYR F 187 22.58 46.12 -53.52
N ARG F 188 23.33 46.40 -52.45
CA ARG F 188 23.44 45.49 -51.31
C ARG F 188 23.51 46.31 -50.03
N THR F 189 23.41 45.65 -48.89
CA THR F 189 23.52 46.32 -47.59
C THR F 189 24.43 45.55 -46.64
N ILE F 190 24.82 46.20 -45.56
CA ILE F 190 25.58 45.58 -44.48
C ILE F 190 24.63 45.31 -43.32
N ASN F 191 24.44 44.03 -42.99
CA ASN F 191 23.50 43.65 -41.93
C ASN F 191 24.07 43.88 -40.53
N ASP F 192 23.35 43.42 -39.51
CA ASP F 192 23.72 43.65 -38.12
C ASP F 192 25.09 43.12 -37.74
N TYR F 193 25.55 42.09 -38.45
CA TYR F 193 26.78 41.39 -38.09
C TYR F 193 27.94 41.72 -39.03
N GLY F 194 27.76 42.74 -39.87
CA GLY F 194 28.82 43.21 -40.75
C GLY F 194 28.84 42.55 -42.11
N ALA F 195 28.12 41.44 -42.27
CA ALA F 195 28.09 40.70 -43.52
C ALA F 195 27.21 41.40 -44.55
N LEU F 196 27.54 41.20 -45.83
CA LEU F 196 26.77 41.76 -46.92
C LEU F 196 25.54 40.91 -47.20
N THR F 197 24.38 41.56 -47.33
CA THR F 197 23.15 40.88 -47.71
C THR F 197 23.20 40.56 -49.22
N PRO F 198 22.32 39.66 -49.69
CA PRO F 198 22.32 39.33 -51.12
C PRO F 198 22.00 40.51 -52.03
N LYS F 199 22.36 40.38 -53.30
CA LYS F 199 22.08 41.39 -54.32
C LYS F 199 20.57 41.54 -54.49
N MET F 200 20.11 42.77 -54.69
CA MET F 200 18.67 43.05 -54.84
CA MET F 200 18.68 43.06 -54.82
C MET F 200 18.41 44.07 -55.94
N THR F 201 17.19 44.05 -56.47
CA THR F 201 16.80 44.92 -57.58
C THR F 201 16.18 46.24 -57.10
N GLY F 202 16.60 47.34 -57.71
CA GLY F 202 16.11 48.67 -57.34
C GLY F 202 14.72 48.95 -57.88
N VAL F 203 13.72 48.75 -57.03
CA VAL F 203 12.33 49.07 -57.36
C VAL F 203 12.11 50.57 -57.16
N MET F 204 11.29 51.19 -58.02
CA MET F 204 11.02 52.62 -57.95
C MET F 204 9.66 52.94 -57.35
N GLU F 205 9.58 54.10 -56.70
CA GLU F 205 8.33 54.63 -56.15
C GLU F 205 8.52 56.12 -55.89
N ALA G 1 19.11 14.17 -18.38
CA ALA G 1 18.29 14.02 -17.14
C ALA G 1 18.46 15.24 -16.24
N ASP G 2 19.67 15.38 -15.68
CA ASP G 2 19.93 16.35 -14.61
C ASP G 2 19.66 17.83 -15.02
N SER G 3 20.66 18.42 -15.68
CA SER G 3 20.86 19.86 -15.65
C SER G 3 21.25 20.40 -17.02
N THR G 4 21.09 21.70 -17.21
CA THR G 4 21.23 22.32 -18.54
C THR G 4 22.38 23.33 -18.63
N ILE G 5 23.14 23.23 -19.72
CA ILE G 5 24.10 24.25 -20.14
C ILE G 5 23.55 25.01 -21.34
N THR G 6 23.64 26.33 -21.31
CA THR G 6 23.28 27.17 -22.45
C THR G 6 24.53 27.86 -23.02
N ILE G 7 24.65 27.86 -24.34
CA ILE G 7 25.80 28.46 -25.01
C ILE G 7 25.37 29.72 -25.77
N ARG G 8 25.98 30.84 -25.40
CA ARG G 8 25.73 32.13 -26.03
C ARG G 8 26.97 32.57 -26.81
N GLY G 9 26.75 33.34 -27.88
CA GLY G 9 27.84 33.94 -28.63
C GLY G 9 27.42 34.55 -29.96
N TYR G 10 28.39 35.14 -30.64
CA TYR G 10 28.18 35.73 -31.96
C TYR G 10 29.33 35.36 -32.89
N VAL G 11 29.07 35.35 -34.18
CA VAL G 11 30.13 35.25 -35.18
C VAL G 11 30.63 36.66 -35.54
N ARG G 12 29.92 37.37 -36.41
CA ARG G 12 30.31 38.73 -36.86
C ARG G 12 31.48 38.77 -37.85
N ASP G 13 31.34 39.63 -38.86
CA ASP G 13 32.42 39.94 -39.79
C ASP G 13 33.22 41.08 -39.17
N ASN G 14 34.53 40.88 -39.01
CA ASN G 14 35.37 41.82 -38.25
C ASN G 14 35.72 43.11 -38.98
N GLY G 15 36.38 44.01 -38.24
CA GLY G 15 36.93 45.23 -38.81
C GLY G 15 38.29 44.98 -39.45
N CYS G 16 39.27 45.78 -39.07
CA CYS G 16 40.64 45.65 -39.58
C CYS G 16 41.65 45.91 -38.48
N SER G 17 42.66 45.05 -38.38
CA SER G 17 43.77 45.31 -37.49
C SER G 17 44.60 46.41 -38.14
N VAL G 18 44.83 47.48 -37.39
CA VAL G 18 45.45 48.68 -37.93
C VAL G 18 46.82 48.89 -37.32
N ALA G 19 47.83 48.94 -38.18
CA ALA G 19 49.20 49.27 -37.79
C ALA G 19 49.61 50.57 -38.48
N ALA G 20 50.04 51.54 -37.68
CA ALA G 20 50.44 52.86 -38.20
C ALA G 20 51.92 53.07 -37.97
N GLU G 21 52.65 53.38 -39.04
CA GLU G 21 54.08 53.60 -38.98
C GLU G 21 54.41 54.96 -38.37
N SER G 22 55.32 54.99 -37.40
CA SER G 22 55.76 56.23 -36.80
C SER G 22 56.89 56.85 -37.62
N THR G 23 56.64 58.05 -38.13
CA THR G 23 57.63 58.76 -38.96
C THR G 23 58.83 59.22 -38.15
N ASN G 24 59.99 59.27 -38.80
CA ASN G 24 61.23 59.66 -38.16
C ASN G 24 61.95 60.76 -38.96
N PHE G 25 62.33 61.84 -38.28
CA PHE G 25 62.93 62.99 -38.93
C PHE G 25 64.43 63.08 -38.67
N THR G 26 65.18 63.38 -39.73
CA THR G 26 66.64 63.49 -39.65
C THR G 26 67.09 64.97 -39.58
N VAL G 27 66.83 65.73 -40.64
CA VAL G 27 67.14 67.17 -40.73
C VAL G 27 68.65 67.54 -40.59
N ASP G 28 69.34 66.94 -39.61
CA ASP G 28 70.80 67.07 -39.44
C ASP G 28 71.21 68.47 -38.91
N LEU G 29 70.30 69.12 -38.17
CA LEU G 29 70.46 70.51 -37.68
C LEU G 29 70.94 71.57 -38.71
N MET G 30 71.12 71.16 -39.97
CA MET G 30 71.73 72.01 -41.01
C MET G 30 70.69 72.47 -42.05
N GLU G 31 69.68 71.64 -42.29
CA GLU G 31 68.48 72.06 -43.03
C GLU G 31 67.84 73.30 -42.40
N ASN G 32 67.99 73.43 -41.08
CA ASN G 32 67.45 74.53 -40.28
C ASN G 32 68.26 75.83 -40.45
N ALA G 33 69.59 75.73 -40.35
CA ALA G 33 70.49 76.86 -40.56
C ALA G 33 70.42 77.37 -42.00
N ALA G 34 70.34 76.44 -42.96
CA ALA G 34 70.20 76.78 -44.38
C ALA G 34 68.73 76.78 -44.83
N LYS G 35 67.81 77.02 -43.89
CA LYS G 35 66.37 77.06 -44.18
C LYS G 35 65.98 78.40 -44.79
N GLN G 36 66.09 79.47 -44.00
CA GLN G 36 65.72 80.84 -44.37
C GLN G 36 64.68 80.95 -45.51
N PHE G 37 65.14 80.72 -46.75
CA PHE G 37 64.31 80.74 -47.98
C PHE G 37 62.98 81.48 -47.82
N ASN G 38 62.04 80.86 -47.13
CA ASN G 38 60.71 81.42 -46.90
C ASN G 38 60.10 80.80 -45.66
N ASN G 39 59.24 81.55 -44.96
CA ASN G 39 58.53 80.99 -43.82
C ASN G 39 57.39 80.06 -44.26
N ILE G 40 56.98 80.16 -45.54
CA ILE G 40 56.00 79.23 -46.12
C ILE G 40 56.71 78.11 -46.92
N GLY G 41 58.05 78.08 -46.84
CA GLY G 41 58.86 77.14 -47.64
C GLY G 41 59.17 75.86 -46.90
N ALA G 42 58.68 74.75 -47.45
CA ALA G 42 58.92 73.42 -46.88
C ALA G 42 59.68 72.55 -47.88
N THR G 43 60.79 73.06 -48.39
CA THR G 43 61.68 72.29 -49.28
C THR G 43 62.46 71.29 -48.43
N THR G 44 61.71 70.50 -47.66
CA THR G 44 62.23 69.47 -46.79
C THR G 44 61.85 68.15 -47.44
N PRO G 45 62.78 67.19 -47.50
CA PRO G 45 62.45 65.94 -48.17
C PRO G 45 61.27 65.25 -47.48
N VAL G 46 60.24 64.95 -48.25
CA VAL G 46 59.07 64.25 -47.72
C VAL G 46 59.51 62.88 -47.17
N VAL G 47 59.12 62.59 -45.93
CA VAL G 47 59.33 61.27 -45.35
C VAL G 47 58.01 60.52 -45.47
N PRO G 48 58.03 59.31 -46.04
CA PRO G 48 56.78 58.59 -46.21
C PRO G 48 56.42 57.81 -44.96
N PHE G 49 55.12 57.54 -44.78
CA PHE G 49 54.68 56.61 -43.74
C PHE G 49 53.41 55.91 -44.18
N ARG G 50 53.23 54.68 -43.73
CA ARG G 50 52.10 53.87 -44.11
C ARG G 50 51.15 53.61 -42.95
N ILE G 51 49.91 53.29 -43.31
CA ILE G 51 48.95 52.74 -42.37
C ILE G 51 48.41 51.44 -42.95
N LEU G 52 48.68 50.33 -42.27
CA LEU G 52 48.39 49.00 -42.79
C LEU G 52 47.12 48.43 -42.16
N LEU G 53 46.10 48.25 -43.00
CA LEU G 53 44.85 47.61 -42.60
C LEU G 53 44.93 46.12 -42.93
N SER G 54 45.48 45.35 -42.01
CA SER G 54 45.65 43.90 -42.21
C SER G 54 45.80 43.15 -40.89
N PRO G 55 45.06 42.03 -40.72
CA PRO G 55 44.08 41.45 -41.62
C PRO G 55 42.76 42.19 -41.59
N CYS G 56 41.87 41.89 -42.54
CA CYS G 56 40.56 42.53 -42.61
C CYS G 56 39.44 41.52 -42.92
N GLY G 57 38.26 41.78 -42.37
CA GLY G 57 37.09 40.97 -42.66
C GLY G 57 36.67 41.10 -44.11
N ASN G 58 35.93 40.11 -44.59
CA ASN G 58 35.55 40.04 -46.01
C ASN G 58 34.41 41.01 -46.40
N ALA G 59 34.00 41.86 -45.47
CA ALA G 59 32.93 42.83 -45.72
C ALA G 59 33.46 44.24 -45.99
N VAL G 60 34.57 44.61 -45.35
CA VAL G 60 35.08 45.98 -45.40
C VAL G 60 35.42 46.42 -46.82
N SER G 61 34.49 47.13 -47.45
CA SER G 61 34.67 47.59 -48.83
C SER G 61 35.18 49.03 -48.92
N ALA G 62 35.00 49.82 -47.86
CA ALA G 62 35.44 51.22 -47.84
C ALA G 62 35.50 51.80 -46.42
N VAL G 63 36.34 52.82 -46.23
CA VAL G 63 36.44 53.51 -44.95
C VAL G 63 36.68 55.02 -45.11
N LYS G 64 36.27 55.79 -44.10
CA LYS G 64 36.54 57.22 -44.02
C LYS G 64 37.71 57.48 -43.09
N VAL G 65 38.81 57.97 -43.65
CA VAL G 65 40.01 58.26 -42.88
C VAL G 65 40.17 59.77 -42.70
N GLY G 66 40.90 60.15 -41.65
CA GLY G 66 41.16 61.56 -41.38
C GLY G 66 42.20 61.74 -40.30
N PHE G 67 42.82 62.91 -40.29
CA PHE G 67 43.84 63.24 -39.28
C PHE G 67 43.37 64.37 -38.40
N THR G 68 43.73 64.31 -37.12
CA THR G 68 43.35 65.33 -36.16
C THR G 68 44.46 65.54 -35.15
N GLY G 69 44.56 66.74 -34.61
CA GLY G 69 45.59 67.07 -33.62
C GLY G 69 45.73 68.55 -33.35
N VAL G 70 46.69 68.91 -32.51
CA VAL G 70 46.94 70.29 -32.15
C VAL G 70 47.56 71.04 -33.34
N ALA G 71 46.80 71.99 -33.89
CA ALA G 71 47.28 72.79 -35.03
C ALA G 71 48.33 73.80 -34.58
N ASP G 72 49.13 74.28 -35.52
CA ASP G 72 50.19 75.25 -35.21
C ASP G 72 49.58 76.63 -34.99
N SER G 73 50.12 77.35 -34.02
CA SER G 73 49.66 78.70 -33.70
C SER G 73 49.90 79.66 -34.87
N HIS G 74 51.12 79.63 -35.41
CA HIS G 74 51.53 80.55 -36.48
C HIS G 74 50.97 80.17 -37.86
N ASN G 75 50.43 78.96 -37.98
CA ASN G 75 49.86 78.46 -39.25
C ASN G 75 48.83 77.36 -38.98
N ALA G 76 47.56 77.63 -39.27
CA ALA G 76 46.46 76.71 -38.95
C ALA G 76 46.56 75.37 -39.71
N ASN G 77 46.99 75.42 -40.98
CA ASN G 77 47.00 74.25 -41.87
C ASN G 77 47.76 73.03 -41.34
N LEU G 78 48.94 73.26 -40.79
CA LEU G 78 49.86 72.17 -40.43
C LEU G 78 49.87 71.85 -38.93
N LEU G 79 50.51 70.74 -38.59
CA LEU G 79 50.49 70.19 -37.22
C LEU G 79 51.54 70.86 -36.35
N ALA G 80 51.24 71.01 -35.06
CA ALA G 80 52.12 71.73 -34.12
C ALA G 80 53.11 70.80 -33.46
N LEU G 81 54.29 71.33 -33.16
CA LEU G 81 55.34 70.59 -32.46
C LEU G 81 55.19 70.75 -30.95
N GLU G 82 55.62 69.73 -30.20
CA GLU G 82 55.49 69.73 -28.75
C GLU G 82 56.41 70.77 -28.11
N ASN G 83 55.80 71.82 -27.58
CA ASN G 83 56.53 72.94 -26.98
C ASN G 83 57.10 72.58 -25.61
N THR G 84 58.42 72.35 -25.56
CA THR G 84 59.14 72.09 -24.32
C THR G 84 60.40 72.97 -24.27
N VAL G 85 61.24 72.77 -23.25
CA VAL G 85 62.49 73.52 -23.10
C VAL G 85 63.50 73.25 -24.22
N SER G 86 63.53 72.00 -24.70
CA SER G 86 64.53 71.56 -25.69
C SER G 86 64.00 71.49 -27.12
N ALA G 87 62.72 71.82 -27.31
CA ALA G 87 62.08 71.71 -28.63
C ALA G 87 62.55 72.83 -29.55
N ALA G 88 62.52 72.56 -30.86
CA ALA G 88 62.79 73.57 -31.87
C ALA G 88 61.63 74.55 -31.97
N ALA G 89 61.83 75.65 -32.69
CA ALA G 89 60.78 76.66 -32.87
C ALA G 89 60.66 77.08 -34.32
N GLY G 90 59.46 77.51 -34.71
CA GLY G 90 59.22 78.04 -36.05
C GLY G 90 59.03 77.01 -37.14
N LEU G 91 58.65 75.79 -36.76
CA LEU G 91 58.44 74.69 -37.71
C LEU G 91 57.25 73.81 -37.33
N GLY G 92 56.32 73.64 -38.26
CA GLY G 92 55.18 72.75 -38.09
C GLY G 92 55.20 71.64 -39.13
N ILE G 93 54.60 70.50 -38.80
CA ILE G 93 54.62 69.32 -39.67
C ILE G 93 53.42 69.32 -40.61
N GLN G 94 53.69 69.35 -41.91
CA GLN G 94 52.62 69.24 -42.91
C GLN G 94 52.43 67.77 -43.29
N LEU G 95 51.16 67.35 -43.38
CA LEU G 95 50.82 66.00 -43.79
C LEU G 95 50.29 66.02 -45.21
N LEU G 96 50.82 65.11 -46.03
CA LEU G 96 50.46 65.04 -47.43
C LEU G 96 49.97 63.64 -47.79
N ASN G 97 48.96 63.57 -48.65
CA ASN G 97 48.44 62.29 -49.10
C ASN G 97 49.26 61.74 -50.28
N GLU G 98 48.79 60.65 -50.86
CA GLU G 98 49.52 59.96 -51.93
C GLU G 98 49.82 60.87 -53.13
N GLN G 99 48.88 61.77 -53.45
CA GLN G 99 49.04 62.71 -54.57
C GLN G 99 49.90 63.94 -54.21
N GLN G 100 50.50 63.94 -53.02
CA GLN G 100 51.26 65.09 -52.51
C GLN G 100 50.41 66.35 -52.28
N ASN G 101 49.10 66.18 -52.13
CA ASN G 101 48.23 67.27 -51.70
C ASN G 101 48.22 67.33 -50.17
N GLN G 102 48.02 68.53 -49.63
CA GLN G 102 47.96 68.72 -48.19
C GLN G 102 46.71 68.05 -47.62
N ILE G 103 46.90 67.35 -46.50
CA ILE G 103 45.77 66.75 -45.80
C ILE G 103 45.16 67.81 -44.90
N PRO G 104 43.82 67.97 -44.95
CA PRO G 104 43.16 68.95 -44.11
C PRO G 104 43.16 68.49 -42.65
N LEU G 105 43.96 69.15 -41.82
CA LEU G 105 44.02 68.82 -40.40
C LEU G 105 42.72 69.23 -39.70
N ASN G 106 42.20 68.34 -38.85
CA ASN G 106 40.99 68.58 -38.07
C ASN G 106 39.74 68.90 -38.91
N ALA G 107 39.60 68.21 -40.04
CA ALA G 107 38.39 68.34 -40.85
C ALA G 107 37.24 67.55 -40.20
N PRO G 108 35.99 67.96 -40.46
CA PRO G 108 34.82 67.18 -40.02
C PRO G 108 34.51 66.03 -40.99
N SER G 109 33.79 65.02 -40.49
CA SER G 109 33.48 63.81 -41.27
C SER G 109 32.80 64.09 -42.61
N SER G 110 31.98 65.13 -42.64
CA SER G 110 31.27 65.56 -43.85
C SER G 110 32.22 66.08 -44.95
N ALA G 111 33.38 66.58 -44.55
CA ALA G 111 34.40 67.04 -45.49
C ALA G 111 35.25 65.90 -46.06
N LEU G 112 35.23 64.72 -45.43
CA LEU G 112 36.10 63.60 -45.81
C LEU G 112 35.47 62.69 -46.86
N SER G 113 36.31 61.97 -47.59
CA SER G 113 35.89 61.11 -48.69
C SER G 113 36.06 59.63 -48.36
N TRP G 114 35.28 58.79 -49.02
CA TRP G 114 35.37 57.35 -48.82
C TRP G 114 36.54 56.75 -49.61
N THR G 115 37.61 56.41 -48.91
CA THR G 115 38.71 55.63 -49.48
C THR G 115 38.27 54.17 -49.61
N THR G 116 38.24 53.66 -50.83
CA THR G 116 37.81 52.28 -51.08
C THR G 116 38.93 51.28 -50.78
N LEU G 117 38.55 50.07 -50.39
CA LEU G 117 39.49 49.01 -50.03
C LEU G 117 39.13 47.71 -50.73
N THR G 118 40.13 46.87 -50.95
CA THR G 118 39.93 45.55 -51.55
C THR G 118 39.55 44.58 -50.43
N PRO G 119 38.32 44.02 -50.49
CA PRO G 119 37.86 43.15 -49.41
C PRO G 119 38.72 41.89 -49.23
N GLY G 120 38.93 41.46 -47.99
CA GLY G 120 39.69 40.26 -47.70
C GLY G 120 41.20 40.48 -47.71
N LYS G 121 41.70 40.90 -48.87
CA LYS G 121 43.13 41.22 -49.03
C LYS G 121 43.55 42.38 -48.13
N PRO G 122 44.83 42.42 -47.72
CA PRO G 122 45.33 43.52 -46.91
C PRO G 122 45.45 44.79 -47.74
N ASN G 123 45.31 45.95 -47.10
CA ASN G 123 45.37 47.24 -47.79
C ASN G 123 46.40 48.16 -47.16
N THR G 124 47.06 48.95 -48.00
CA THR G 124 48.05 49.91 -47.56
C THR G 124 47.61 51.32 -47.95
N LEU G 125 47.63 52.21 -46.97
CA LEU G 125 47.39 53.63 -47.21
C LEU G 125 48.71 54.38 -47.01
N ASN G 126 49.06 55.20 -47.99
CA ASN G 126 50.33 55.90 -47.99
C ASN G 126 50.17 57.39 -47.79
N PHE G 127 51.07 57.95 -46.99
CA PHE G 127 51.09 59.38 -46.71
C PHE G 127 52.53 59.84 -46.64
N TYR G 128 52.72 61.16 -46.63
CA TYR G 128 54.05 61.74 -46.39
C TYR G 128 53.94 62.83 -45.33
N ALA G 129 55.01 63.00 -44.56
CA ALA G 129 55.11 64.07 -43.59
C ALA G 129 56.39 64.85 -43.84
N ARG G 130 56.33 66.17 -43.68
CA ARG G 130 57.52 67.02 -43.78
C ARG G 130 57.39 68.25 -42.92
N LEU G 131 58.53 68.84 -42.56
CA LEU G 131 58.58 70.07 -41.79
C LEU G 131 58.47 71.27 -42.74
N MET G 132 57.68 72.27 -42.33
CA MET G 132 57.52 73.51 -43.08
C MET G 132 57.83 74.70 -42.17
N ALA G 133 58.31 75.79 -42.77
CA ALA G 133 58.68 76.98 -42.02
C ALA G 133 57.43 77.78 -41.60
N THR G 134 57.41 78.21 -40.35
CA THR G 134 56.43 79.18 -39.87
C THR G 134 57.08 80.46 -39.36
N GLN G 135 58.41 80.43 -39.15
CA GLN G 135 59.16 81.61 -38.74
C GLN G 135 60.51 81.67 -39.44
N VAL G 136 61.03 82.88 -39.58
CA VAL G 136 62.40 83.11 -40.03
C VAL G 136 63.08 84.05 -39.02
N PRO G 137 64.18 83.58 -38.38
CA PRO G 137 64.86 82.30 -38.57
C PRO G 137 64.15 81.16 -37.82
N VAL G 138 64.74 79.97 -37.89
CA VAL G 138 64.28 78.80 -37.16
C VAL G 138 65.33 78.45 -36.11
N THR G 139 64.89 78.18 -34.88
CA THR G 139 65.79 77.69 -33.83
C THR G 139 65.75 76.16 -33.78
N ALA G 140 66.92 75.55 -33.55
CA ALA G 140 67.05 74.10 -33.57
C ALA G 140 66.63 73.49 -32.23
N GLY G 141 66.69 72.16 -32.14
CA GLY G 141 66.30 71.41 -30.95
C GLY G 141 65.58 70.13 -31.31
N HIS G 142 64.94 69.50 -30.32
CA HIS G 142 64.23 68.25 -30.54
C HIS G 142 62.93 68.47 -31.32
N ILE G 143 62.57 67.49 -32.15
CA ILE G 143 61.34 67.53 -32.94
C ILE G 143 60.52 66.27 -32.68
N ASN G 144 59.62 66.36 -31.70
CA ASN G 144 58.64 65.32 -31.46
C ASN G 144 57.24 65.90 -31.60
N ALA G 145 56.36 65.13 -32.23
CA ALA G 145 54.96 65.53 -32.40
C ALA G 145 54.06 64.33 -32.17
N THR G 146 52.76 64.60 -32.10
CA THR G 146 51.78 63.56 -31.83
C THR G 146 50.48 63.89 -32.54
N ALA G 147 49.94 62.92 -33.28
CA ALA G 147 48.73 63.14 -34.08
C ALA G 147 47.85 61.91 -34.03
N THR G 148 46.57 62.07 -34.38
CA THR G 148 45.62 60.96 -34.32
C THR G 148 45.01 60.68 -35.68
N PHE G 149 45.15 59.43 -36.11
CA PHE G 149 44.57 58.95 -37.36
C PHE G 149 43.21 58.31 -37.05
N THR G 150 42.17 58.76 -37.74
CA THR G 150 40.81 58.31 -37.49
C THR G 150 40.35 57.41 -38.62
N LEU G 151 39.74 56.29 -38.27
CA LEU G 151 39.31 55.30 -39.24
C LEU G 151 37.85 54.95 -38.99
N GLU G 152 36.97 55.49 -39.84
CA GLU G 152 35.54 55.25 -39.71
C GLU G 152 35.10 54.15 -40.66
N TYR G 153 34.38 53.17 -40.13
CA TYR G 153 33.91 52.05 -40.92
C TYR G 153 32.52 52.29 -41.46
N GLN G 154 32.27 51.74 -42.64
CA GLN G 154 30.96 51.80 -43.27
C GLN G 154 30.01 50.88 -42.51
N ALA H 1 13.93 -19.01 17.67
CA ALA H 1 14.90 -19.32 18.76
C ALA H 1 15.86 -20.45 18.37
N ASP H 2 15.44 -21.32 17.46
CA ASP H 2 16.24 -22.49 17.05
C ASP H 2 17.45 -22.11 16.22
N SER H 3 17.23 -21.23 15.23
CA SER H 3 18.32 -20.75 14.39
C SER H 3 18.10 -19.30 13.96
N THR H 4 19.21 -18.62 13.68
CA THR H 4 19.23 -17.19 13.40
C THR H 4 20.05 -16.87 12.14
N ILE H 5 19.49 -16.03 11.28
CA ILE H 5 20.24 -15.47 10.16
C ILE H 5 20.44 -13.99 10.43
N THR H 6 21.68 -13.60 10.74
CA THR H 6 22.02 -12.20 11.01
C THR H 6 22.64 -11.56 9.76
N ILE H 7 21.92 -10.57 9.22
CA ILE H 7 22.33 -9.87 8.01
C ILE H 7 23.02 -8.55 8.38
N ARG H 8 24.07 -8.20 7.63
CA ARG H 8 24.84 -6.99 7.90
C ARG H 8 25.54 -6.41 6.66
N GLY H 9 25.82 -5.11 6.72
CA GLY H 9 26.46 -4.38 5.64
C GLY H 9 26.34 -2.88 5.83
N TYR H 10 26.81 -2.12 4.84
CA TYR H 10 26.68 -0.65 4.85
C TYR H 10 26.23 -0.13 3.49
N VAL H 11 25.31 0.84 3.51
CA VAL H 11 25.04 1.67 2.35
C VAL H 11 26.00 2.83 2.42
N ARG H 12 26.73 3.05 1.33
CA ARG H 12 27.83 4.00 1.30
C ARG H 12 27.61 5.01 0.18
N ASP H 13 27.82 6.29 0.47
CA ASP H 13 27.54 7.36 -0.50
C ASP H 13 28.68 7.49 -1.51
N ASN H 14 28.42 7.03 -2.74
CA ASN H 14 29.45 6.99 -3.78
C ASN H 14 29.30 8.09 -4.85
N GLY H 15 28.41 9.05 -4.61
CA GLY H 15 28.14 10.10 -5.58
C GLY H 15 28.19 11.51 -5.00
N CYS H 16 27.86 12.47 -5.85
CA CYS H 16 27.86 13.88 -5.50
C CYS H 16 26.54 14.50 -5.87
N SER H 17 26.35 15.74 -5.44
CA SER H 17 25.23 16.56 -5.85
C SER H 17 25.78 17.68 -6.72
N VAL H 18 25.04 18.06 -7.75
CA VAL H 18 25.46 19.20 -8.59
C VAL H 18 25.28 20.48 -7.78
N ALA H 19 26.35 21.28 -7.68
CA ALA H 19 26.32 22.54 -6.94
C ALA H 19 25.21 23.45 -7.47
N ALA H 20 24.73 24.35 -6.61
CA ALA H 20 23.61 25.21 -6.95
C ALA H 20 23.90 26.02 -8.22
N GLU H 21 25.09 26.62 -8.28
CA GLU H 21 25.48 27.44 -9.42
C GLU H 21 25.64 26.71 -10.74
N SER H 22 25.77 25.38 -10.69
CA SER H 22 25.97 24.57 -11.90
C SER H 22 24.70 23.87 -12.38
N THR H 23 23.58 24.13 -11.71
CA THR H 23 22.30 23.50 -12.06
C THR H 23 21.82 23.91 -13.45
N ASN H 24 21.78 25.21 -13.69
CA ASN H 24 21.49 25.74 -15.01
C ASN H 24 22.38 26.94 -15.22
N PHE H 25 23.47 26.75 -15.95
CA PHE H 25 24.45 27.82 -16.16
C PHE H 25 24.67 28.09 -17.64
N THR H 26 25.39 29.17 -17.93
CA THR H 26 25.65 29.59 -19.30
C THR H 26 27.13 29.73 -19.53
N VAL H 27 27.55 29.44 -20.77
CA VAL H 27 28.91 29.68 -21.22
C VAL H 27 28.84 30.71 -22.34
N ASP H 28 29.61 31.79 -22.19
CA ASP H 28 29.60 32.87 -23.17
C ASP H 28 30.82 32.73 -24.09
N LEU H 29 30.58 32.30 -25.33
CA LEU H 29 31.64 32.18 -26.32
C LEU H 29 32.04 33.54 -26.91
N MET H 30 31.22 34.56 -26.71
CA MET H 30 31.55 35.94 -27.09
C MET H 30 31.76 36.10 -28.60
N GLU H 31 32.51 37.12 -29.02
CA GLU H 31 32.70 37.43 -30.44
C GLU H 31 33.71 36.50 -31.09
N ASN H 32 33.46 36.14 -32.35
CA ASN H 32 34.35 35.26 -33.09
C ASN H 32 34.38 35.63 -34.57
N ALA H 33 35.51 36.16 -35.04
CA ALA H 33 35.62 36.62 -36.43
C ALA H 33 35.28 35.54 -37.47
N ALA H 34 34.48 35.91 -38.47
CA ALA H 34 34.07 34.98 -39.52
C ALA H 34 35.25 34.56 -40.40
N LYS H 35 36.21 35.47 -40.55
CA LYS H 35 37.40 35.25 -41.39
C LYS H 35 38.28 34.07 -40.99
N GLN H 36 38.25 33.66 -39.71
CA GLN H 36 39.09 32.54 -39.26
C GLN H 36 38.56 31.15 -39.65
N PHE H 37 37.40 31.09 -40.29
CA PHE H 37 36.81 29.81 -40.72
C PHE H 37 37.17 29.46 -42.16
N ASN H 38 38.44 29.15 -42.38
CA ASN H 38 38.94 28.65 -43.66
C ASN H 38 39.11 27.14 -43.58
N ASN H 39 38.35 26.43 -44.42
CA ASN H 39 38.30 24.95 -44.43
C ASN H 39 37.40 24.39 -43.32
N ILE H 40 36.56 23.43 -43.70
CA ILE H 40 35.73 22.67 -42.77
C ILE H 40 36.61 22.05 -41.69
N GLY H 41 36.22 22.21 -40.43
CA GLY H 41 36.96 21.62 -39.31
C GLY H 41 37.86 22.59 -38.59
N ALA H 42 37.84 23.86 -39.02
CA ALA H 42 38.59 24.93 -38.34
C ALA H 42 37.91 25.29 -37.03
N THR H 43 38.70 25.46 -35.97
CA THR H 43 38.15 25.70 -34.63
C THR H 43 38.59 27.04 -34.05
N THR H 44 37.67 27.67 -33.30
CA THR H 44 37.96 28.90 -32.56
C THR H 44 38.67 28.54 -31.26
N PRO H 45 39.34 29.51 -30.62
CA PRO H 45 40.03 29.22 -29.36
C PRO H 45 39.13 28.62 -28.29
N VAL H 46 39.70 27.77 -27.45
CA VAL H 46 38.93 27.11 -26.40
C VAL H 46 38.41 28.16 -25.42
N VAL H 47 37.16 27.99 -24.97
CA VAL H 47 36.59 28.81 -23.91
C VAL H 47 36.29 27.87 -22.76
N PRO H 48 36.94 28.08 -21.61
CA PRO H 48 36.77 27.14 -20.50
C PRO H 48 35.42 27.31 -19.80
N PHE H 49 34.91 26.22 -19.24
CA PHE H 49 33.77 26.28 -18.33
C PHE H 49 33.82 25.13 -17.34
N ARG H 50 33.07 25.26 -16.26
CA ARG H 50 33.16 24.32 -15.15
C ARG H 50 31.80 23.75 -14.73
N ILE H 51 31.86 22.65 -14.00
CA ILE H 51 30.69 22.07 -13.35
C ILE H 51 31.12 21.73 -11.94
N LEU H 52 30.54 22.44 -10.96
CA LEU H 52 30.91 22.22 -9.57
C LEU H 52 29.98 21.18 -8.94
N LEU H 53 30.55 20.37 -8.06
CA LEU H 53 29.83 19.29 -7.41
C LEU H 53 29.97 19.45 -5.91
N SER H 54 28.84 19.50 -5.21
CA SER H 54 28.83 19.73 -3.77
C SER H 54 27.42 19.54 -3.20
N PRO H 55 27.28 18.79 -2.09
CA PRO H 55 28.34 18.07 -1.38
C PRO H 55 28.68 16.76 -2.09
N CYS H 56 29.63 16.03 -1.52
CA CYS H 56 30.03 14.74 -2.05
C CYS H 56 30.17 13.70 -0.94
N GLY H 57 29.77 12.48 -1.24
CA GLY H 57 29.87 11.37 -0.29
C GLY H 57 31.31 10.98 -0.05
N ASN H 58 31.57 10.40 1.12
CA ASN H 58 32.93 10.02 1.50
C ASN H 58 33.48 8.82 0.73
N ALA H 59 32.65 8.21 -0.11
CA ALA H 59 33.05 7.05 -0.90
C ALA H 59 32.90 7.26 -2.40
N VAL H 60 33.03 8.51 -2.86
CA VAL H 60 33.06 8.77 -4.30
C VAL H 60 34.44 8.44 -4.82
N SER H 61 34.52 8.06 -6.10
CA SER H 61 35.79 7.75 -6.73
C SER H 61 35.95 8.51 -8.04
N ALA H 62 35.03 8.31 -8.97
CA ALA H 62 35.11 8.94 -10.29
C ALA H 62 33.74 9.31 -10.86
N VAL H 63 33.74 10.12 -11.91
CA VAL H 63 32.51 10.53 -12.58
C VAL H 63 32.68 10.46 -14.09
N LYS H 64 31.63 10.05 -14.78
CA LYS H 64 31.53 10.18 -16.22
C LYS H 64 30.47 11.23 -16.52
N VAL H 65 30.87 12.29 -17.21
CA VAL H 65 29.94 13.34 -17.62
C VAL H 65 29.65 13.17 -19.10
N GLY H 66 28.37 13.09 -19.44
CA GLY H 66 27.94 13.00 -20.83
C GLY H 66 26.98 14.14 -21.17
N PHE H 67 27.21 14.80 -22.31
CA PHE H 67 26.37 15.90 -22.76
C PHE H 67 25.42 15.46 -23.87
N THR H 68 24.13 15.62 -23.66
CA THR H 68 23.15 15.23 -24.67
C THR H 68 22.42 16.46 -25.19
N GLY H 69 22.22 16.51 -26.51
CA GLY H 69 21.55 17.64 -27.15
C GLY H 69 21.26 17.34 -28.61
N VAL H 70 20.68 18.30 -29.33
CA VAL H 70 20.42 18.14 -30.76
C VAL H 70 21.74 18.24 -31.52
N ALA H 71 22.14 17.15 -32.17
CA ALA H 71 23.43 17.08 -32.85
C ALA H 71 23.38 17.78 -34.20
N ASP H 72 24.52 18.32 -34.61
CA ASP H 72 24.62 19.01 -35.89
C ASP H 72 24.46 18.04 -37.06
N SER H 73 23.69 18.45 -38.05
CA SER H 73 23.34 17.57 -39.19
C SER H 73 24.52 17.29 -40.14
N HIS H 74 25.62 18.01 -39.96
CA HIS H 74 26.83 17.81 -40.77
C HIS H 74 27.91 17.07 -39.98
N ASN H 75 28.16 17.50 -38.75
CA ASN H 75 29.11 16.82 -37.85
C ASN H 75 28.40 16.48 -36.54
N ALA H 76 27.89 15.25 -36.44
CA ALA H 76 27.07 14.85 -35.30
C ALA H 76 27.80 14.74 -33.95
N ASN H 77 29.11 15.02 -33.94
CA ASN H 77 29.84 15.20 -32.68
C ASN H 77 29.62 16.59 -32.10
N LEU H 78 29.13 17.50 -32.92
CA LEU H 78 28.92 18.89 -32.52
C LEU H 78 27.47 19.16 -32.14
N LEU H 79 27.29 20.05 -31.17
CA LEU H 79 25.98 20.52 -30.76
C LEU H 79 25.48 21.57 -31.76
N ALA H 80 24.29 21.35 -32.31
CA ALA H 80 23.76 22.21 -33.38
C ALA H 80 23.30 23.56 -32.86
N LEU H 81 23.56 24.61 -33.64
CA LEU H 81 23.04 25.95 -33.35
C LEU H 81 21.56 25.98 -33.67
N GLU H 82 20.80 26.79 -32.94
CA GLU H 82 19.37 26.93 -33.19
C GLU H 82 19.14 27.70 -34.49
N ASN H 83 18.07 27.35 -35.19
CA ASN H 83 17.80 27.92 -36.51
C ASN H 83 16.73 29.01 -36.50
N THR H 84 17.08 30.17 -35.94
CA THR H 84 16.27 31.39 -36.09
C THR H 84 16.73 32.13 -37.34
N VAL H 85 16.06 33.23 -37.65
CA VAL H 85 16.36 33.99 -38.87
C VAL H 85 17.75 34.63 -38.82
N SER H 86 18.11 35.16 -37.67
CA SER H 86 19.39 35.87 -37.49
C SER H 86 20.49 34.98 -36.88
N ALA H 87 20.30 33.66 -36.93
CA ALA H 87 21.25 32.74 -36.35
C ALA H 87 22.35 32.42 -37.35
N ALA H 88 23.56 32.19 -36.84
CA ALA H 88 24.70 31.80 -37.67
C ALA H 88 24.52 30.38 -38.22
N ALA H 89 24.98 30.15 -39.44
CA ALA H 89 24.94 28.84 -40.08
C ALA H 89 26.36 28.35 -40.39
N GLY H 90 26.49 27.07 -40.68
CA GLY H 90 27.79 26.47 -41.03
C GLY H 90 28.73 26.22 -39.87
N LEU H 91 28.19 26.18 -38.65
CA LEU H 91 29.00 25.97 -37.46
C LEU H 91 28.32 25.00 -36.49
N GLY H 92 29.11 24.46 -35.58
CA GLY H 92 28.58 23.64 -34.49
C GLY H 92 29.44 23.86 -33.27
N ILE H 93 28.87 23.63 -32.09
CA ILE H 93 29.61 23.81 -30.84
C ILE H 93 30.26 22.48 -30.47
N GLN H 94 31.54 22.54 -30.13
CA GLN H 94 32.28 21.35 -29.70
C GLN H 94 32.58 21.47 -28.22
N LEU H 95 32.44 20.36 -27.50
CA LEU H 95 32.74 20.29 -26.08
C LEU H 95 33.98 19.43 -25.88
N LEU H 96 34.97 19.95 -25.17
CA LEU H 96 36.22 19.23 -24.93
C LEU H 96 36.41 19.05 -23.43
N ASN H 97 37.07 17.97 -23.03
CA ASN H 97 37.31 17.69 -21.61
C ASN H 97 38.51 18.48 -21.06
N GLU H 98 38.94 18.18 -19.84
CA GLU H 98 40.05 18.90 -19.19
C GLU H 98 41.34 18.89 -20.01
N GLN H 99 41.62 17.76 -20.68
CA GLN H 99 42.83 17.62 -21.51
C GLN H 99 42.58 18.05 -22.96
N GLN H 100 41.51 18.80 -23.19
CA GLN H 100 41.17 19.37 -24.49
C GLN H 100 40.92 18.33 -25.59
N ASN H 101 40.39 17.17 -25.20
CA ASN H 101 39.98 16.14 -26.17
C ASN H 101 38.46 16.14 -26.32
N GLN H 102 37.99 15.97 -27.54
CA GLN H 102 36.57 16.01 -27.83
C GLN H 102 35.79 15.10 -26.92
N ILE H 103 34.71 15.63 -26.35
CA ILE H 103 33.70 14.85 -25.67
C ILE H 103 32.53 14.77 -26.64
N PRO H 104 32.43 13.67 -27.40
CA PRO H 104 31.39 13.61 -28.43
C PRO H 104 29.98 13.74 -27.86
N LEU H 105 29.16 14.54 -28.53
CA LEU H 105 27.79 14.77 -28.09
C LEU H 105 26.98 13.49 -28.22
N ASN H 106 26.07 13.27 -27.25
CA ASN H 106 25.20 12.09 -27.24
C ASN H 106 25.97 10.76 -27.22
N ALA H 107 27.18 10.80 -26.66
CA ALA H 107 28.04 9.62 -26.61
C ALA H 107 27.43 8.55 -25.71
N PRO H 108 27.80 7.28 -25.91
CA PRO H 108 27.48 6.25 -24.93
C PRO H 108 28.51 6.24 -23.81
N SER H 109 28.11 5.75 -22.63
CA SER H 109 29.00 5.69 -21.47
C SER H 109 30.38 5.11 -21.81
N SER H 110 30.39 4.04 -22.62
CA SER H 110 31.62 3.38 -23.06
C SER H 110 32.65 4.35 -23.65
N ALA H 111 32.19 5.30 -24.47
CA ALA H 111 33.06 6.27 -25.13
C ALA H 111 33.63 7.34 -24.19
N LEU H 112 33.06 7.47 -22.99
CA LEU H 112 33.48 8.50 -22.02
C LEU H 112 34.55 7.97 -21.06
N SER H 113 35.35 8.89 -20.52
CA SER H 113 36.41 8.56 -19.58
C SER H 113 36.02 8.99 -18.17
N TRP H 114 36.66 8.38 -17.17
CA TRP H 114 36.42 8.72 -15.79
C TRP H 114 37.21 9.96 -15.40
N THR H 115 36.87 10.52 -14.24
CA THR H 115 37.57 11.66 -13.66
C THR H 115 37.69 11.44 -12.15
N THR H 116 38.92 11.23 -11.68
CA THR H 116 39.14 10.96 -10.25
C THR H 116 38.62 12.12 -9.43
N LEU H 117 37.81 11.81 -8.42
CA LEU H 117 37.25 12.80 -7.50
C LEU H 117 37.80 12.61 -6.09
N THR H 118 37.90 13.70 -5.36
CA THR H 118 38.25 13.65 -3.94
C THR H 118 37.03 13.19 -3.14
N PRO H 119 37.20 12.15 -2.31
CA PRO H 119 36.08 11.70 -1.48
C PRO H 119 35.73 12.68 -0.37
N GLY H 120 34.44 12.86 -0.14
CA GLY H 120 33.95 13.63 1.00
C GLY H 120 34.06 15.14 0.91
N LYS H 121 34.54 15.63 -0.23
CA LYS H 121 34.86 17.05 -0.41
C LYS H 121 34.20 17.57 -1.67
N PRO H 122 34.03 18.91 -1.76
CA PRO H 122 33.57 19.51 -3.01
C PRO H 122 34.57 19.31 -4.14
N ASN H 123 34.06 19.23 -5.37
CA ASN H 123 34.88 18.88 -6.53
C ASN H 123 34.51 19.71 -7.75
N THR H 124 35.52 20.24 -8.43
CA THR H 124 35.33 21.03 -9.65
C THR H 124 35.75 20.24 -10.89
N LEU H 125 34.84 20.13 -11.85
CA LEU H 125 35.10 19.50 -13.13
C LEU H 125 35.36 20.55 -14.19
N ASN H 126 36.45 20.40 -14.93
CA ASN H 126 36.86 21.39 -15.92
C ASN H 126 36.60 20.91 -17.33
N PHE H 127 36.12 21.81 -18.19
CA PHE H 127 35.84 21.50 -19.59
C PHE H 127 36.24 22.69 -20.45
N TYR H 128 36.05 22.54 -21.76
CA TYR H 128 36.20 23.64 -22.71
C TYR H 128 35.08 23.57 -23.74
N ALA H 129 34.75 24.71 -24.33
CA ALA H 129 33.80 24.78 -25.43
C ALA H 129 34.37 25.67 -26.53
N ARG H 130 34.02 25.36 -27.77
CA ARG H 130 34.42 26.17 -28.92
C ARG H 130 33.57 25.86 -30.16
N LEU H 131 33.79 26.64 -31.21
CA LEU H 131 33.05 26.46 -32.48
C LEU H 131 33.92 25.72 -33.51
N MET H 132 33.26 24.96 -34.39
CA MET H 132 33.94 24.25 -35.48
C MET H 132 33.14 24.39 -36.76
N ALA H 133 33.83 24.79 -37.84
CA ALA H 133 33.19 25.02 -39.14
C ALA H 133 32.73 23.71 -39.77
N THR H 134 31.49 23.68 -40.24
CA THR H 134 30.97 22.55 -40.99
C THR H 134 30.78 22.91 -42.46
N GLN H 135 30.72 24.20 -42.75
CA GLN H 135 30.74 24.72 -44.12
C GLN H 135 31.59 25.98 -44.19
N VAL H 136 32.18 26.23 -45.35
CA VAL H 136 32.98 27.42 -45.59
C VAL H 136 32.56 28.04 -46.93
N PRO H 137 32.31 29.37 -46.95
CA PRO H 137 32.46 30.27 -45.81
C PRO H 137 31.27 30.17 -44.86
N VAL H 138 31.51 30.54 -43.60
CA VAL H 138 30.47 30.57 -42.58
C VAL H 138 29.59 31.80 -42.79
N THR H 139 28.33 31.72 -42.35
CA THR H 139 27.43 32.89 -42.34
C THR H 139 27.24 33.39 -40.89
N ALA H 140 27.39 34.70 -40.69
CA ALA H 140 27.45 35.29 -39.35
C ALA H 140 26.08 35.48 -38.70
N GLY H 141 26.07 35.53 -37.37
CA GLY H 141 24.83 35.72 -36.61
C GLY H 141 24.89 35.34 -35.14
N HIS H 142 23.72 35.16 -34.53
CA HIS H 142 23.60 34.77 -33.12
C HIS H 142 24.01 33.31 -32.97
N ILE H 143 24.72 32.99 -31.88
CA ILE H 143 24.96 31.60 -31.51
C ILE H 143 24.12 31.26 -30.29
N ASN H 144 23.20 30.30 -30.45
CA ASN H 144 22.35 29.84 -29.36
C ASN H 144 22.07 28.35 -29.44
N ALA H 145 22.50 27.63 -28.42
CA ALA H 145 22.20 26.21 -28.29
C ALA H 145 22.29 25.85 -26.83
N THR H 146 21.60 24.80 -26.44
CA THR H 146 21.64 24.30 -25.08
C THR H 146 21.74 22.78 -25.09
N ALA H 147 22.26 22.23 -24.00
CA ALA H 147 22.49 20.79 -23.90
C ALA H 147 22.34 20.31 -22.47
N THR H 148 21.74 19.13 -22.31
CA THR H 148 21.63 18.49 -21.02
C THR H 148 22.93 17.78 -20.70
N PHE H 149 23.24 17.63 -19.43
CA PHE H 149 24.33 16.77 -19.02
C PHE H 149 23.90 15.86 -17.87
N THR H 150 24.33 14.60 -17.94
CA THR H 150 24.06 13.62 -16.89
C THR H 150 25.39 13.13 -16.31
N LEU H 151 25.35 12.67 -15.07
CA LEU H 151 26.55 12.21 -14.37
C LEU H 151 26.39 10.75 -13.92
N GLU H 152 27.41 9.94 -14.24
CA GLU H 152 27.44 8.55 -13.84
C GLU H 152 28.60 8.37 -12.89
N TYR H 153 28.31 8.04 -11.64
CA TYR H 153 29.35 7.88 -10.62
C TYR H 153 29.82 6.43 -10.54
N GLN H 154 31.10 6.26 -10.23
CA GLN H 154 31.76 4.96 -10.27
C GLN H 154 31.37 4.08 -9.09
N ALA I 1 -3.57 -70.62 12.25
CA ALA I 1 -2.50 -70.95 13.23
C ALA I 1 -3.08 -71.28 14.59
N ASP I 2 -2.29 -71.98 15.40
CA ASP I 2 -2.71 -72.33 16.75
C ASP I 2 -2.87 -71.08 17.63
N VAL I 3 -1.96 -70.12 17.49
CA VAL I 3 -2.01 -68.87 18.25
C VAL I 3 -1.77 -67.67 17.33
N THR I 4 -2.52 -66.59 17.54
CA THR I 4 -2.38 -65.36 16.74
C THR I 4 -1.79 -64.22 17.55
N ILE I 5 -0.61 -63.74 17.16
CA ILE I 5 0.03 -62.60 17.80
C ILE I 5 -0.19 -61.32 17.01
N THR I 6 -0.74 -60.30 17.66
CA THR I 6 -0.87 -58.97 17.06
C THR I 6 0.15 -58.04 17.69
N VAL I 7 1.08 -57.55 16.88
CA VAL I 7 2.09 -56.60 17.35
C VAL I 7 1.70 -55.21 16.89
N ASN I 8 1.62 -54.28 17.85
CA ASN I 8 1.25 -52.89 17.59
C ASN I 8 2.37 -51.95 18.00
N GLY I 9 2.62 -50.94 17.17
CA GLY I 9 3.59 -49.90 17.49
C GLY I 9 3.43 -48.71 16.57
N LYS I 10 4.13 -47.63 16.87
CA LYS I 10 4.16 -46.49 15.93
C LYS I 10 5.54 -45.85 15.83
N VAL I 11 5.75 -45.17 14.70
CA VAL I 11 6.96 -44.41 14.45
C VAL I 11 6.61 -42.94 14.60
N VAL I 12 7.26 -42.29 15.58
CA VAL I 12 7.05 -40.87 15.83
C VAL I 12 8.24 -40.09 15.32
N ALA I 13 7.99 -38.91 14.75
CA ALA I 13 9.07 -38.05 14.24
C ALA I 13 9.69 -37.26 15.39
N LYS I 14 11.01 -37.32 15.49
CA LYS I 14 11.76 -36.66 16.56
C LYS I 14 12.75 -35.64 15.98
N PRO I 15 13.12 -34.62 16.78
CA PRO I 15 13.99 -33.54 16.30
C PRO I 15 15.42 -33.95 15.92
N CYS I 16 15.97 -33.30 14.89
CA CYS I 16 17.34 -33.53 14.43
C CYS I 16 18.31 -32.68 15.23
N THR I 17 19.60 -32.83 14.94
CA THR I 17 20.62 -31.94 15.51
C THR I 17 20.84 -30.74 14.58
N VAL I 18 20.60 -29.54 15.10
CA VAL I 18 20.70 -28.30 14.33
C VAL I 18 22.15 -27.83 14.26
N SER I 19 22.77 -27.92 13.08
CA SER I 19 24.18 -27.54 12.93
C SER I 19 24.38 -26.05 13.12
N THR I 20 23.76 -25.27 12.22
CA THR I 20 24.00 -23.83 12.13
C THR I 20 23.07 -23.08 13.07
N THR I 21 23.60 -22.65 14.21
CA THR I 21 22.82 -21.91 15.22
C THR I 21 22.61 -20.47 14.80
N ASN I 22 23.70 -19.81 14.41
CA ASN I 22 23.70 -18.39 14.05
C ASN I 22 24.38 -18.14 12.70
N ALA I 23 23.58 -18.11 11.64
CA ALA I 23 24.09 -17.90 10.28
C ALA I 23 24.49 -16.44 10.07
N THR I 24 25.53 -16.25 9.26
CA THR I 24 26.10 -14.93 8.99
C THR I 24 26.02 -14.63 7.50
N VAL I 25 25.32 -13.56 7.15
CA VAL I 25 25.29 -13.05 5.79
C VAL I 25 25.87 -11.64 5.79
N ASP I 26 26.96 -11.46 5.04
CA ASP I 26 27.60 -10.16 4.88
C ASP I 26 27.36 -9.62 3.47
N LEU I 27 26.55 -8.57 3.37
CA LEU I 27 26.25 -7.94 2.09
C LEU I 27 27.44 -7.11 1.60
N GLY I 28 28.33 -6.76 2.53
CA GLY I 28 29.52 -5.97 2.21
C GLY I 28 29.17 -4.51 2.18
N ASP I 29 29.83 -3.76 1.30
CA ASP I 29 29.52 -2.34 1.10
C ASP I 29 28.67 -2.19 -0.15
N LEU I 30 27.49 -1.58 0.02
CA LEU I 30 26.62 -1.26 -1.10
C LEU I 30 26.69 0.25 -1.37
N TYR I 31 26.24 0.64 -2.56
CA TYR I 31 26.48 2.00 -3.07
C TYR I 31 25.19 2.73 -3.45
N SER I 32 25.08 3.98 -2.97
CA SER I 32 23.87 4.78 -3.10
C SER I 32 23.38 4.89 -4.54
N PHE I 33 24.30 5.23 -5.43
CA PHE I 33 23.93 5.56 -6.82
C PHE I 33 23.61 4.31 -7.65
N SER I 34 23.97 3.14 -7.13
CA SER I 34 23.47 1.86 -7.67
C SER I 34 22.15 1.44 -7.01
N LEU I 35 21.70 2.22 -6.01
CA LEU I 35 20.44 1.95 -5.31
C LEU I 35 19.50 3.16 -5.32
N MET I 36 19.12 3.61 -6.51
CA MET I 36 18.22 4.77 -6.67
C MET I 36 16.87 4.42 -7.28
N SER I 37 16.84 3.48 -8.23
CA SER I 37 15.57 3.05 -8.82
C SER I 37 14.70 2.32 -7.80
N ALA I 38 13.40 2.62 -7.81
CA ALA I 38 12.46 1.94 -6.94
C ALA I 38 12.37 0.47 -7.35
N GLY I 39 13.12 -0.38 -6.65
CA GLY I 39 13.27 -1.79 -7.01
C GLY I 39 14.69 -2.24 -7.24
N ALA I 40 15.65 -1.32 -7.08
CA ALA I 40 17.07 -1.67 -7.15
C ALA I 40 17.42 -2.52 -5.94
N ALA I 41 18.31 -3.49 -6.15
CA ALA I 41 18.70 -4.41 -5.08
C ALA I 41 20.13 -4.88 -5.26
N SER I 42 20.69 -5.46 -4.20
CA SER I 42 22.05 -6.00 -4.24
C SER I 42 22.06 -7.38 -4.89
N ALA I 43 23.26 -7.92 -5.05
CA ALA I 43 23.42 -9.30 -5.52
C ALA I 43 23.00 -10.25 -4.40
N TRP I 44 22.48 -11.41 -4.80
CA TRP I 44 22.05 -12.43 -3.84
C TRP I 44 23.24 -13.05 -3.12
N HIS I 45 23.06 -13.37 -1.84
CA HIS I 45 24.07 -14.07 -1.04
C HIS I 45 23.51 -15.39 -0.53
N ASP I 46 24.09 -16.50 -0.99
CA ASP I 46 23.65 -17.81 -0.57
C ASP I 46 23.92 -18.02 0.92
N VAL I 47 22.93 -18.56 1.63
CA VAL I 47 23.08 -18.95 3.03
C VAL I 47 22.31 -20.25 3.27
N ALA I 48 22.99 -21.24 3.84
CA ALA I 48 22.40 -22.56 4.04
C ALA I 48 22.17 -22.85 5.52
N LEU I 49 21.07 -23.54 5.83
CA LEU I 49 20.80 -24.02 7.18
C LEU I 49 20.89 -25.54 7.17
N GLU I 50 21.67 -26.09 8.09
CA GLU I 50 21.96 -27.51 8.13
C GLU I 50 21.45 -28.17 9.41
N LEU I 51 20.65 -29.22 9.24
CA LEU I 51 20.28 -30.09 10.35
C LEU I 51 20.79 -31.48 10.02
N THR I 52 21.52 -32.08 10.97
CA THR I 52 22.10 -33.41 10.79
C THR I 52 21.72 -34.34 11.94
N ASN I 53 22.05 -35.62 11.77
CA ASN I 53 21.69 -36.66 12.73
C ASN I 53 20.18 -36.68 12.99
N CYS I 54 19.44 -36.85 11.90
CA CYS I 54 17.99 -36.93 11.97
C CYS I 54 17.59 -38.35 12.33
N PRO I 55 16.81 -38.52 13.43
CA PRO I 55 16.35 -39.84 13.84
C PRO I 55 15.57 -40.55 12.74
N VAL I 56 15.84 -41.84 12.54
CA VAL I 56 15.07 -42.62 11.58
C VAL I 56 13.62 -42.52 12.00
N GLY I 57 12.76 -42.10 11.07
CA GLY I 57 11.36 -41.84 11.37
C GLY I 57 10.97 -40.40 11.09
N THR I 58 11.92 -39.48 11.25
CA THR I 58 11.76 -38.10 10.82
C THR I 58 12.23 -38.03 9.36
N SER I 59 11.30 -37.71 8.46
CA SER I 59 11.59 -37.66 7.03
C SER I 59 11.45 -36.27 6.42
N ARG I 60 10.87 -35.33 7.16
CA ARG I 60 10.66 -33.97 6.68
C ARG I 60 10.85 -32.97 7.82
N VAL I 61 11.58 -31.89 7.54
CA VAL I 61 11.76 -30.80 8.50
C VAL I 61 11.15 -29.54 7.92
N THR I 62 10.33 -28.86 8.73
CA THR I 62 9.68 -27.62 8.31
C THR I 62 10.24 -26.45 9.11
N ALA I 63 10.71 -25.42 8.41
CA ALA I 63 11.25 -24.22 9.06
C ALA I 63 10.23 -23.09 9.03
N SER I 64 10.01 -22.46 10.19
CA SER I 64 9.12 -21.30 10.31
C SER I 64 9.93 -20.03 10.50
N PHE I 65 9.79 -19.10 9.56
CA PHE I 65 10.59 -17.88 9.56
C PHE I 65 9.87 -16.72 10.23
N SER I 66 10.63 -15.93 11.00
CA SER I 66 10.09 -14.87 11.82
C SER I 66 11.04 -13.67 11.86
N GLY I 67 10.47 -12.47 11.82
CA GLY I 67 11.27 -11.24 11.89
C GLY I 67 10.45 -9.97 11.87
N ALA I 68 11.10 -8.85 12.18
CA ALA I 68 10.45 -7.53 12.12
C ALA I 68 10.35 -7.07 10.67
N ALA I 69 9.15 -6.67 10.27
CA ALA I 69 8.89 -6.31 8.87
C ALA I 69 8.24 -4.93 8.79
N ASP I 70 8.69 -4.13 7.82
CA ASP I 70 8.17 -2.78 7.62
C ASP I 70 6.99 -2.81 6.64
N SER I 71 6.61 -1.64 6.15
CA SER I 71 5.43 -1.50 5.27
C SER I 71 5.57 -2.17 3.90
N THR I 72 6.79 -2.47 3.47
CA THR I 72 6.99 -3.14 2.19
C THR I 72 6.67 -4.63 2.26
N GLY I 73 6.59 -5.18 3.47
CA GLY I 73 6.39 -6.61 3.68
C GLY I 73 7.70 -7.31 4.00
N TYR I 74 8.78 -6.84 3.39
CA TYR I 74 10.10 -7.42 3.58
C TYR I 74 10.63 -7.05 4.96
N TYR I 75 11.75 -7.64 5.34
CA TYR I 75 12.29 -7.44 6.68
C TYR I 75 12.85 -6.02 6.87
N LYS I 76 12.48 -5.40 7.99
CA LYS I 76 12.85 -4.01 8.28
C LYS I 76 14.32 -3.90 8.69
N ASN I 77 15.01 -2.93 8.11
CA ASN I 77 16.39 -2.63 8.50
C ASN I 77 16.44 -1.97 9.87
N GLN I 78 17.15 -2.60 10.81
CA GLN I 78 17.35 -2.04 12.14
C GLN I 78 18.51 -1.05 12.16
N GLY I 79 19.30 -1.06 11.08
CA GLY I 79 20.40 -0.10 10.91
C GLY I 79 19.97 1.31 10.54
N THR I 80 20.95 2.17 10.34
CA THR I 80 20.71 3.60 10.13
C THR I 80 20.31 3.94 8.69
N ALA I 81 20.84 3.18 7.72
CA ALA I 81 20.50 3.40 6.31
C ALA I 81 18.99 3.32 6.11
N GLN I 82 18.39 4.35 5.52
CA GLN I 82 16.94 4.38 5.28
C GLN I 82 16.61 3.97 3.85
N ASN I 83 15.33 3.70 3.62
CA ASN I 83 14.82 3.27 2.31
C ASN I 83 15.53 2.02 1.81
N ILE I 84 15.66 1.04 2.71
CA ILE I 84 16.25 -0.25 2.35
C ILE I 84 15.65 -1.36 3.21
N GLN I 85 15.49 -2.53 2.60
CA GLN I 85 14.83 -3.65 3.23
C GLN I 85 15.58 -4.94 2.89
N LEU I 86 15.38 -5.98 3.70
CA LEU I 86 16.06 -7.26 3.50
C LEU I 86 15.06 -8.32 3.02
N GLU I 87 15.42 -9.02 1.95
CA GLU I 87 14.57 -10.07 1.35
C GLU I 87 15.25 -11.42 1.47
N LEU I 88 14.47 -12.43 1.87
CA LEU I 88 14.93 -13.81 1.96
C LEU I 88 14.11 -14.68 1.02
N GLN I 89 14.80 -15.56 0.28
CA GLN I 89 14.15 -16.56 -0.56
C GLN I 89 14.85 -17.90 -0.45
N ASP I 90 14.17 -18.95 -0.92
CA ASP I 90 14.83 -20.23 -1.20
C ASP I 90 15.41 -20.18 -2.61
N ASP I 91 16.14 -21.21 -3.01
CA ASP I 91 16.76 -21.24 -4.35
C ASP I 91 15.77 -21.59 -5.46
N SER I 92 14.51 -21.85 -5.10
CA SER I 92 13.43 -22.00 -6.08
C SER I 92 12.85 -20.65 -6.51
N GLY I 93 13.08 -19.61 -5.69
CA GLY I 93 12.57 -18.27 -5.97
C GLY I 93 11.36 -17.86 -5.13
N ASN I 94 10.98 -18.71 -4.17
CA ASN I 94 9.86 -18.40 -3.28
C ASN I 94 10.33 -17.44 -2.20
N THR I 95 9.53 -16.39 -1.93
CA THR I 95 9.88 -15.37 -0.94
C THR I 95 9.50 -15.84 0.48
N LEU I 96 10.40 -15.61 1.42
CA LEU I 96 10.22 -16.06 2.79
C LEU I 96 10.17 -14.87 3.75
N ASN I 97 9.11 -14.08 3.65
CA ASN I 97 8.87 -12.99 4.60
C ASN I 97 8.43 -13.55 5.95
N THR I 98 8.28 -12.69 6.95
CA THR I 98 7.91 -13.14 8.28
C THR I 98 6.61 -13.93 8.24
N GLY I 99 6.63 -15.12 8.85
CA GLY I 99 5.47 -15.99 8.90
C GLY I 99 5.53 -17.16 7.94
N ALA I 100 6.35 -17.04 6.89
CA ALA I 100 6.46 -18.08 5.87
C ALA I 100 7.10 -19.35 6.43
N THR I 101 6.82 -20.47 5.75
CA THR I 101 7.40 -21.76 6.10
C THR I 101 7.90 -22.48 4.86
N LYS I 102 8.89 -23.35 5.06
CA LYS I 102 9.41 -24.19 3.99
C LYS I 102 9.70 -25.58 4.55
N THR I 103 9.32 -26.60 3.80
CA THR I 103 9.50 -27.99 4.20
C THR I 103 10.42 -28.69 3.21
N VAL I 104 11.44 -29.39 3.73
CA VAL I 104 12.37 -30.13 2.88
C VAL I 104 12.50 -31.57 3.35
N GLN I 105 12.74 -32.46 2.40
CA GLN I 105 12.97 -33.87 2.68
C GLN I 105 14.31 -34.08 3.37
N VAL I 106 14.32 -34.95 4.37
CA VAL I 106 15.56 -35.38 4.99
C VAL I 106 16.22 -36.39 4.07
N ASP I 107 17.50 -36.18 3.76
CA ASP I 107 18.25 -37.12 2.93
C ASP I 107 18.60 -38.35 3.76
N ASP I 108 18.14 -39.52 3.31
CA ASP I 108 18.25 -40.75 4.07
C ASP I 108 19.68 -41.32 4.06
N SER I 109 20.37 -41.17 2.93
CA SER I 109 21.76 -41.63 2.82
C SER I 109 22.70 -40.95 3.83
N SER I 110 22.35 -39.73 4.25
CA SER I 110 23.17 -38.98 5.21
C SER I 110 22.45 -38.67 6.54
N GLN I 111 21.17 -38.98 6.63
CA GLN I 111 20.36 -38.71 7.83
C GLN I 111 20.39 -37.22 8.19
N SER I 112 20.11 -36.37 7.20
CA SER I 112 20.25 -34.92 7.35
C SER I 112 19.35 -34.10 6.40
N ALA I 113 19.05 -32.87 6.80
CA ALA I 113 18.19 -31.97 6.04
C ALA I 113 18.93 -30.68 5.66
N HIS I 114 18.68 -30.18 4.45
CA HIS I 114 19.40 -29.04 3.88
C HIS I 114 18.42 -27.93 3.47
N PHE I 115 18.63 -26.72 3.98
CA PHE I 115 17.85 -25.54 3.58
C PHE I 115 18.72 -24.54 2.80
N PRO I 116 18.63 -24.57 1.45
CA PRO I 116 19.41 -23.65 0.63
C PRO I 116 18.66 -22.33 0.39
N LEU I 117 19.09 -21.27 1.08
CA LEU I 117 18.44 -19.98 0.99
C LEU I 117 19.36 -18.93 0.38
N GLN I 118 18.78 -17.77 0.08
CA GLN I 118 19.53 -16.64 -0.45
C GLN I 118 18.94 -15.33 0.08
N VAL I 119 19.81 -14.37 0.36
CA VAL I 119 19.42 -13.10 0.96
C VAL I 119 20.00 -11.94 0.17
N ARG I 120 19.28 -10.81 0.16
CA ARG I 120 19.77 -9.58 -0.45
C ARG I 120 19.09 -8.36 0.13
N ALA I 121 19.76 -7.22 0.02
CA ALA I 121 19.17 -5.93 0.35
C ALA I 121 18.50 -5.36 -0.89
N LEU I 122 17.33 -4.74 -0.71
CA LEU I 122 16.64 -4.05 -1.81
C LEU I 122 15.94 -2.78 -1.31
N THR I 123 15.72 -1.86 -2.24
CA THR I 123 15.01 -0.62 -1.94
C THR I 123 13.74 -0.57 -2.78
N VAL I 124 12.62 -0.91 -2.16
CA VAL I 124 11.34 -0.98 -2.85
C VAL I 124 10.96 0.40 -3.41
N ASN I 125 11.07 1.42 -2.56
CA ASN I 125 10.71 2.79 -2.93
C ASN I 125 11.88 3.62 -3.47
N GLY I 126 13.08 3.04 -3.49
CA GLY I 126 14.23 3.72 -4.07
C GLY I 126 14.88 4.72 -3.15
N GLY I 127 16.04 5.21 -3.56
CA GLY I 127 16.75 6.28 -2.86
C GLY I 127 17.31 5.87 -1.52
N ALA I 128 18.11 4.81 -1.51
CA ALA I 128 18.71 4.32 -0.28
C ALA I 128 19.75 5.30 0.24
N THR I 129 19.65 5.68 1.50
CA THR I 129 20.57 6.66 2.10
C THR I 129 21.74 5.98 2.81
N GLN I 130 22.80 6.75 2.99
CA GLN I 130 24.01 6.29 3.67
C GLN I 130 23.70 5.78 5.07
N GLY I 131 24.33 4.66 5.44
CA GLY I 131 24.16 4.12 6.80
C GLY I 131 24.43 2.64 6.94
N THR I 132 24.07 2.09 8.10
CA THR I 132 24.30 0.68 8.42
C THR I 132 23.11 -0.19 8.02
N ILE I 133 23.40 -1.45 7.73
CA ILE I 133 22.37 -2.46 7.48
C ILE I 133 22.48 -3.51 8.59
N GLN I 134 21.39 -3.67 9.34
CA GLN I 134 21.37 -4.60 10.46
C GLN I 134 19.99 -5.24 10.56
N ALA I 135 19.95 -6.58 10.50
CA ALA I 135 18.70 -7.32 10.60
C ALA I 135 18.96 -8.75 11.01
N VAL I 136 18.01 -9.34 11.72
CA VAL I 136 18.13 -10.73 12.17
C VAL I 136 16.81 -11.47 11.97
N ILE I 137 16.83 -12.50 11.15
CA ILE I 137 15.66 -13.36 10.93
C ILE I 137 15.80 -14.62 11.78
N SER I 138 14.78 -14.88 12.60
CA SER I 138 14.75 -16.05 13.48
C SER I 138 13.94 -17.14 12.82
N ILE I 139 14.40 -18.39 12.96
CA ILE I 139 13.68 -19.52 12.40
C ILE I 139 13.50 -20.64 13.44
N THR I 140 12.35 -21.31 13.39
CA THR I 140 12.02 -22.42 14.27
C THR I 140 11.62 -23.64 13.46
N TYR I 141 12.04 -24.82 13.90
CA TYR I 141 11.78 -26.05 13.16
C TYR I 141 10.70 -26.92 13.79
N THR I 142 9.96 -27.60 12.93
CA THR I 142 9.09 -28.70 13.36
C THR I 142 9.35 -29.91 12.45
N TYR I 143 9.13 -31.09 12.99
CA TYR I 143 9.56 -32.33 12.35
C TYR I 143 8.39 -33.27 12.09
N SER I 144 8.52 -34.11 11.07
CA SER I 144 7.46 -35.06 10.73
C SER I 144 8.03 -36.22 9.90
N PHE J 1 -39.40 -92.29 32.67
CA PHE J 1 -38.07 -91.71 32.33
C PHE J 1 -38.23 -90.26 31.91
N ALA J 2 -37.59 -89.34 32.63
CA ALA J 2 -37.67 -87.92 32.30
C ALA J 2 -36.35 -87.25 32.61
N CYS J 3 -35.93 -86.35 31.72
CA CYS J 3 -34.63 -85.70 31.84
C CYS J 3 -34.74 -84.20 31.77
N LYS J 4 -33.78 -83.54 32.40
CA LYS J 4 -33.67 -82.09 32.33
C LYS J 4 -32.20 -81.68 32.21
N THR J 5 -31.94 -80.49 31.68
CA THR J 5 -30.56 -79.99 31.56
C THR J 5 -30.12 -79.38 32.89
N ALA J 6 -28.84 -79.03 32.99
CA ALA J 6 -28.32 -78.40 34.21
C ALA J 6 -28.99 -77.06 34.50
N ASN J 7 -29.29 -76.29 33.45
CA ASN J 7 -30.11 -75.08 33.59
C ASN J 7 -31.50 -75.38 34.16
N GLY J 8 -31.90 -76.64 34.17
CA GLY J 8 -33.20 -77.06 34.67
C GLY J 8 -34.27 -77.16 33.59
N THR J 9 -33.88 -76.99 32.33
CA THR J 9 -34.81 -77.13 31.20
C THR J 9 -35.17 -78.59 30.95
N ALA J 10 -36.45 -78.87 30.75
CA ALA J 10 -36.94 -80.23 30.53
C ALA J 10 -36.67 -80.65 29.09
N ILE J 11 -36.12 -81.85 28.91
CA ILE J 11 -35.91 -82.40 27.59
C ILE J 11 -37.20 -83.06 27.14
N PRO J 12 -37.81 -82.56 26.06
CA PRO J 12 -39.08 -83.15 25.62
C PRO J 12 -39.02 -84.64 25.31
N ILE J 13 -40.15 -85.32 25.47
CA ILE J 13 -40.25 -86.75 25.28
C ILE J 13 -40.98 -87.06 23.98
N GLY J 14 -40.58 -88.14 23.31
CA GLY J 14 -41.18 -88.54 22.05
C GLY J 14 -40.29 -89.50 21.28
N GLY J 15 -40.66 -89.78 20.04
CA GLY J 15 -39.85 -90.63 19.15
C GLY J 15 -39.24 -89.86 17.99
N GLY J 16 -39.06 -88.55 18.19
CA GLY J 16 -38.50 -87.68 17.16
C GLY J 16 -37.14 -87.15 17.59
N SER J 17 -36.98 -85.82 17.55
CA SER J 17 -35.71 -85.17 17.82
C SER J 17 -35.88 -83.98 18.77
N ALA J 18 -34.94 -83.82 19.69
CA ALA J 18 -34.96 -82.69 20.61
C ALA J 18 -33.61 -82.00 20.60
N ASN J 19 -33.62 -80.67 20.46
CA ASN J 19 -32.42 -79.88 20.61
C ASN J 19 -32.17 -79.64 22.10
N VAL J 20 -30.96 -79.94 22.56
CA VAL J 20 -30.65 -79.94 23.99
C VAL J 20 -29.43 -79.08 24.23
N TYR J 21 -29.63 -77.91 24.84
CA TYR J 21 -28.54 -76.94 25.01
C TYR J 21 -27.74 -77.18 26.30
N VAL J 22 -26.43 -77.37 26.14
CA VAL J 22 -25.56 -77.68 27.27
C VAL J 22 -24.33 -76.78 27.31
N ASN J 23 -23.68 -76.75 28.46
CA ASN J 23 -22.42 -76.07 28.64
C ASN J 23 -21.28 -77.06 28.56
N LEU J 24 -20.20 -76.70 27.86
CA LEU J 24 -19.07 -77.60 27.68
C LEU J 24 -17.76 -76.92 28.07
N ALA J 25 -16.87 -77.72 28.67
CA ALA J 25 -15.59 -77.26 29.18
C ALA J 25 -14.49 -78.21 28.70
N PRO J 26 -14.13 -78.13 27.41
CA PRO J 26 -13.15 -79.03 26.82
C PRO J 26 -11.80 -78.90 27.46
N ALA J 27 -11.04 -79.99 27.48
CA ALA J 27 -9.73 -79.99 28.12
C ALA J 27 -8.85 -81.08 27.54
N VAL J 28 -7.56 -80.80 27.43
CA VAL J 28 -6.60 -81.82 27.06
C VAL J 28 -6.53 -82.81 28.21
N ASN J 29 -6.71 -84.09 27.89
CA ASN J 29 -6.38 -85.17 28.82
C ASN J 29 -5.29 -86.02 28.18
N VAL J 30 -4.68 -86.88 28.99
CA VAL J 30 -3.70 -87.83 28.49
C VAL J 30 -4.38 -88.77 27.50
N GLY J 31 -3.92 -88.73 26.25
CA GLY J 31 -4.35 -89.68 25.22
C GLY J 31 -5.64 -89.37 24.47
N GLN J 32 -6.51 -88.55 25.07
CA GLN J 32 -7.90 -88.46 24.60
C GLN J 32 -8.51 -87.18 25.17
N ASN J 33 -8.73 -86.18 24.33
CA ASN J 33 -9.22 -84.88 24.81
C ASN J 33 -10.72 -84.88 25.01
N LEU J 34 -11.17 -84.26 26.11
CA LEU J 34 -12.60 -84.18 26.43
C LEU J 34 -13.26 -83.07 25.65
N VAL J 35 -14.38 -83.38 25.00
CA VAL J 35 -15.18 -82.40 24.28
C VAL J 35 -16.28 -81.86 25.19
N VAL J 36 -17.14 -82.75 25.68
CA VAL J 36 -18.22 -82.41 26.61
C VAL J 36 -18.36 -83.49 27.66
N ASP J 37 -18.47 -83.08 28.93
CA ASP J 37 -18.89 -84.00 29.98
C ASP J 37 -20.38 -83.81 30.19
N LEU J 38 -21.18 -84.60 29.50
CA LEU J 38 -22.64 -84.50 29.55
C LEU J 38 -23.20 -85.01 30.89
N SER J 39 -22.39 -85.73 31.67
CA SER J 39 -22.82 -86.18 33.00
C SER J 39 -23.07 -85.00 33.94
N THR J 40 -22.45 -83.85 33.68
CA THR J 40 -22.66 -82.65 34.47
C THR J 40 -23.77 -81.79 33.87
N GLN J 41 -24.29 -82.18 32.71
CA GLN J 41 -25.21 -81.33 31.95
C GLN J 41 -26.62 -81.88 31.80
N ILE J 42 -26.77 -83.20 31.83
CA ILE J 42 -28.07 -83.83 31.67
C ILE J 42 -28.34 -84.78 32.83
N PHE J 43 -29.50 -84.61 33.46
CA PHE J 43 -29.90 -85.42 34.61
C PHE J 43 -31.27 -86.03 34.35
N CYS J 44 -31.43 -87.29 34.74
CA CYS J 44 -32.70 -88.00 34.54
C CYS J 44 -33.17 -88.74 35.79
N HIS J 45 -34.46 -89.06 35.81
CA HIS J 45 -35.08 -89.82 36.89
C HIS J 45 -36.22 -90.68 36.36
N ASN J 46 -36.67 -91.61 37.20
CA ASN J 46 -37.89 -92.36 36.98
C ASN J 46 -38.91 -91.91 38.03
N ASP J 47 -40.01 -91.30 37.60
CA ASP J 47 -41.04 -90.84 38.55
C ASP J 47 -41.86 -91.99 39.13
N TYR J 48 -41.68 -93.20 38.62
CA TYR J 48 -42.50 -94.32 39.05
C TYR J 48 -41.65 -95.58 39.27
N PRO J 49 -40.61 -95.45 40.10
CA PRO J 49 -39.62 -96.52 40.26
C PRO J 49 -40.20 -97.79 40.87
N GLU J 50 -41.10 -97.64 41.82
CA GLU J 50 -41.77 -98.78 42.47
C GLU J 50 -42.65 -99.58 41.50
N THR J 51 -43.24 -98.91 40.51
CA THR J 51 -44.15 -99.56 39.57
C THR J 51 -43.48 -100.03 38.28
N ILE J 52 -42.41 -99.35 37.87
CA ILE J 52 -41.74 -99.67 36.59
C ILE J 52 -40.29 -99.18 36.52
N THR J 53 -39.43 -99.97 35.88
CA THR J 53 -38.03 -99.61 35.66
C THR J 53 -37.78 -99.24 34.20
N ASP J 54 -37.06 -98.14 33.97
CA ASP J 54 -36.73 -97.69 32.62
C ASP J 54 -35.26 -97.95 32.30
N TYR J 55 -34.98 -98.33 31.06
CA TYR J 55 -33.60 -98.55 30.59
C TYR J 55 -33.32 -97.64 29.41
N VAL J 56 -32.08 -97.19 29.30
CA VAL J 56 -31.69 -96.32 28.20
C VAL J 56 -30.30 -96.70 27.67
N THR J 57 -30.23 -96.75 26.35
CA THR J 57 -29.05 -97.20 25.63
C THR J 57 -28.66 -96.10 24.64
N LEU J 58 -27.40 -96.08 24.22
CA LEU J 58 -26.96 -95.18 23.15
C LEU J 58 -26.76 -96.00 21.88
N GLN J 59 -27.44 -95.61 20.80
CA GLN J 59 -27.40 -96.39 19.56
C GLN J 59 -26.20 -96.13 18.68
N ARG J 60 -25.92 -97.11 17.82
CA ARG J 60 -24.94 -96.98 16.76
C ARG J 60 -25.33 -95.80 15.88
N GLY J 61 -24.34 -95.14 15.29
CA GLY J 61 -24.60 -94.05 14.36
C GLY J 61 -24.63 -92.68 15.02
N SER J 62 -24.43 -92.63 16.33
CA SER J 62 -24.33 -91.37 17.05
C SER J 62 -22.96 -90.76 16.75
N ALA J 63 -22.94 -89.49 16.37
CA ALA J 63 -21.72 -88.85 15.90
C ALA J 63 -21.67 -87.39 16.25
N TYR J 64 -20.50 -86.78 16.06
CA TYR J 64 -20.35 -85.33 16.17
C TYR J 64 -21.03 -84.61 15.04
N GLY J 65 -21.43 -83.37 15.30
CA GLY J 65 -22.08 -82.52 14.31
C GLY J 65 -21.31 -81.22 14.17
N GLY J 66 -21.77 -80.36 13.28
CA GLY J 66 -21.15 -79.06 13.06
C GLY J 66 -19.68 -79.14 12.71
N VAL J 67 -18.88 -78.31 13.34
CA VAL J 67 -17.47 -78.18 13.00
C VAL J 67 -16.66 -79.40 13.46
N LEU J 68 -17.21 -80.19 14.37
CA LEU J 68 -16.54 -81.40 14.84
C LEU J 68 -16.94 -82.66 14.05
N SER J 69 -17.80 -82.53 13.05
CA SER J 69 -18.40 -83.71 12.42
C SER J 69 -17.42 -84.64 11.72
N SER J 70 -16.30 -84.12 11.26
CA SER J 70 -15.31 -84.97 10.57
C SER J 70 -14.44 -85.74 11.56
N PHE J 71 -14.36 -85.27 12.80
CA PHE J 71 -13.48 -85.84 13.80
C PHE J 71 -14.03 -87.12 14.38
N SER J 72 -13.13 -88.01 14.79
CA SER J 72 -13.49 -89.22 15.47
C SER J 72 -12.88 -89.21 16.87
N GLY J 73 -13.33 -90.13 17.71
CA GLY J 73 -12.87 -90.19 19.08
C GLY J 73 -13.52 -91.27 19.91
N THR J 74 -14.02 -90.88 21.08
CA THR J 74 -14.49 -91.83 22.07
C THR J 74 -15.66 -91.30 22.87
N VAL J 75 -16.61 -92.17 23.15
CA VAL J 75 -17.69 -91.90 24.08
C VAL J 75 -17.46 -92.75 25.31
N LYS J 76 -17.52 -92.13 26.48
CA LYS J 76 -17.48 -92.86 27.74
C LYS J 76 -18.91 -92.98 28.24
N TYR J 77 -19.47 -94.18 28.15
CA TYR J 77 -20.86 -94.41 28.51
C TYR J 77 -20.93 -95.29 29.75
N ASN J 78 -21.37 -94.70 30.85
CA ASN J 78 -21.62 -95.44 32.08
C ASN J 78 -20.39 -96.23 32.56
N GLY J 79 -19.24 -95.54 32.58
CA GLY J 79 -18.01 -96.11 33.12
C GLY J 79 -17.20 -96.97 32.17
N SER J 80 -17.59 -97.02 30.89
CA SER J 80 -16.83 -97.76 29.88
C SER J 80 -16.70 -96.95 28.60
N SER J 81 -15.62 -97.21 27.85
CA SER J 81 -15.29 -96.41 26.68
C SER J 81 -15.57 -97.16 25.40
N TYR J 82 -16.20 -96.48 24.44
CA TYR J 82 -16.45 -97.05 23.12
C TYR J 82 -16.08 -96.04 22.03
N PRO J 83 -15.79 -96.53 20.82
CA PRO J 83 -15.56 -95.68 19.66
C PRO J 83 -16.68 -94.66 19.45
N PHE J 84 -16.31 -93.45 19.07
CA PHE J 84 -17.26 -92.42 18.66
C PHE J 84 -16.78 -91.81 17.34
N PRO J 85 -17.64 -91.78 16.31
CA PRO J 85 -19.03 -92.22 16.26
C PRO J 85 -19.21 -93.68 16.62
N THR J 86 -20.41 -94.00 17.13
CA THR J 86 -20.69 -95.31 17.72
C THR J 86 -20.98 -96.34 16.64
N THR J 87 -20.35 -97.51 16.76
CA THR J 87 -20.51 -98.60 15.79
C THR J 87 -21.31 -99.78 16.35
N SER J 88 -21.79 -99.66 17.58
CA SER J 88 -22.65 -100.66 18.18
C SER J 88 -23.55 -100.01 19.22
N GLU J 89 -24.63 -100.70 19.57
CA GLU J 89 -25.47 -100.25 20.66
C GLU J 89 -24.71 -100.48 21.95
N THR J 90 -24.85 -99.53 22.85
CA THR J 90 -24.13 -99.55 24.11
C THR J 90 -24.92 -100.40 25.10
N PRO J 91 -24.31 -100.75 26.25
CA PRO J 91 -25.13 -101.38 27.29
C PRO J 91 -26.07 -100.36 27.93
N ARG J 92 -27.08 -100.84 28.64
CA ARG J 92 -28.14 -99.95 29.12
C ARG J 92 -27.79 -99.26 30.43
N VAL J 93 -28.45 -98.15 30.69
CA VAL J 93 -28.41 -97.49 31.99
C VAL J 93 -29.79 -97.63 32.63
N VAL J 94 -29.84 -98.19 33.83
CA VAL J 94 -31.10 -98.38 34.55
C VAL J 94 -31.48 -97.11 35.28
N TYR J 95 -32.75 -96.71 35.17
CA TYR J 95 -33.28 -95.57 35.92
C TYR J 95 -34.44 -96.04 36.81
N ASN J 96 -34.11 -96.26 38.09
CA ASN J 96 -35.06 -96.80 39.05
C ASN J 96 -35.10 -95.98 40.34
N SER J 97 -35.37 -94.69 40.19
CA SER J 97 -35.45 -93.80 41.34
C SER J 97 -36.04 -92.45 40.97
N ARG J 98 -36.80 -91.86 41.90
CA ARG J 98 -37.30 -90.49 41.73
C ARG J 98 -36.14 -89.49 41.80
N THR J 99 -35.10 -89.83 42.56
CA THR J 99 -33.95 -88.96 42.74
C THR J 99 -33.15 -88.87 41.44
N ASP J 100 -32.92 -87.64 40.99
CA ASP J 100 -32.17 -87.40 39.76
C ASP J 100 -30.81 -88.08 39.77
N LYS J 101 -30.32 -88.36 38.57
CA LYS J 101 -29.10 -89.11 38.36
C LYS J 101 -28.55 -88.64 37.02
N PRO J 102 -27.22 -88.48 36.91
CA PRO J 102 -26.67 -88.03 35.62
C PRO J 102 -26.88 -89.05 34.51
N TRP J 103 -27.03 -88.56 33.28
CA TRP J 103 -26.91 -89.42 32.11
C TRP J 103 -25.41 -89.61 31.87
N PRO J 104 -24.87 -90.78 32.23
CA PRO J 104 -23.43 -90.91 32.35
C PRO J 104 -22.72 -91.02 31.00
N VAL J 105 -22.53 -89.87 30.35
CA VAL J 105 -21.97 -89.80 29.01
C VAL J 105 -20.91 -88.71 28.93
N ALA J 106 -19.76 -89.04 28.35
CA ALA J 106 -18.73 -88.04 28.07
C ALA J 106 -18.22 -88.25 26.65
N LEU J 107 -18.12 -87.17 25.88
CA LEU J 107 -17.65 -87.24 24.48
C LEU J 107 -16.21 -86.78 24.37
N TYR J 108 -15.38 -87.60 23.73
CA TYR J 108 -13.97 -87.29 23.57
C TYR J 108 -13.54 -87.27 22.11
N LEU J 109 -12.37 -86.67 21.89
CA LEU J 109 -11.79 -86.46 20.58
C LEU J 109 -10.41 -87.11 20.54
N THR J 110 -10.13 -87.93 19.52
CA THR J 110 -8.79 -88.47 19.33
C THR J 110 -7.89 -87.34 18.87
N PRO J 111 -6.83 -87.03 19.64
CA PRO J 111 -5.98 -85.91 19.25
C PRO J 111 -5.26 -86.16 17.93
N VAL J 112 -5.34 -85.18 17.02
CA VAL J 112 -4.71 -85.29 15.71
C VAL J 112 -3.67 -84.19 15.44
N SER J 113 -3.28 -83.44 16.47
CA SER J 113 -2.35 -82.31 16.31
C SER J 113 -1.43 -82.15 17.53
N SER J 114 -0.73 -81.02 17.61
CA SER J 114 0.16 -80.72 18.73
C SER J 114 -0.52 -79.86 19.76
N ALA J 115 -1.01 -78.71 19.30
CA ALA J 115 -1.73 -77.77 20.15
C ALA J 115 -2.84 -77.11 19.34
N GLY J 116 -3.50 -77.90 18.50
CA GLY J 116 -4.56 -77.40 17.64
C GLY J 116 -5.80 -77.09 18.43
N GLY J 117 -6.76 -76.45 17.77
CA GLY J 117 -8.03 -76.08 18.38
C GLY J 117 -9.10 -75.81 17.34
N VAL J 118 -10.31 -76.27 17.62
CA VAL J 118 -11.47 -75.95 16.80
C VAL J 118 -12.42 -75.09 17.62
N ALA J 119 -12.79 -73.93 17.07
CA ALA J 119 -13.68 -73.00 17.76
C ALA J 119 -15.12 -73.49 17.66
N ILE J 120 -15.80 -73.55 18.80
CA ILE J 120 -17.23 -73.84 18.84
C ILE J 120 -17.95 -72.59 19.35
N LYS J 121 -18.71 -71.92 18.48
CA LYS J 121 -19.51 -70.78 18.93
C LYS J 121 -20.82 -71.26 19.55
N ALA J 122 -21.33 -70.50 20.50
CA ALA J 122 -22.62 -70.80 21.12
C ALA J 122 -23.72 -70.82 20.07
N GLY J 123 -24.67 -71.73 20.23
CA GLY J 123 -25.78 -71.90 19.28
C GLY J 123 -25.50 -72.94 18.23
N SER J 124 -24.35 -73.61 18.34
CA SER J 124 -23.89 -74.57 17.33
C SER J 124 -24.13 -76.02 17.72
N LEU J 125 -24.42 -76.84 16.73
CA LEU J 125 -24.56 -78.28 16.89
C LEU J 125 -23.22 -78.94 17.27
N ILE J 126 -23.18 -79.56 18.45
CA ILE J 126 -22.01 -80.31 18.89
C ILE J 126 -22.08 -81.77 18.46
N ALA J 127 -23.23 -82.41 18.68
CA ALA J 127 -23.36 -83.85 18.44
C ALA J 127 -24.79 -84.25 18.16
N VAL J 128 -24.94 -85.41 17.53
CA VAL J 128 -26.23 -86.01 17.26
C VAL J 128 -26.22 -87.38 17.90
N LEU J 129 -27.03 -87.55 18.94
CA LEU J 129 -27.04 -88.76 19.73
C LEU J 129 -28.36 -89.48 19.58
N ILE J 130 -28.29 -90.77 19.28
CA ILE J 130 -29.48 -91.62 19.12
C ILE J 130 -29.63 -92.43 20.38
N LEU J 131 -30.82 -92.38 20.97
CA LEU J 131 -31.09 -93.13 22.20
C LEU J 131 -32.17 -94.17 21.95
N ARG J 132 -32.06 -95.30 22.63
CA ARG J 132 -33.05 -96.37 22.56
C ARG J 132 -33.53 -96.69 23.97
N GLN J 133 -34.85 -96.58 24.16
CA GLN J 133 -35.44 -96.70 25.48
C GLN J 133 -36.29 -97.95 25.58
N THR J 134 -36.09 -98.71 26.65
CA THR J 134 -36.91 -99.88 26.95
C THR J 134 -37.35 -99.87 28.41
N ASN J 135 -38.08 -100.90 28.84
CA ASN J 135 -38.57 -101.02 30.21
C ASN J 135 -38.69 -102.48 30.64
N ASN J 136 -39.03 -102.70 31.91
CA ASN J 136 -39.17 -104.07 32.43
C ASN J 136 -40.61 -104.57 32.47
N TYR J 137 -41.55 -103.75 32.00
CA TYR J 137 -42.96 -104.16 31.97
C TYR J 137 -43.27 -104.94 30.71
N ASN J 138 -43.03 -104.32 29.56
CA ASN J 138 -43.24 -104.98 28.27
C ASN J 138 -41.97 -104.99 27.43
N SER J 139 -42.07 -105.50 26.20
CA SER J 139 -40.92 -105.62 25.31
C SER J 139 -40.88 -104.54 24.24
N ASP J 140 -41.60 -103.43 24.47
CA ASP J 140 -41.52 -102.28 23.60
C ASP J 140 -40.15 -101.63 23.64
N ASP J 141 -39.78 -101.00 22.54
CA ASP J 141 -38.60 -100.16 22.48
C ASP J 141 -38.85 -99.04 21.47
N PHE J 142 -38.29 -97.88 21.73
CA PHE J 142 -38.39 -96.77 20.78
C PHE J 142 -37.13 -95.93 20.83
N GLN J 143 -36.86 -95.25 19.73
CA GLN J 143 -35.66 -94.45 19.61
C GLN J 143 -35.98 -93.00 19.31
N PHE J 144 -35.05 -92.14 19.70
CA PHE J 144 -35.20 -90.72 19.49
C PHE J 144 -33.82 -90.08 19.48
N VAL J 145 -33.73 -88.89 18.89
CA VAL J 145 -32.47 -88.19 18.73
C VAL J 145 -32.37 -87.01 19.70
N TRP J 146 -31.20 -86.85 20.32
CA TRP J 146 -30.87 -85.64 21.05
C TRP J 146 -29.77 -84.90 20.30
N ASN J 147 -30.11 -83.74 19.74
CA ASN J 147 -29.15 -82.87 19.10
C ASN J 147 -28.53 -81.96 20.15
N ILE J 148 -27.26 -82.21 20.49
CA ILE J 148 -26.58 -81.46 21.53
C ILE J 148 -26.04 -80.14 20.99
N TYR J 149 -26.46 -79.02 21.59
CA TYR J 149 -26.01 -77.69 21.19
C TYR J 149 -25.21 -77.03 22.29
N ALA J 150 -24.38 -76.06 21.91
CA ALA J 150 -23.51 -75.38 22.85
C ALA J 150 -24.10 -74.05 23.34
N ASN J 151 -24.10 -73.88 24.65
CA ASN J 151 -24.53 -72.65 25.30
C ASN J 151 -23.47 -71.55 25.21
N ASN J 152 -22.20 -71.95 25.26
CA ASN J 152 -21.09 -71.00 25.39
C ASN J 152 -20.01 -71.18 24.34
N ASP J 153 -19.37 -70.08 23.95
CA ASP J 153 -18.24 -70.11 23.01
C ASP J 153 -17.07 -70.83 23.67
N VAL J 154 -16.44 -71.73 22.92
CA VAL J 154 -15.34 -72.51 23.48
C VAL J 154 -14.41 -73.00 22.37
N VAL J 155 -13.20 -73.40 22.76
CA VAL J 155 -12.23 -73.97 21.84
C VAL J 155 -11.90 -75.40 22.24
N VAL J 156 -12.20 -76.35 21.38
CA VAL J 156 -11.91 -77.76 21.64
C VAL J 156 -10.49 -78.10 21.23
N PRO J 157 -9.63 -78.48 22.20
CA PRO J 157 -8.26 -78.81 21.84
C PRO J 157 -8.15 -80.08 21.01
N THR J 158 -7.23 -80.06 20.04
CA THR J 158 -7.09 -81.13 19.06
C THR J 158 -5.77 -81.90 19.23
N GLY J 159 -5.00 -81.59 20.26
CA GLY J 159 -3.65 -82.16 20.39
C GLY J 159 -3.27 -82.60 21.78
N GLY J 160 -1.98 -82.87 21.96
CA GLY J 160 -1.44 -83.28 23.24
C GLY J 160 -1.02 -82.12 24.11
N CYS J 161 -0.83 -80.95 23.48
CA CYS J 161 -0.35 -79.77 24.20
C CYS J 161 -1.38 -78.63 24.19
N ASP J 162 -1.09 -77.61 24.99
CA ASP J 162 -2.00 -76.52 25.21
C ASP J 162 -1.22 -75.22 25.39
N VAL J 163 -1.74 -74.15 24.78
CA VAL J 163 -1.09 -72.84 24.81
C VAL J 163 -1.58 -72.04 26.02
N SER J 164 -0.95 -70.89 26.28
CA SER J 164 -1.38 -70.00 27.37
C SER J 164 -2.53 -69.11 26.92
N ALA J 165 -2.51 -68.70 25.66
CA ALA J 165 -3.63 -68.01 25.05
C ALA J 165 -3.60 -68.30 23.56
N ARG J 166 -4.74 -68.13 22.90
CA ARG J 166 -4.81 -68.35 21.46
C ARG J 166 -4.70 -67.04 20.69
N ASP J 167 -5.01 -65.92 21.36
CA ASP J 167 -4.78 -64.60 20.81
C ASP J 167 -4.06 -63.74 21.82
N VAL J 168 -2.95 -63.14 21.39
CA VAL J 168 -2.14 -62.29 22.27
C VAL J 168 -1.85 -60.99 21.55
N THR J 169 -2.06 -59.88 22.25
CA THR J 169 -1.72 -58.57 21.70
C THR J 169 -0.58 -57.97 22.52
N VAL J 170 0.32 -57.30 21.82
CA VAL J 170 1.52 -56.75 22.41
C VAL J 170 1.81 -55.40 21.78
N THR J 171 2.12 -54.40 22.61
CA THR J 171 2.41 -53.06 22.14
C THR J 171 3.91 -52.78 22.22
N LEU J 172 4.52 -52.54 21.07
CA LEU J 172 5.90 -52.07 21.04
C LEU J 172 5.96 -50.64 21.56
N PRO J 173 7.08 -50.27 22.22
CA PRO J 173 7.31 -48.87 22.50
C PRO J 173 7.64 -48.14 21.20
N ASP J 174 7.41 -46.84 21.16
CA ASP J 174 7.59 -46.08 19.91
C ASP J 174 8.98 -46.34 19.34
N TYR J 175 9.07 -46.38 18.00
CA TYR J 175 10.31 -46.77 17.31
C TYR J 175 11.50 -45.94 17.78
N PRO J 176 12.63 -46.59 18.06
CA PRO J 176 12.86 -48.02 18.08
C PRO J 176 12.67 -48.60 19.48
N GLY J 177 12.57 -49.92 19.57
CA GLY J 177 12.36 -50.61 20.84
C GLY J 177 11.79 -52.00 20.68
N SER J 178 11.47 -52.65 21.80
CA SER J 178 11.01 -54.03 21.78
C SER J 178 10.12 -54.41 22.97
N VAL J 179 9.40 -55.51 22.81
CA VAL J 179 8.56 -56.08 23.88
C VAL J 179 8.65 -57.59 23.82
N PRO J 180 8.68 -58.25 24.99
CA PRO J 180 8.52 -59.71 24.98
C PRO J 180 7.07 -60.09 24.71
N ILE J 181 6.88 -61.26 24.10
CA ILE J 181 5.55 -61.80 23.87
C ILE J 181 5.31 -62.92 24.88
N PRO J 182 4.29 -62.76 25.75
CA PRO J 182 3.97 -63.80 26.72
C PRO J 182 3.23 -64.97 26.07
N LEU J 183 3.96 -66.05 25.80
CA LEU J 183 3.38 -67.23 25.18
C LEU J 183 4.09 -68.46 25.73
N THR J 184 3.31 -69.42 26.23
CA THR J 184 3.85 -70.68 26.75
C THR J 184 3.03 -71.87 26.29
N VAL J 185 3.68 -73.04 26.28
CA VAL J 185 3.04 -74.30 25.90
C VAL J 185 3.29 -75.33 26.98
N ARG J 186 2.28 -76.14 27.29
CA ARG J 186 2.48 -77.30 28.16
C ARG J 186 1.70 -78.48 27.60
N CYS J 187 2.18 -79.70 27.90
CA CYS J 187 1.58 -80.93 27.40
C CYS J 187 1.30 -81.89 28.55
N ASP J 188 0.17 -82.58 28.47
CA ASP J 188 -0.26 -83.50 29.54
C ASP J 188 0.72 -84.64 29.73
N GLN J 189 1.39 -85.04 28.67
CA GLN J 189 2.57 -85.88 28.81
C GLN J 189 3.70 -85.33 27.95
N THR J 190 4.92 -85.61 28.40
CA THR J 190 6.13 -85.07 27.79
C THR J 190 6.23 -85.43 26.30
N GLN J 191 6.54 -84.43 25.47
CA GLN J 191 6.83 -84.69 24.05
C GLN J 191 7.61 -83.57 23.35
N SER J 192 8.13 -83.89 22.17
CA SER J 192 9.05 -83.03 21.43
C SER J 192 8.30 -82.00 20.61
N VAL J 193 8.15 -80.81 21.18
CA VAL J 193 7.41 -79.73 20.55
C VAL J 193 8.33 -78.79 19.78
N SER J 194 7.79 -78.19 18.73
CA SER J 194 8.45 -77.11 18.03
C SER J 194 7.38 -76.33 17.29
N TYR J 195 7.70 -75.10 16.90
CA TYR J 195 6.71 -74.22 16.27
C TYR J 195 7.26 -73.54 15.02
N THR J 196 6.35 -72.99 14.23
CA THR J 196 6.70 -72.22 13.05
C THR J 196 5.83 -70.96 12.95
N LEU J 197 6.47 -69.83 12.68
CA LEU J 197 5.78 -68.57 12.49
C LEU J 197 5.19 -68.52 11.09
N SER J 198 4.17 -67.68 10.91
CA SER J 198 3.49 -67.58 9.61
C SER J 198 2.88 -66.19 9.40
N GLY J 199 2.60 -65.84 8.15
CA GLY J 199 2.03 -64.54 7.81
C GLY J 199 2.57 -63.97 6.52
N SER J 200 2.60 -62.64 6.43
CA SER J 200 3.06 -61.93 5.24
C SER J 200 4.41 -61.26 5.49
N VAL J 201 5.44 -61.74 4.82
CA VAL J 201 6.79 -61.22 4.97
C VAL J 201 7.14 -60.27 3.82
N ALA J 202 7.94 -59.25 4.13
CA ALA J 202 8.26 -58.20 3.16
C ALA J 202 9.24 -58.68 2.08
N ASP J 203 10.53 -58.66 2.41
CA ASP J 203 11.56 -59.08 1.46
C ASP J 203 11.61 -60.60 1.33
N ALA J 204 12.44 -61.09 0.42
CA ALA J 204 12.70 -62.52 0.27
C ALA J 204 13.66 -63.05 1.37
N GLY J 205 13.66 -62.39 2.53
CA GLY J 205 14.44 -62.82 3.68
C GLY J 205 13.66 -63.73 4.61
N ASN J 206 12.32 -63.65 4.55
CA ASN J 206 11.44 -64.37 5.47
C ASN J 206 11.85 -64.19 6.94
N SER J 207 11.70 -62.96 7.42
CA SER J 207 12.07 -62.60 8.79
C SER J 207 11.29 -61.37 9.28
N ILE J 208 11.12 -60.39 8.42
CA ILE J 208 10.38 -59.17 8.76
C ILE J 208 8.96 -59.23 8.18
N PHE J 209 7.97 -59.13 9.07
CA PHE J 209 6.57 -59.17 8.65
C PHE J 209 6.08 -57.79 8.23
N THR J 210 5.30 -57.75 7.15
CA THR J 210 4.86 -56.49 6.57
C THR J 210 3.90 -55.73 7.48
N ASN J 211 4.01 -54.41 7.46
CA ASN J 211 3.14 -53.55 8.23
C ASN J 211 1.77 -53.44 7.57
N THR J 212 0.76 -54.05 8.19
CA THR J 212 -0.60 -54.07 7.66
C THR J 212 -1.51 -53.03 8.32
N ALA J 213 -0.93 -52.07 9.03
CA ALA J 213 -1.72 -51.00 9.65
C ALA J 213 -2.53 -50.28 8.56
N SER J 214 -3.84 -50.23 8.76
CA SER J 214 -4.75 -49.68 7.76
C SER J 214 -4.88 -48.17 7.87
N PHE J 215 -4.90 -47.65 9.10
CA PHE J 215 -5.00 -46.21 9.34
C PHE J 215 -3.64 -45.55 9.53
N SER J 216 -3.38 -44.51 8.75
CA SER J 216 -2.17 -43.69 8.85
C SER J 216 -0.91 -44.51 9.11
N PRO J 217 -0.62 -45.47 8.22
CA PRO J 217 0.50 -46.37 8.45
C PRO J 217 1.85 -45.71 8.27
N ALA J 218 2.83 -46.21 9.01
CA ALA J 218 4.22 -45.83 8.79
C ALA J 218 4.71 -46.46 7.49
N GLN J 219 5.92 -46.10 7.08
CA GLN J 219 6.43 -46.49 5.78
C GLN J 219 7.85 -47.02 5.97
N GLY J 220 8.19 -48.10 5.27
CA GLY J 220 9.54 -48.67 5.31
C GLY J 220 9.95 -49.32 6.62
N VAL J 221 8.98 -49.94 7.31
CA VAL J 221 9.26 -50.65 8.56
C VAL J 221 8.30 -51.83 8.72
N GLY J 222 8.79 -52.87 9.41
CA GLY J 222 8.01 -54.07 9.70
C GLY J 222 8.32 -54.62 11.08
N VAL J 223 7.70 -55.75 11.42
CA VAL J 223 7.92 -56.38 12.72
C VAL J 223 8.79 -57.63 12.53
N GLN J 224 9.73 -57.82 13.46
CA GLN J 224 10.64 -58.97 13.43
C GLN J 224 10.73 -59.57 14.83
N LEU J 225 10.43 -60.87 14.93
CA LEU J 225 10.48 -61.57 16.22
C LEU J 225 11.85 -62.17 16.46
N THR J 226 12.26 -62.18 17.73
CA THR J 226 13.55 -62.75 18.12
C THR J 226 13.44 -63.56 19.41
N ARG J 227 14.37 -64.49 19.61
CA ARG J 227 14.53 -65.16 20.90
C ARG J 227 15.94 -64.90 21.46
N ASN J 228 16.01 -64.07 22.50
CA ASN J 228 17.27 -63.70 23.13
C ASN J 228 18.38 -63.47 22.11
N GLY J 229 18.18 -62.45 21.26
CA GLY J 229 19.19 -62.03 20.29
C GLY J 229 18.98 -62.57 18.89
N THR J 230 18.66 -63.85 18.79
CA THR J 230 18.60 -64.51 17.48
C THR J 230 17.27 -64.24 16.77
N ILE J 231 17.34 -63.93 15.49
CA ILE J 231 16.15 -63.73 14.68
C ILE J 231 15.45 -65.06 14.43
N ILE J 232 14.12 -65.04 14.52
CA ILE J 232 13.31 -66.22 14.25
C ILE J 232 12.58 -66.01 12.93
N PRO J 233 12.98 -66.74 11.88
CA PRO J 233 12.40 -66.53 10.56
C PRO J 233 11.04 -67.17 10.40
N ALA J 234 10.32 -66.80 9.34
CA ALA J 234 9.01 -67.34 9.04
C ALA J 234 9.13 -68.70 8.36
N ASN J 235 8.03 -69.47 8.39
CA ASN J 235 7.94 -70.76 7.70
C ASN J 235 9.13 -71.68 7.93
N ASN J 236 9.60 -71.72 9.18
CA ASN J 236 10.77 -72.53 9.53
C ASN J 236 10.69 -72.99 10.99
N THR J 237 10.85 -74.29 11.20
CA THR J 237 10.65 -74.89 12.52
C THR J 237 11.67 -74.39 13.53
N VAL J 238 11.20 -74.19 14.77
CA VAL J 238 12.03 -73.77 15.89
C VAL J 238 11.78 -74.71 17.05
N SER J 239 12.76 -75.56 17.38
CA SER J 239 12.60 -76.58 18.41
C SER J 239 12.56 -76.01 19.83
N LEU J 240 11.63 -76.51 20.63
CA LEU J 240 11.58 -76.23 22.07
C LEU J 240 12.00 -77.47 22.87
N GLY J 241 12.33 -78.55 22.19
CA GLY J 241 12.72 -79.80 22.85
C GLY J 241 11.58 -80.43 23.62
N ALA J 242 11.92 -81.12 24.70
CA ALA J 242 10.94 -81.84 25.50
C ALA J 242 10.08 -80.87 26.30
N VAL J 243 8.77 -80.93 26.13
CA VAL J 243 7.84 -80.07 26.85
C VAL J 243 6.80 -80.92 27.57
N GLY J 244 6.77 -80.83 28.91
CA GLY J 244 5.87 -81.64 29.73
C GLY J 244 4.79 -80.80 30.36
N THR J 245 4.33 -81.22 31.54
CA THR J 245 3.22 -80.54 32.23
C THR J 245 3.59 -79.16 32.73
N SER J 246 4.88 -78.93 32.97
CA SER J 246 5.38 -77.59 33.30
C SER J 246 5.47 -76.74 32.05
N ALA J 247 4.81 -75.59 32.07
CA ALA J 247 4.74 -74.70 30.91
C ALA J 247 6.12 -74.19 30.53
N VAL J 248 6.40 -74.13 29.24
CA VAL J 248 7.67 -73.63 28.72
C VAL J 248 7.40 -72.46 27.77
N SER J 249 8.11 -71.36 27.97
CA SER J 249 7.91 -70.15 27.18
C SER J 249 8.65 -70.25 25.86
N LEU J 250 8.05 -69.72 24.79
CA LEU J 250 8.71 -69.69 23.48
C LEU J 250 9.89 -68.71 23.48
N GLY J 251 9.86 -67.76 24.42
CA GLY J 251 10.91 -66.74 24.54
C GLY J 251 10.86 -65.69 23.43
N LEU J 252 9.69 -65.51 22.84
CA LEU J 252 9.55 -64.58 21.73
C LEU J 252 9.63 -63.14 22.20
N THR J 253 10.24 -62.29 21.35
CA THR J 253 10.34 -60.85 21.59
C THR J 253 10.11 -60.11 20.27
N ALA J 254 9.22 -59.12 20.30
CA ALA J 254 8.87 -58.35 19.10
C ALA J 254 9.77 -57.14 18.92
N ASN J 255 10.18 -56.90 17.68
CA ASN J 255 11.06 -55.78 17.33
C ASN J 255 10.57 -55.08 16.08
N TYR J 256 10.96 -53.81 15.93
CA TYR J 256 10.84 -53.14 14.65
C TYR J 256 12.02 -53.57 13.80
N ALA J 257 11.81 -53.65 12.49
CA ALA J 257 12.86 -53.98 11.56
C ALA J 257 12.60 -53.26 10.25
N ARG J 258 13.66 -52.76 9.64
CA ARG J 258 13.53 -51.90 8.49
C ARG J 258 13.36 -52.72 7.21
N THR J 259 12.37 -52.35 6.39
CA THR J 259 11.98 -53.16 5.22
C THR J 259 12.28 -52.42 3.92
N GLY J 260 11.60 -51.31 3.71
CA GLY J 260 11.86 -50.42 2.57
C GLY J 260 12.93 -49.40 2.93
N GLY J 261 13.14 -48.44 2.03
CA GLY J 261 14.18 -47.42 2.20
C GLY J 261 13.86 -46.40 3.28
N GLN J 262 13.28 -45.27 2.88
CA GLN J 262 12.99 -44.16 3.81
C GLN J 262 11.93 -44.54 4.84
N VAL J 263 12.15 -44.18 6.10
CA VAL J 263 11.18 -44.46 7.17
C VAL J 263 10.32 -43.23 7.46
N THR J 264 9.00 -43.43 7.40
CA THR J 264 8.02 -42.36 7.63
C THR J 264 7.29 -42.56 8.96
N ALA J 265 6.91 -41.45 9.60
CA ALA J 265 6.13 -41.52 10.83
C ALA J 265 4.78 -42.13 10.54
N GLY J 266 4.28 -42.96 11.46
CA GLY J 266 2.99 -43.62 11.28
C GLY J 266 2.80 -44.84 12.15
N ASN J 267 1.72 -45.58 11.89
CA ASN J 267 1.35 -46.75 12.68
C ASN J 267 1.97 -48.04 12.14
N VAL J 268 2.23 -48.98 13.04
CA VAL J 268 2.78 -50.26 12.67
C VAL J 268 1.94 -51.37 13.28
N GLN J 269 1.49 -52.31 12.44
CA GLN J 269 0.81 -53.49 12.91
C GLN J 269 1.21 -54.70 12.08
N SER J 270 1.47 -55.80 12.76
CA SER J 270 1.71 -57.08 12.11
C SER J 270 0.99 -58.18 12.87
N ILE J 271 0.32 -59.06 12.12
CA ILE J 271 -0.38 -60.19 12.69
C ILE J 271 0.41 -61.45 12.32
N ILE J 272 0.85 -62.19 13.34
CA ILE J 272 1.74 -63.33 13.15
C ILE J 272 1.14 -64.57 13.76
N GLY J 273 1.04 -65.65 12.98
CA GLY J 273 0.53 -66.92 13.46
C GLY J 273 1.64 -67.79 14.02
N VAL J 274 1.31 -68.58 15.03
CA VAL J 274 2.22 -69.57 15.59
C VAL J 274 1.53 -70.93 15.52
N THR J 275 2.16 -71.88 14.82
CA THR J 275 1.60 -73.23 14.69
C THR J 275 2.60 -74.23 15.24
N PHE J 276 2.14 -75.10 16.14
CA PHE J 276 3.00 -76.09 16.76
C PHE J 276 2.93 -77.39 16.00
N VAL J 277 3.96 -78.22 16.20
CA VAL J 277 4.07 -79.51 15.54
C VAL J 277 5.07 -80.35 16.33
N TYR J 278 4.91 -81.67 16.30
CA TYR J 278 5.86 -82.55 16.96
C TYR J 278 7.07 -82.74 16.05
N GLN J 279 8.26 -82.33 16.52
CA GLN J 279 9.51 -82.47 15.77
C GLN J 279 10.72 -82.60 16.70
C1 GOL K . -36.57 -92.07 15.07
O1 GOL K . -36.06 -90.76 15.22
C2 GOL K . -35.44 -93.06 14.79
O2 GOL K . -35.17 -93.16 13.40
C3 GOL K . -34.17 -92.60 15.48
O3 GOL K . -33.35 -93.72 15.65
C1 GOL L . -39.37 -84.16 20.15
O1 GOL L . -40.64 -83.59 19.95
C2 GOL L . -39.51 -85.50 20.86
O2 GOL L . -39.62 -86.52 19.90
C3 GOL L . -38.32 -85.78 21.79
O3 GOL L . -37.28 -86.45 21.11
#